data_2ND0
#
_entry.id   2ND0
#
loop_
_entity.id
_entity.type
_entity.pdbx_description
1 polymer 'Bromodomain-containing protein 4'
2 polymer LANA
#
loop_
_entity_poly.entity_id
_entity_poly.type
_entity_poly.pdbx_seq_one_letter_code
_entity_poly.pdbx_strand_id
1 'polypeptide(L)'
;SEEEDKCKPMSYEEKRQLSLDINKLPGEKLGRVVHIIQSREPSLKNSNPDEIEIDFETLKPSTLRELERYVTSCLRKKRK
PQA
;
A
2 'polypeptide(L)' NLQSSIVKFKKPLPLTQPG B
#
# COMPACT_ATOMS: atom_id res chain seq x y z
N SER A 1 0.74 14.32 17.53
CA SER A 1 -0.32 14.77 18.46
C SER A 1 -1.62 15.09 17.71
N GLU A 2 -1.49 15.47 16.45
CA GLU A 2 -2.67 15.77 15.63
C GLU A 2 -3.02 14.59 14.73
N GLU A 3 -1.98 14.02 14.13
CA GLU A 3 -2.14 12.98 13.12
C GLU A 3 -2.83 11.74 13.69
N GLU A 4 -2.29 11.18 14.76
CA GLU A 4 -2.81 9.94 15.33
C GLU A 4 -4.13 10.20 16.05
N ASP A 5 -4.34 11.44 16.44
CA ASP A 5 -5.56 11.82 17.13
C ASP A 5 -6.73 11.89 16.15
N LYS A 6 -6.39 12.13 14.89
CA LYS A 6 -7.38 12.16 13.82
C LYS A 6 -7.46 10.81 13.12
N CYS A 7 -6.30 10.23 12.87
CA CYS A 7 -6.21 8.94 12.19
C CYS A 7 -5.86 7.84 13.18
N LYS A 8 -6.86 7.08 13.60
CA LYS A 8 -6.65 5.98 14.54
C LYS A 8 -6.02 4.78 13.84
N PRO A 9 -5.18 4.03 14.56
CA PRO A 9 -4.43 2.90 14.01
C PRO A 9 -5.32 1.79 13.47
N MET A 10 -4.86 1.13 12.42
CA MET A 10 -5.59 0.05 11.80
C MET A 10 -5.42 -1.23 12.60
N SER A 11 -6.52 -1.87 12.94
CA SER A 11 -6.49 -3.14 13.65
C SER A 11 -6.00 -4.25 12.73
N TYR A 12 -5.85 -5.47 13.24
CA TYR A 12 -5.35 -6.56 12.42
C TYR A 12 -6.27 -6.79 11.23
N GLU A 13 -7.58 -6.85 11.51
CA GLU A 13 -8.58 -7.04 10.47
C GLU A 13 -8.44 -6.00 9.37
N GLU A 14 -8.24 -4.75 9.78
CA GLU A 14 -8.04 -3.66 8.85
C GLU A 14 -6.79 -3.87 8.00
N LYS A 15 -5.71 -4.24 8.65
CA LYS A 15 -4.45 -4.49 7.97
C LYS A 15 -4.56 -5.64 6.97
N ARG A 16 -5.37 -6.64 7.31
CA ARG A 16 -5.66 -7.73 6.39
C ARG A 16 -6.48 -7.23 5.21
N GLN A 17 -7.43 -6.37 5.52
CA GLN A 17 -8.28 -5.76 4.50
C GLN A 17 -7.42 -4.99 3.51
N LEU A 18 -6.54 -4.16 4.05
CA LEU A 18 -5.63 -3.35 3.25
C LEU A 18 -4.67 -4.22 2.44
N SER A 19 -4.28 -5.34 3.00
CA SER A 19 -3.49 -6.30 2.27
C SER A 19 -4.28 -6.87 1.10
N LEU A 20 -5.58 -7.01 1.29
CA LEU A 20 -6.45 -7.57 0.27
C LEU A 20 -6.79 -6.54 -0.80
N ASP A 21 -7.06 -5.29 -0.40
CA ASP A 21 -7.36 -4.24 -1.36
C ASP A 21 -6.14 -3.92 -2.23
N ILE A 22 -4.95 -3.84 -1.62
CA ILE A 22 -3.74 -3.62 -2.38
C ILE A 22 -3.53 -4.72 -3.40
N ASN A 23 -3.87 -5.94 -3.02
CA ASN A 23 -3.71 -7.09 -3.89
C ASN A 23 -4.72 -7.07 -5.05
N LYS A 24 -5.83 -6.38 -4.85
CA LYS A 24 -6.84 -6.26 -5.89
C LYS A 24 -6.47 -5.13 -6.86
N LEU A 25 -5.53 -4.30 -6.43
CA LEU A 25 -5.09 -3.16 -7.24
C LEU A 25 -4.12 -3.60 -8.33
N PRO A 26 -4.29 -3.05 -9.54
CA PRO A 26 -3.44 -3.36 -10.68
C PRO A 26 -2.12 -2.59 -10.68
N GLY A 27 -1.23 -2.92 -11.60
CA GLY A 27 0.10 -2.32 -11.64
C GLY A 27 0.09 -0.81 -11.59
N GLU A 28 -0.80 -0.20 -12.39
CA GLU A 28 -0.92 1.26 -12.46
C GLU A 28 -1.02 1.87 -11.08
N LYS A 29 -2.03 1.44 -10.34
CA LYS A 29 -2.34 2.01 -9.05
C LYS A 29 -1.33 1.58 -8.00
N LEU A 30 -0.70 0.42 -8.22
CA LEU A 30 0.34 -0.06 -7.32
C LEU A 30 1.50 0.92 -7.29
N GLY A 31 1.67 1.66 -8.37
CA GLY A 31 2.68 2.70 -8.45
C GLY A 31 2.42 3.81 -7.44
N ARG A 32 1.16 4.14 -7.24
CA ARG A 32 0.81 5.15 -6.26
C ARG A 32 0.91 4.58 -4.85
N VAL A 33 0.52 3.32 -4.69
CA VAL A 33 0.60 2.64 -3.41
C VAL A 33 2.04 2.61 -2.91
N VAL A 34 2.94 2.09 -3.73
CA VAL A 34 4.35 2.01 -3.36
C VAL A 34 4.93 3.41 -3.18
N HIS A 35 4.38 4.38 -3.89
CA HIS A 35 4.80 5.76 -3.76
C HIS A 35 4.43 6.30 -2.38
N ILE A 36 3.22 5.98 -1.93
CA ILE A 36 2.78 6.40 -0.61
C ILE A 36 3.60 5.70 0.46
N ILE A 37 3.78 4.39 0.31
CA ILE A 37 4.58 3.62 1.26
C ILE A 37 6.00 4.15 1.31
N GLN A 38 6.66 4.21 0.15
CA GLN A 38 8.05 4.63 0.07
C GLN A 38 8.25 6.07 0.57
N SER A 39 7.34 6.97 0.21
CA SER A 39 7.49 8.38 0.55
C SER A 39 7.22 8.62 2.03
N ARG A 40 6.34 7.82 2.63
CA ARG A 40 6.11 7.93 4.07
C ARG A 40 7.18 7.16 4.82
N GLU A 41 7.71 6.13 4.20
CA GLU A 41 8.73 5.31 4.82
C GLU A 41 10.05 5.40 4.07
N PRO A 42 10.87 6.43 4.32
CA PRO A 42 12.14 6.63 3.62
C PRO A 42 13.15 5.51 3.86
N SER A 43 12.89 4.71 4.89
CA SER A 43 13.73 3.56 5.19
C SER A 43 13.47 2.44 4.18
N LEU A 44 12.29 2.49 3.57
CA LEU A 44 11.89 1.47 2.60
C LEU A 44 12.19 1.95 1.18
N LYS A 45 13.16 2.84 1.05
CA LYS A 45 13.54 3.39 -0.25
C LYS A 45 14.05 2.30 -1.18
N ASN A 46 14.56 1.22 -0.59
CA ASN A 46 15.12 0.11 -1.35
C ASN A 46 14.05 -0.93 -1.68
N SER A 47 12.84 -0.47 -1.96
CA SER A 47 11.77 -1.36 -2.38
C SER A 47 11.93 -1.67 -3.86
N ASN A 48 12.69 -2.72 -4.14
CA ASN A 48 12.91 -3.17 -5.51
C ASN A 48 11.60 -3.61 -6.13
N PRO A 49 11.24 -3.01 -7.29
CA PRO A 49 9.98 -3.30 -8.00
C PRO A 49 9.75 -4.79 -8.26
N ASP A 50 10.83 -5.58 -8.29
CA ASP A 50 10.72 -7.02 -8.46
C ASP A 50 10.31 -7.71 -7.16
N GLU A 51 10.57 -7.06 -6.02
CA GLU A 51 10.32 -7.65 -4.71
C GLU A 51 9.93 -6.58 -3.70
N ILE A 52 8.72 -6.05 -3.81
CA ILE A 52 8.26 -5.05 -2.87
C ILE A 52 7.54 -5.71 -1.70
N GLU A 53 8.03 -5.46 -0.50
CA GLU A 53 7.42 -6.01 0.70
C GLU A 53 6.56 -4.95 1.36
N ILE A 54 5.41 -5.34 1.88
CA ILE A 54 4.60 -4.45 2.67
C ILE A 54 4.57 -4.93 4.10
N ASP A 55 5.26 -4.21 4.97
CA ASP A 55 5.25 -4.52 6.40
C ASP A 55 4.50 -3.43 7.15
N PHE A 56 3.21 -3.68 7.34
CA PHE A 56 2.30 -2.72 7.95
C PHE A 56 2.70 -2.38 9.38
N GLU A 57 3.56 -3.20 9.97
CA GLU A 57 3.92 -3.03 11.36
C GLU A 57 4.88 -1.86 11.56
N THR A 58 5.58 -1.48 10.49
CA THR A 58 6.44 -0.31 10.55
C THR A 58 5.70 0.90 9.99
N LEU A 59 4.75 0.62 9.10
CA LEU A 59 3.93 1.68 8.51
C LEU A 59 3.18 2.45 9.58
N LYS A 60 3.38 3.75 9.59
CA LYS A 60 2.66 4.63 10.51
C LYS A 60 1.18 4.69 10.13
N PRO A 61 0.26 4.91 11.09
CA PRO A 61 -1.17 5.12 10.78
C PRO A 61 -1.39 6.11 9.64
N SER A 62 -0.45 7.06 9.52
CA SER A 62 -0.49 8.03 8.44
C SER A 62 -0.50 7.32 7.08
N THR A 63 0.49 6.47 6.86
CA THR A 63 0.61 5.71 5.63
C THR A 63 -0.57 4.78 5.45
N LEU A 64 -0.91 4.08 6.52
CA LEU A 64 -2.01 3.12 6.50
C LEU A 64 -3.31 3.82 6.13
N ARG A 65 -3.51 5.04 6.61
CA ARG A 65 -4.71 5.80 6.31
C ARG A 65 -4.71 6.29 4.87
N GLU A 66 -3.59 6.83 4.41
CA GLU A 66 -3.51 7.35 3.05
C GLU A 66 -3.61 6.21 2.05
N LEU A 67 -3.01 5.08 2.37
CA LEU A 67 -3.11 3.89 1.55
C LEU A 67 -4.56 3.45 1.44
N GLU A 68 -5.19 3.21 2.59
CA GLU A 68 -6.60 2.79 2.61
C GLU A 68 -7.48 3.79 1.86
N ARG A 69 -7.21 5.08 2.06
CA ARG A 69 -7.96 6.15 1.39
C ARG A 69 -7.87 6.01 -0.12
N TYR A 70 -6.71 5.59 -0.58
CA TYR A 70 -6.44 5.49 -2.01
C TYR A 70 -6.98 4.19 -2.59
N VAL A 71 -6.72 3.08 -1.92
CA VAL A 71 -7.14 1.77 -2.42
C VAL A 71 -8.67 1.69 -2.51
N THR A 72 -9.34 2.32 -1.56
CA THR A 72 -10.78 2.34 -1.54
C THR A 72 -11.32 3.22 -2.65
N SER A 73 -10.67 4.36 -2.87
CA SER A 73 -11.09 5.27 -3.91
C SER A 73 -10.93 4.63 -5.29
N CYS A 74 -10.08 3.61 -5.38
CA CYS A 74 -9.89 2.91 -6.64
C CYS A 74 -10.84 1.73 -6.76
N LEU A 75 -10.84 0.85 -5.75
CA LEU A 75 -11.58 -0.41 -5.83
C LEU A 75 -13.07 -0.24 -5.56
N ARG A 76 -13.44 0.66 -4.66
CA ARG A 76 -14.85 0.88 -4.36
C ARG A 76 -15.54 1.52 -5.56
N LYS A 77 -14.78 2.31 -6.31
CA LYS A 77 -15.28 2.94 -7.51
C LYS A 77 -15.16 1.98 -8.68
N LYS A 78 -13.99 1.40 -8.85
CA LYS A 78 -13.74 0.45 -9.93
C LYS A 78 -13.15 -0.84 -9.36
N ARG A 79 -14.00 -1.83 -9.16
CA ARG A 79 -13.55 -3.11 -8.62
C ARG A 79 -12.66 -3.84 -9.63
N LYS A 80 -12.78 -3.46 -10.88
CA LYS A 80 -11.94 -3.98 -11.94
C LYS A 80 -11.45 -2.85 -12.83
N PRO A 81 -10.34 -2.20 -12.45
CA PRO A 81 -9.75 -1.11 -13.24
C PRO A 81 -9.16 -1.61 -14.56
N GLN A 82 -9.02 -2.93 -14.65
CA GLN A 82 -8.59 -3.57 -15.88
C GLN A 82 -9.70 -4.47 -16.40
N ALA A 83 -9.65 -4.80 -17.68
CA ALA A 83 -10.71 -5.61 -18.27
C ALA A 83 -10.11 -6.86 -18.92
N ASN B 1 6.73 -11.34 16.18
CA ASN B 1 6.08 -12.38 17.02
C ASN B 1 4.75 -12.82 16.41
N LEU B 2 3.81 -11.89 16.31
CA LEU B 2 2.52 -12.18 15.72
C LEU B 2 2.64 -12.25 14.20
N GLN B 3 2.28 -13.39 13.64
CA GLN B 3 2.32 -13.59 12.20
C GLN B 3 1.33 -12.65 11.52
N SER B 4 1.83 -11.54 10.99
CA SER B 4 0.98 -10.54 10.38
C SER B 4 1.01 -10.68 8.86
N SER B 5 0.04 -10.04 8.20
CA SER B 5 -0.09 -10.11 6.76
C SER B 5 1.00 -9.30 6.05
N ILE B 6 2.21 -9.84 6.04
CA ILE B 6 3.31 -9.24 5.31
C ILE B 6 3.14 -9.54 3.83
N VAL B 7 3.02 -8.51 3.03
CA VAL B 7 2.70 -8.68 1.62
C VAL B 7 3.94 -8.56 0.76
N LYS B 8 3.93 -9.25 -0.36
CA LYS B 8 4.96 -9.13 -1.37
C LYS B 8 4.29 -9.02 -2.73
N PHE B 9 4.64 -8.01 -3.51
CA PHE B 9 4.06 -7.87 -4.83
C PHE B 9 5.09 -7.39 -5.84
N LYS B 10 4.87 -7.78 -7.09
CA LYS B 10 5.72 -7.34 -8.19
C LYS B 10 5.06 -6.16 -8.87
N LYS B 11 5.81 -5.09 -9.10
CA LYS B 11 5.27 -3.93 -9.75
C LYS B 11 5.89 -3.71 -11.11
N PRO B 12 5.07 -3.75 -12.17
CA PRO B 12 5.52 -3.44 -13.53
C PRO B 12 6.11 -2.03 -13.62
N LEU B 13 7.10 -1.87 -14.49
CA LEU B 13 7.77 -0.59 -14.70
C LEU B 13 8.56 -0.14 -13.47
N PRO B 14 9.87 -0.44 -13.44
CA PRO B 14 10.74 -0.06 -12.33
C PRO B 14 11.07 1.43 -12.36
N LEU B 15 10.13 2.24 -11.87
CA LEU B 15 10.31 3.68 -11.81
C LEU B 15 11.33 4.04 -10.72
N THR B 16 11.28 3.30 -9.62
CA THR B 16 12.20 3.51 -8.52
C THR B 16 13.38 2.55 -8.59
N GLN B 17 14.29 2.82 -9.52
CA GLN B 17 15.50 2.01 -9.65
C GLN B 17 16.70 2.82 -9.17
N PRO B 18 17.27 2.47 -8.01
CA PRO B 18 18.38 3.20 -7.42
C PRO B 18 19.66 3.10 -8.25
N GLY B 19 20.50 4.12 -8.15
CA GLY B 19 21.74 4.12 -8.89
C GLY B 19 22.95 4.09 -7.96
N SER A 1 0.94 16.50 14.23
CA SER A 1 0.36 15.97 15.48
C SER A 1 -1.13 15.67 15.31
N GLU A 2 -1.76 16.37 14.37
CA GLU A 2 -3.20 16.22 14.13
C GLU A 2 -3.51 14.93 13.38
N GLU A 3 -2.47 14.21 12.97
CA GLU A 3 -2.65 12.96 12.23
C GLU A 3 -3.39 11.94 13.07
N GLU A 4 -2.96 11.76 14.31
CA GLU A 4 -3.56 10.75 15.18
C GLU A 4 -4.99 11.14 15.56
N ASP A 5 -5.25 12.45 15.55
CA ASP A 5 -6.55 12.98 15.95
C ASP A 5 -7.63 12.57 14.96
N LYS A 6 -7.25 12.43 13.70
CA LYS A 6 -8.19 12.07 12.65
C LYS A 6 -7.98 10.64 12.17
N CYS A 7 -6.73 10.20 12.24
CA CYS A 7 -6.37 8.87 11.75
C CYS A 7 -6.03 7.94 12.92
N LYS A 8 -6.99 7.11 13.30
CA LYS A 8 -6.77 6.11 14.33
C LYS A 8 -6.07 4.89 13.74
N PRO A 9 -5.27 4.20 14.55
CA PRO A 9 -4.47 3.05 14.12
C PRO A 9 -5.34 1.90 13.64
N MET A 10 -4.95 1.31 12.52
CA MET A 10 -5.71 0.23 11.90
C MET A 10 -5.61 -1.05 12.74
N SER A 11 -6.74 -1.71 12.95
CA SER A 11 -6.77 -2.98 13.65
C SER A 11 -6.28 -4.09 12.71
N TYR A 12 -6.16 -5.32 13.20
CA TYR A 12 -5.65 -6.40 12.36
C TYR A 12 -6.55 -6.61 11.16
N GLU A 13 -7.86 -6.68 11.42
CA GLU A 13 -8.86 -6.89 10.38
C GLU A 13 -8.72 -5.85 9.27
N GLU A 14 -8.56 -4.60 9.69
CA GLU A 14 -8.40 -3.49 8.77
C GLU A 14 -7.13 -3.62 7.95
N LYS A 15 -6.03 -3.93 8.63
CA LYS A 15 -4.75 -4.16 7.96
C LYS A 15 -4.86 -5.27 6.93
N ARG A 16 -5.51 -6.37 7.31
CA ARG A 16 -5.73 -7.48 6.39
C ARG A 16 -6.59 -7.03 5.22
N GLN A 17 -7.64 -6.29 5.53
CA GLN A 17 -8.52 -5.74 4.51
C GLN A 17 -7.71 -4.89 3.53
N LEU A 18 -6.89 -4.02 4.09
CA LEU A 18 -6.04 -3.14 3.30
C LEU A 18 -5.10 -3.96 2.42
N SER A 19 -4.46 -4.97 3.02
CA SER A 19 -3.54 -5.83 2.31
C SER A 19 -4.25 -6.55 1.16
N LEU A 20 -5.50 -6.92 1.40
CA LEU A 20 -6.29 -7.65 0.41
C LEU A 20 -6.72 -6.73 -0.72
N ASP A 21 -7.00 -5.47 -0.39
CA ASP A 21 -7.36 -4.47 -1.39
C ASP A 21 -6.17 -4.09 -2.26
N ILE A 22 -5.00 -3.93 -1.64
CA ILE A 22 -3.78 -3.63 -2.38
C ILE A 22 -3.51 -4.70 -3.44
N ASN A 23 -3.79 -5.94 -3.07
CA ASN A 23 -3.51 -7.08 -3.94
C ASN A 23 -4.44 -7.09 -5.15
N LYS A 24 -5.61 -6.47 -5.02
CA LYS A 24 -6.56 -6.40 -6.12
C LYS A 24 -6.22 -5.27 -7.07
N LEU A 25 -5.35 -4.37 -6.61
CA LEU A 25 -4.97 -3.20 -7.37
C LEU A 25 -3.97 -3.54 -8.47
N PRO A 26 -4.21 -3.02 -9.68
CA PRO A 26 -3.34 -3.24 -10.84
C PRO A 26 -2.09 -2.34 -10.84
N GLY A 27 -1.17 -2.61 -11.75
CA GLY A 27 0.12 -1.91 -11.78
C GLY A 27 0.00 -0.40 -11.72
N GLU A 28 -0.90 0.16 -12.53
CA GLU A 28 -1.12 1.60 -12.59
C GLU A 28 -1.26 2.21 -11.19
N LYS A 29 -2.15 1.62 -10.40
CA LYS A 29 -2.46 2.16 -9.09
C LYS A 29 -1.40 1.76 -8.08
N LEU A 30 -0.79 0.60 -8.29
CA LEU A 30 0.28 0.14 -7.40
C LEU A 30 1.46 1.10 -7.44
N GLY A 31 1.61 1.80 -8.56
CA GLY A 31 2.63 2.82 -8.67
C GLY A 31 2.42 3.95 -7.67
N ARG A 32 1.17 4.22 -7.35
CA ARG A 32 0.84 5.25 -6.37
C ARG A 32 0.98 4.68 -4.95
N VAL A 33 0.51 3.45 -4.77
CA VAL A 33 0.59 2.78 -3.46
C VAL A 33 2.03 2.72 -2.98
N VAL A 34 2.91 2.18 -3.80
CA VAL A 34 4.31 2.04 -3.44
C VAL A 34 4.95 3.41 -3.24
N HIS A 35 4.47 4.39 -3.99
CA HIS A 35 4.95 5.75 -3.89
C HIS A 35 4.61 6.32 -2.52
N ILE A 36 3.39 6.04 -2.06
CA ILE A 36 2.95 6.47 -0.75
C ILE A 36 3.78 5.80 0.33
N ILE A 37 3.91 4.48 0.25
CA ILE A 37 4.66 3.72 1.24
C ILE A 37 6.09 4.22 1.35
N GLN A 38 6.82 4.17 0.25
CA GLN A 38 8.25 4.48 0.27
C GLN A 38 8.55 5.93 0.68
N SER A 39 7.69 6.86 0.31
CA SER A 39 7.92 8.25 0.63
C SER A 39 7.57 8.56 2.09
N ARG A 40 6.56 7.88 2.63
CA ARG A 40 6.25 8.03 4.05
C ARG A 40 7.25 7.24 4.90
N GLU A 41 7.75 6.17 4.32
CA GLU A 41 8.69 5.30 5.01
C GLU A 41 10.06 5.30 4.33
N PRO A 42 10.92 6.29 4.65
CA PRO A 42 12.25 6.39 4.04
C PRO A 42 13.17 5.25 4.46
N SER A 43 12.77 4.53 5.50
CA SER A 43 13.54 3.39 5.99
C SER A 43 13.30 2.17 5.11
N LEU A 44 12.30 2.25 4.24
CA LEU A 44 11.96 1.16 3.36
C LEU A 44 12.42 1.46 1.93
N LYS A 45 13.53 2.17 1.81
CA LYS A 45 14.05 2.58 0.50
C LYS A 45 14.84 1.43 -0.13
N ASN A 46 14.95 0.33 0.61
CA ASN A 46 15.64 -0.85 0.12
C ASN A 46 14.63 -1.85 -0.44
N SER A 47 13.43 -1.35 -0.73
CA SER A 47 12.37 -2.18 -1.30
C SER A 47 12.64 -2.43 -2.78
N ASN A 48 13.25 -3.57 -3.09
CA ASN A 48 13.42 -4.00 -4.47
C ASN A 48 12.08 -4.04 -5.18
N PRO A 49 11.95 -3.29 -6.29
CA PRO A 49 10.71 -3.23 -7.07
C PRO A 49 10.26 -4.61 -7.55
N ASP A 50 11.18 -5.56 -7.51
CA ASP A 50 10.90 -6.92 -7.92
C ASP A 50 10.22 -7.71 -6.81
N GLU A 51 10.62 -7.48 -5.55
CA GLU A 51 10.07 -8.25 -4.44
C GLU A 51 9.64 -7.33 -3.31
N ILE A 52 8.67 -6.46 -3.59
CA ILE A 52 8.25 -5.47 -2.61
C ILE A 52 7.43 -6.11 -1.50
N GLU A 53 7.93 -5.99 -0.28
CA GLU A 53 7.26 -6.49 0.91
C GLU A 53 6.63 -5.33 1.67
N ILE A 54 5.36 -5.48 2.03
CA ILE A 54 4.69 -4.46 2.81
C ILE A 54 4.50 -4.91 4.25
N ASP A 55 5.23 -4.30 5.17
CA ASP A 55 5.10 -4.59 6.59
C ASP A 55 4.35 -3.47 7.30
N PHE A 56 3.07 -3.72 7.56
CA PHE A 56 2.17 -2.70 8.10
C PHE A 56 2.47 -2.37 9.55
N GLU A 57 3.38 -3.12 10.17
CA GLU A 57 3.70 -2.91 11.56
C GLU A 57 4.64 -1.72 11.72
N THR A 58 5.46 -1.49 10.72
CA THR A 58 6.36 -0.35 10.74
C THR A 58 5.69 0.86 10.11
N LEU A 59 4.74 0.59 9.22
CA LEU A 59 3.95 1.64 8.59
C LEU A 59 3.21 2.47 9.65
N LYS A 60 3.38 3.78 9.60
CA LYS A 60 2.70 4.68 10.51
C LYS A 60 1.22 4.78 10.13
N PRO A 61 0.31 4.99 11.11
CA PRO A 61 -1.12 5.19 10.83
C PRO A 61 -1.38 6.12 9.65
N SER A 62 -0.56 7.15 9.51
CA SER A 62 -0.65 8.06 8.38
C SER A 62 -0.59 7.28 7.06
N THR A 63 0.49 6.52 6.88
CA THR A 63 0.68 5.73 5.68
C THR A 63 -0.47 4.74 5.51
N LEU A 64 -0.80 4.04 6.59
CA LEU A 64 -1.87 3.05 6.57
C LEU A 64 -3.18 3.69 6.13
N ARG A 65 -3.43 4.90 6.62
CA ARG A 65 -4.65 5.62 6.29
C ARG A 65 -4.65 6.08 4.85
N GLU A 66 -3.53 6.67 4.42
CA GLU A 66 -3.44 7.20 3.07
C GLU A 66 -3.49 6.07 2.05
N LEU A 67 -2.85 4.96 2.39
CA LEU A 67 -2.90 3.76 1.57
C LEU A 67 -4.34 3.25 1.48
N GLU A 68 -4.96 3.00 2.64
CA GLU A 68 -6.34 2.53 2.69
C GLU A 68 -7.25 3.46 1.91
N ARG A 69 -7.09 4.75 2.15
CA ARG A 69 -7.90 5.77 1.51
C ARG A 69 -7.88 5.60 0.00
N TYR A 70 -6.69 5.32 -0.52
CA TYR A 70 -6.47 5.24 -1.94
C TYR A 70 -6.95 3.90 -2.52
N VAL A 71 -6.57 2.81 -1.88
CA VAL A 71 -6.90 1.47 -2.39
C VAL A 71 -8.42 1.27 -2.39
N THR A 72 -9.09 1.83 -1.40
CA THR A 72 -10.53 1.72 -1.31
C THR A 72 -11.21 2.63 -2.31
N SER A 73 -10.64 3.82 -2.52
CA SER A 73 -11.21 4.77 -3.47
C SER A 73 -11.10 4.23 -4.89
N CYS A 74 -10.21 3.26 -5.10
CA CYS A 74 -10.06 2.65 -6.40
C CYS A 74 -10.98 1.44 -6.55
N LEU A 75 -10.93 0.52 -5.57
CA LEU A 75 -11.68 -0.74 -5.68
C LEU A 75 -13.16 -0.58 -5.33
N ARG A 76 -13.46 0.27 -4.36
CA ARG A 76 -14.85 0.48 -3.96
C ARG A 76 -15.56 1.40 -4.93
N LYS A 77 -14.80 1.93 -5.87
CA LYS A 77 -15.36 2.71 -6.96
C LYS A 77 -15.40 1.84 -8.22
N LYS A 78 -14.41 0.96 -8.34
CA LYS A 78 -14.35 0.00 -9.43
C LYS A 78 -13.65 -1.27 -8.93
N ARG A 79 -14.45 -2.33 -8.71
CA ARG A 79 -13.94 -3.58 -8.15
C ARG A 79 -12.77 -4.14 -8.93
N LYS A 80 -12.81 -4.00 -10.25
CA LYS A 80 -11.67 -4.35 -11.07
C LYS A 80 -11.35 -3.17 -11.97
N PRO A 81 -10.38 -2.35 -11.56
CA PRO A 81 -9.98 -1.15 -12.30
C PRO A 81 -9.55 -1.47 -13.74
N GLN A 82 -10.31 -0.96 -14.68
CA GLN A 82 -10.07 -1.21 -16.09
C GLN A 82 -10.28 0.08 -16.90
N ALA A 83 -9.28 0.43 -17.68
CA ALA A 83 -9.36 1.60 -18.54
C ALA A 83 -8.76 1.30 -19.90
N ASN B 1 6.37 -11.71 17.70
CA ASN B 1 5.15 -11.50 18.53
C ASN B 1 3.90 -11.98 17.81
N LEU B 2 3.69 -11.48 16.59
CA LEU B 2 2.53 -11.87 15.81
C LEU B 2 2.92 -12.06 14.34
N GLN B 3 2.13 -12.85 13.62
CA GLN B 3 2.37 -13.09 12.21
C GLN B 3 1.44 -12.22 11.38
N SER B 4 1.89 -11.03 11.04
CA SER B 4 1.07 -10.10 10.30
C SER B 4 0.97 -10.50 8.84
N SER B 5 -0.05 -9.99 8.17
CA SER B 5 -0.29 -10.30 6.78
C SER B 5 0.60 -9.45 5.88
N ILE B 6 1.83 -9.91 5.69
CA ILE B 6 2.80 -9.20 4.86
C ILE B 6 2.47 -9.39 3.39
N VAL B 7 2.49 -8.29 2.65
CA VAL B 7 2.12 -8.32 1.24
C VAL B 7 3.36 -8.23 0.35
N LYS B 8 3.53 -9.21 -0.51
CA LYS B 8 4.55 -9.17 -1.53
C LYS B 8 3.91 -8.95 -2.89
N PHE B 9 4.22 -7.84 -3.52
CA PHE B 9 3.76 -7.60 -4.87
C PHE B 9 4.94 -7.25 -5.75
N LYS B 10 4.92 -7.73 -6.97
CA LYS B 10 5.99 -7.48 -7.90
C LYS B 10 5.63 -6.30 -8.79
N LYS B 11 6.51 -5.31 -8.85
CA LYS B 11 6.25 -4.11 -9.63
C LYS B 11 7.24 -4.01 -10.79
N PRO B 12 6.95 -4.69 -11.92
CA PRO B 12 7.84 -4.77 -13.07
C PRO B 12 7.80 -3.50 -13.94
N LEU B 13 8.93 -2.81 -14.00
CA LEU B 13 9.10 -1.65 -14.85
C LEU B 13 10.17 -1.94 -15.90
N PRO B 14 9.78 -2.06 -17.17
CA PRO B 14 10.72 -2.37 -18.25
C PRO B 14 11.67 -1.21 -18.54
N LEU B 15 12.91 -1.35 -18.08
CA LEU B 15 13.93 -0.34 -18.29
C LEU B 15 14.63 -0.57 -19.62
N THR B 16 14.45 -1.76 -20.17
CA THR B 16 15.00 -2.11 -21.46
C THR B 16 14.22 -1.43 -22.57
N GLN B 17 14.60 -0.20 -22.88
CA GLN B 17 13.92 0.61 -23.88
C GLN B 17 14.94 1.34 -24.73
N PRO B 18 14.91 1.13 -26.05
CA PRO B 18 15.81 1.83 -26.98
C PRO B 18 15.37 3.27 -27.20
N GLY B 19 16.14 3.99 -28.01
CA GLY B 19 15.80 5.37 -28.31
C GLY B 19 16.90 6.05 -29.08
N SER A 1 0.68 15.34 17.24
CA SER A 1 -0.37 15.40 18.26
C SER A 1 -1.76 15.41 17.64
N GLU A 2 -1.89 16.01 16.46
CA GLU A 2 -3.19 16.11 15.80
C GLU A 2 -3.37 15.04 14.73
N GLU A 3 -2.29 14.65 14.07
CA GLU A 3 -2.37 13.70 12.96
C GLU A 3 -2.77 12.32 13.46
N GLU A 4 -2.19 11.91 14.58
CA GLU A 4 -2.50 10.60 15.15
C GLU A 4 -3.89 10.60 15.80
N ASP A 5 -4.44 11.79 16.05
CA ASP A 5 -5.79 11.89 16.57
C ASP A 5 -6.78 11.70 15.43
N LYS A 6 -6.49 12.34 14.31
CA LYS A 6 -7.31 12.22 13.13
C LYS A 6 -7.15 10.84 12.53
N CYS A 7 -5.90 10.43 12.35
CA CYS A 7 -5.59 9.12 11.81
C CYS A 7 -5.25 8.15 12.92
N LYS A 8 -6.23 7.35 13.32
CA LYS A 8 -6.02 6.33 14.34
C LYS A 8 -5.45 5.06 13.72
N PRO A 9 -4.73 4.28 14.52
CA PRO A 9 -4.07 3.05 14.06
C PRO A 9 -5.07 2.02 13.57
N MET A 10 -4.82 1.51 12.36
CA MET A 10 -5.66 0.47 11.77
C MET A 10 -5.64 -0.78 12.64
N SER A 11 -6.82 -1.29 12.95
CA SER A 11 -6.93 -2.53 13.71
C SER A 11 -6.57 -3.72 12.81
N TYR A 12 -6.49 -4.93 13.38
CA TYR A 12 -6.02 -6.06 12.61
C TYR A 12 -6.92 -6.30 11.40
N GLU A 13 -8.23 -6.29 11.61
CA GLU A 13 -9.20 -6.48 10.54
C GLU A 13 -8.95 -5.49 9.41
N GLU A 14 -8.67 -4.25 9.77
CA GLU A 14 -8.40 -3.21 8.80
C GLU A 14 -7.11 -3.47 8.05
N LYS A 15 -6.06 -3.81 8.79
CA LYS A 15 -4.77 -4.13 8.19
C LYS A 15 -4.88 -5.30 7.22
N ARG A 16 -5.65 -6.32 7.60
CA ARG A 16 -5.89 -7.46 6.74
C ARG A 16 -6.61 -7.02 5.47
N GLN A 17 -7.62 -6.18 5.65
CA GLN A 17 -8.39 -5.66 4.54
C GLN A 17 -7.48 -4.96 3.54
N LEU A 18 -6.53 -4.20 4.07
CA LEU A 18 -5.63 -3.40 3.26
C LEU A 18 -4.70 -4.27 2.43
N SER A 19 -4.28 -5.39 2.99
CA SER A 19 -3.47 -6.31 2.21
C SER A 19 -4.30 -6.90 1.07
N LEU A 20 -5.61 -7.00 1.29
CA LEU A 20 -6.52 -7.55 0.30
C LEU A 20 -6.83 -6.55 -0.81
N ASP A 21 -7.05 -5.29 -0.45
CA ASP A 21 -7.33 -4.25 -1.45
C ASP A 21 -6.10 -3.97 -2.31
N ILE A 22 -4.94 -3.84 -1.67
CA ILE A 22 -3.70 -3.62 -2.39
C ILE A 22 -3.46 -4.76 -3.38
N ASN A 23 -3.88 -5.95 -3.00
CA ASN A 23 -3.72 -7.13 -3.84
C ASN A 23 -4.66 -7.08 -5.05
N LYS A 24 -5.81 -6.43 -4.87
CA LYS A 24 -6.77 -6.29 -5.96
C LYS A 24 -6.36 -5.20 -6.93
N LEU A 25 -5.53 -4.30 -6.43
CA LEU A 25 -5.06 -3.16 -7.22
C LEU A 25 -4.05 -3.60 -8.27
N PRO A 26 -4.16 -3.03 -9.48
CA PRO A 26 -3.26 -3.30 -10.60
C PRO A 26 -1.98 -2.46 -10.55
N GLY A 27 -1.03 -2.76 -11.43
CA GLY A 27 0.25 -2.07 -11.43
C GLY A 27 0.13 -0.55 -11.46
N GLU A 28 -0.76 -0.06 -12.32
CA GLU A 28 -1.02 1.38 -12.48
C GLU A 28 -1.18 2.07 -11.13
N LYS A 29 -2.05 1.51 -10.31
CA LYS A 29 -2.37 2.09 -9.04
C LYS A 29 -1.36 1.68 -7.98
N LEU A 30 -0.72 0.54 -8.19
CA LEU A 30 0.31 0.06 -7.29
C LEU A 30 1.50 1.03 -7.29
N GLY A 31 1.67 1.73 -8.41
CA GLY A 31 2.69 2.76 -8.49
C GLY A 31 2.46 3.86 -7.47
N ARG A 32 1.19 4.18 -7.24
CA ARG A 32 0.82 5.18 -6.26
C ARG A 32 0.93 4.61 -4.85
N VAL A 33 0.45 3.38 -4.67
CA VAL A 33 0.51 2.70 -3.39
C VAL A 33 1.94 2.63 -2.86
N VAL A 34 2.84 2.14 -3.70
CA VAL A 34 4.23 2.01 -3.32
C VAL A 34 4.85 3.38 -3.09
N HIS A 35 4.39 4.38 -3.84
CA HIS A 35 4.88 5.74 -3.68
C HIS A 35 4.53 6.25 -2.30
N ILE A 36 3.32 5.96 -1.86
CA ILE A 36 2.85 6.36 -0.54
C ILE A 36 3.70 5.69 0.54
N ILE A 37 3.87 4.38 0.41
CA ILE A 37 4.67 3.62 1.36
C ILE A 37 6.11 4.12 1.38
N GLN A 38 6.76 4.10 0.22
CA GLN A 38 8.19 4.43 0.12
C GLN A 38 8.47 5.87 0.55
N SER A 39 7.53 6.78 0.31
CA SER A 39 7.74 8.18 0.63
C SER A 39 7.51 8.45 2.10
N ARG A 40 6.53 7.78 2.70
CA ARG A 40 6.30 7.92 4.13
C ARG A 40 7.38 7.21 4.90
N GLU A 41 7.83 6.09 4.36
CA GLU A 41 8.80 5.26 5.04
C GLU A 41 10.13 5.25 4.28
N PRO A 42 11.01 6.24 4.51
CA PRO A 42 12.31 6.31 3.81
C PRO A 42 13.24 5.16 4.21
N SER A 43 12.88 4.46 5.27
CA SER A 43 13.64 3.30 5.72
C SER A 43 13.31 2.09 4.86
N LEU A 44 12.32 2.24 3.99
CA LEU A 44 11.90 1.18 3.08
C LEU A 44 12.26 1.54 1.65
N LYS A 45 13.28 2.39 1.49
CA LYS A 45 13.64 2.88 0.17
C LYS A 45 14.37 1.81 -0.63
N ASN A 46 14.85 0.78 0.06
CA ASN A 46 15.52 -0.33 -0.60
C ASN A 46 14.52 -1.43 -0.96
N SER A 47 13.27 -1.04 -1.18
CA SER A 47 12.27 -1.97 -1.64
C SER A 47 12.41 -2.19 -3.16
N ASN A 48 13.08 -3.27 -3.53
CA ASN A 48 13.25 -3.64 -4.92
C ASN A 48 11.90 -3.78 -5.57
N PRO A 49 11.65 -3.03 -6.66
CA PRO A 49 10.37 -3.06 -7.38
C PRO A 49 9.95 -4.45 -7.82
N ASP A 50 10.92 -5.36 -7.91
CA ASP A 50 10.63 -6.75 -8.28
C ASP A 50 10.15 -7.54 -7.07
N GLU A 51 10.48 -7.06 -5.88
CA GLU A 51 10.15 -7.77 -4.64
C GLU A 51 9.81 -6.77 -3.54
N ILE A 52 8.61 -6.20 -3.62
CA ILE A 52 8.17 -5.24 -2.63
C ILE A 52 7.41 -5.92 -1.49
N GLU A 53 7.91 -5.75 -0.27
CA GLU A 53 7.30 -6.34 0.89
C GLU A 53 6.55 -5.27 1.68
N ILE A 54 5.35 -5.60 2.15
CA ILE A 54 4.56 -4.67 2.94
C ILE A 54 4.46 -5.14 4.38
N ASP A 55 5.11 -4.42 5.28
CA ASP A 55 5.01 -4.70 6.71
C ASP A 55 4.25 -3.58 7.41
N PHE A 56 2.97 -3.85 7.65
CA PHE A 56 2.05 -2.87 8.19
C PHE A 56 2.42 -2.44 9.62
N GLU A 57 3.26 -3.21 10.26
CA GLU A 57 3.63 -2.96 11.64
C GLU A 57 4.56 -1.77 11.77
N THR A 58 5.34 -1.52 10.73
CA THR A 58 6.23 -0.38 10.73
C THR A 58 5.55 0.81 10.10
N LEU A 59 4.61 0.53 9.21
CA LEU A 59 3.85 1.58 8.52
C LEU A 59 3.17 2.49 9.51
N LYS A 60 3.38 3.79 9.32
CA LYS A 60 2.80 4.80 10.20
C LYS A 60 1.29 4.88 9.95
N PRO A 61 0.50 5.22 10.98
CA PRO A 61 -0.95 5.44 10.81
C PRO A 61 -1.26 6.32 9.60
N SER A 62 -0.43 7.35 9.37
CA SER A 62 -0.57 8.21 8.21
C SER A 62 -0.53 7.40 6.91
N THR A 63 0.48 6.55 6.78
CA THR A 63 0.64 5.72 5.60
C THR A 63 -0.54 4.77 5.46
N LEU A 64 -0.88 4.11 6.55
CA LEU A 64 -1.99 3.18 6.57
C LEU A 64 -3.29 3.88 6.16
N ARG A 65 -3.42 5.14 6.55
CA ARG A 65 -4.59 5.93 6.24
C ARG A 65 -4.62 6.32 4.76
N GLU A 66 -3.52 6.88 4.28
CA GLU A 66 -3.43 7.32 2.89
C GLU A 66 -3.58 6.15 1.94
N LEU A 67 -2.96 5.02 2.30
CA LEU A 67 -3.08 3.80 1.53
C LEU A 67 -4.55 3.40 1.41
N GLU A 68 -5.18 3.16 2.55
CA GLU A 68 -6.59 2.78 2.60
C GLU A 68 -7.46 3.75 1.82
N ARG A 69 -7.32 5.04 2.10
CA ARG A 69 -8.13 6.07 1.45
C ARG A 69 -7.99 5.98 -0.07
N TYR A 70 -6.80 5.66 -0.53
CA TYR A 70 -6.52 5.56 -1.95
C TYR A 70 -7.06 4.26 -2.54
N VAL A 71 -6.78 3.14 -1.89
CA VAL A 71 -7.16 1.84 -2.43
C VAL A 71 -8.68 1.72 -2.53
N THR A 72 -9.39 2.30 -1.55
CA THR A 72 -10.84 2.27 -1.55
C THR A 72 -11.39 3.11 -2.69
N SER A 73 -10.76 4.25 -2.96
CA SER A 73 -11.23 5.13 -4.01
C SER A 73 -11.09 4.47 -5.38
N CYS A 74 -10.18 3.50 -5.48
CA CYS A 74 -9.97 2.80 -6.72
C CYS A 74 -10.88 1.58 -6.83
N LEU A 75 -10.93 0.78 -5.76
CA LEU A 75 -11.65 -0.49 -5.80
C LEU A 75 -13.12 -0.34 -5.45
N ARG A 76 -13.41 0.43 -4.41
CA ARG A 76 -14.79 0.56 -3.94
C ARG A 76 -15.65 1.28 -4.96
N LYS A 77 -15.02 2.12 -5.78
CA LYS A 77 -15.73 2.85 -6.82
C LYS A 77 -15.69 2.11 -8.15
N LYS A 78 -15.07 0.92 -8.14
CA LYS A 78 -14.95 0.09 -9.32
C LYS A 78 -15.13 -1.38 -8.91
N ARG A 79 -14.41 -2.27 -9.57
CA ARG A 79 -14.44 -3.69 -9.21
C ARG A 79 -13.10 -4.35 -9.53
N LYS A 80 -12.65 -4.17 -10.77
CA LYS A 80 -11.43 -4.76 -11.26
C LYS A 80 -11.23 -4.38 -12.72
N PRO A 81 -10.09 -3.75 -13.05
CA PRO A 81 -9.77 -3.36 -14.42
C PRO A 81 -9.98 -4.48 -15.42
N GLN A 82 -10.98 -4.32 -16.28
CA GLN A 82 -11.34 -5.34 -17.26
C GLN A 82 -10.28 -5.43 -18.34
N ALA A 83 -9.97 -4.29 -18.94
CA ALA A 83 -8.97 -4.22 -19.98
C ALA A 83 -7.72 -3.53 -19.45
N ASN B 1 2.10 -13.07 16.29
CA ASN B 1 3.48 -13.29 16.82
C ASN B 1 4.31 -14.13 15.85
N LEU B 2 3.74 -14.40 14.68
CA LEU B 2 4.43 -15.21 13.67
C LEU B 2 4.36 -14.54 12.31
N GLN B 3 3.16 -14.11 11.93
CA GLN B 3 2.94 -13.47 10.64
C GLN B 3 1.68 -12.60 10.67
N SER B 4 1.87 -11.32 10.90
CA SER B 4 0.74 -10.37 10.94
C SER B 4 0.44 -9.83 9.55
N SER B 5 0.18 -10.75 8.61
CA SER B 5 -0.22 -10.40 7.26
C SER B 5 0.87 -9.60 6.54
N ILE B 6 2.06 -10.18 6.45
CA ILE B 6 3.16 -9.55 5.72
C ILE B 6 2.95 -9.78 4.22
N VAL B 7 2.61 -8.73 3.51
CA VAL B 7 2.28 -8.81 2.10
C VAL B 7 3.51 -8.60 1.26
N LYS B 8 3.44 -8.97 0.01
CA LYS B 8 4.46 -8.62 -0.94
C LYS B 8 3.93 -8.73 -2.36
N PHE B 9 4.33 -7.80 -3.20
CA PHE B 9 3.87 -7.76 -4.58
C PHE B 9 5.02 -7.39 -5.49
N LYS B 10 4.87 -7.70 -6.76
CA LYS B 10 5.88 -7.34 -7.74
C LYS B 10 5.39 -6.18 -8.58
N LYS B 11 6.18 -5.15 -8.69
CA LYS B 11 5.79 -3.95 -9.43
C LYS B 11 6.74 -3.68 -10.58
N PRO B 12 6.50 -4.31 -11.74
CA PRO B 12 7.29 -4.08 -12.95
C PRO B 12 7.20 -2.63 -13.40
N LEU B 13 5.96 -2.15 -13.54
CA LEU B 13 5.68 -0.77 -13.96
C LEU B 13 6.49 -0.38 -15.18
N PRO B 14 6.17 -0.95 -16.35
CA PRO B 14 6.90 -0.70 -17.59
C PRO B 14 6.80 0.76 -18.01
N LEU B 15 7.88 1.28 -18.57
CA LEU B 15 7.94 2.67 -19.02
C LEU B 15 7.69 3.63 -17.85
N THR B 16 8.48 3.46 -16.79
CA THR B 16 8.40 4.37 -15.65
C THR B 16 8.86 5.76 -16.06
N GLN B 17 9.86 5.80 -16.93
CA GLN B 17 10.37 7.04 -17.46
C GLN B 17 9.48 7.53 -18.60
N PRO B 18 9.28 8.84 -18.72
CA PRO B 18 8.48 9.42 -19.80
C PRO B 18 9.23 9.43 -21.13
N GLY B 19 9.60 8.25 -21.59
CA GLY B 19 10.30 8.12 -22.85
C GLY B 19 9.78 6.96 -23.67
N SER A 1 -13.21 15.77 11.77
CA SER A 1 -12.05 16.68 11.75
C SER A 1 -10.82 16.03 12.37
N GLU A 2 -10.96 15.56 13.61
CA GLU A 2 -9.83 15.00 14.35
C GLU A 2 -9.24 13.78 13.65
N GLU A 3 -10.10 12.99 13.01
CA GLU A 3 -9.66 11.75 12.37
C GLU A 3 -8.69 12.04 11.22
N GLU A 4 -8.85 13.21 10.61
CA GLU A 4 -8.00 13.60 9.49
C GLU A 4 -6.59 13.93 9.99
N ASP A 5 -6.51 14.51 11.18
CA ASP A 5 -5.23 14.94 11.74
C ASP A 5 -4.58 13.81 12.53
N LYS A 6 -5.37 13.15 13.38
CA LYS A 6 -4.87 12.09 14.23
C LYS A 6 -4.64 10.81 13.42
N CYS A 7 -5.70 10.33 12.78
CA CYS A 7 -5.69 9.08 12.04
C CYS A 7 -5.40 7.90 12.97
N LYS A 8 -6.46 7.22 13.38
CA LYS A 8 -6.34 6.08 14.29
C LYS A 8 -5.61 4.92 13.61
N PRO A 9 -4.83 4.17 14.38
CA PRO A 9 -4.07 3.02 13.87
C PRO A 9 -4.99 1.90 13.38
N MET A 10 -4.49 1.12 12.43
CA MET A 10 -5.28 0.04 11.85
C MET A 10 -5.16 -1.23 12.69
N SER A 11 -6.30 -1.83 13.00
CA SER A 11 -6.31 -3.10 13.71
C SER A 11 -5.99 -4.23 12.74
N TYR A 12 -5.93 -5.47 13.23
CA TYR A 12 -5.52 -6.59 12.39
C TYR A 12 -6.46 -6.74 11.19
N GLU A 13 -7.77 -6.75 11.45
CA GLU A 13 -8.75 -6.88 10.39
C GLU A 13 -8.49 -5.86 9.30
N GLU A 14 -8.33 -4.62 9.75
CA GLU A 14 -8.15 -3.51 8.86
C GLU A 14 -6.89 -3.68 8.02
N LYS A 15 -5.82 -4.08 8.67
CA LYS A 15 -4.56 -4.34 7.99
C LYS A 15 -4.70 -5.45 6.96
N ARG A 16 -5.43 -6.50 7.31
CA ARG A 16 -5.70 -7.59 6.38
C ARG A 16 -6.53 -7.10 5.21
N GLN A 17 -7.51 -6.27 5.51
CA GLN A 17 -8.36 -5.70 4.47
C GLN A 17 -7.50 -4.94 3.48
N LEU A 18 -6.61 -4.13 4.03
CA LEU A 18 -5.68 -3.32 3.24
C LEU A 18 -4.74 -4.21 2.41
N SER A 19 -4.26 -5.30 2.99
CA SER A 19 -3.43 -6.21 2.22
C SER A 19 -4.23 -6.84 1.07
N LEU A 20 -5.54 -6.90 1.25
CA LEU A 20 -6.43 -7.50 0.26
C LEU A 20 -6.81 -6.50 -0.83
N ASP A 21 -7.12 -5.26 -0.45
CA ASP A 21 -7.44 -4.22 -1.42
C ASP A 21 -6.21 -3.85 -2.24
N ILE A 22 -5.05 -3.75 -1.59
CA ILE A 22 -3.80 -3.50 -2.30
C ILE A 22 -3.56 -4.58 -3.34
N ASN A 23 -3.84 -5.83 -2.97
CA ASN A 23 -3.63 -6.95 -3.87
C ASN A 23 -4.60 -6.91 -5.05
N LYS A 24 -5.79 -6.36 -4.81
CA LYS A 24 -6.76 -6.12 -5.88
C LYS A 24 -6.21 -5.14 -6.91
N LEU A 25 -5.45 -4.17 -6.43
CA LEU A 25 -5.00 -3.07 -7.25
C LEU A 25 -4.01 -3.52 -8.31
N PRO A 26 -4.19 -3.01 -9.53
CA PRO A 26 -3.33 -3.32 -10.67
C PRO A 26 -2.05 -2.49 -10.69
N GLY A 27 -1.14 -2.82 -11.59
CA GLY A 27 0.17 -2.16 -11.64
C GLY A 27 0.08 -0.65 -11.66
N GLU A 28 -0.84 -0.13 -12.46
CA GLU A 28 -1.05 1.31 -12.58
C GLU A 28 -1.16 1.98 -11.22
N LYS A 29 -2.09 1.47 -10.42
CA LYS A 29 -2.40 2.07 -9.14
C LYS A 29 -1.40 1.65 -8.07
N LEU A 30 -0.80 0.48 -8.25
CA LEU A 30 0.21 -0.01 -7.31
C LEU A 30 1.41 0.92 -7.29
N GLY A 31 1.65 1.60 -8.40
CA GLY A 31 2.71 2.60 -8.44
C GLY A 31 2.49 3.69 -7.42
N ARG A 32 1.24 4.15 -7.32
CA ARG A 32 0.88 5.16 -6.33
C ARG A 32 1.01 4.59 -4.92
N VAL A 33 0.57 3.35 -4.74
CA VAL A 33 0.66 2.68 -3.44
C VAL A 33 2.09 2.66 -2.93
N VAL A 34 3.00 2.18 -3.75
CA VAL A 34 4.41 2.10 -3.38
C VAL A 34 4.98 3.50 -3.15
N HIS A 35 4.53 4.44 -3.97
CA HIS A 35 4.95 5.83 -3.84
C HIS A 35 4.57 6.36 -2.46
N ILE A 36 3.37 6.01 -2.01
CA ILE A 36 2.91 6.42 -0.69
C ILE A 36 3.74 5.74 0.39
N ILE A 37 3.92 4.43 0.27
CA ILE A 37 4.69 3.67 1.25
C ILE A 37 6.13 4.20 1.34
N GLN A 38 6.83 4.24 0.22
CA GLN A 38 8.23 4.64 0.20
C GLN A 38 8.43 6.08 0.68
N SER A 39 7.47 6.95 0.38
CA SER A 39 7.60 8.36 0.71
C SER A 39 7.32 8.61 2.20
N ARG A 40 6.37 7.88 2.77
CA ARG A 40 6.08 8.02 4.19
C ARG A 40 7.10 7.25 5.02
N GLU A 41 7.65 6.20 4.44
CA GLU A 41 8.65 5.41 5.13
C GLU A 41 10.00 5.52 4.41
N PRO A 42 10.82 6.54 4.73
CA PRO A 42 12.15 6.68 4.14
C PRO A 42 13.08 5.53 4.51
N SER A 43 12.67 4.74 5.49
CA SER A 43 13.40 3.54 5.88
C SER A 43 13.21 2.46 4.81
N LEU A 44 12.15 2.60 4.03
CA LEU A 44 11.82 1.64 2.99
C LEU A 44 12.19 2.19 1.62
N LYS A 45 13.27 2.98 1.58
CA LYS A 45 13.72 3.59 0.34
C LYS A 45 14.35 2.54 -0.57
N ASN A 46 14.71 1.40 0.01
CA ASN A 46 15.34 0.32 -0.73
C ASN A 46 14.29 -0.74 -1.10
N SER A 47 13.12 -0.29 -1.50
CA SER A 47 12.04 -1.18 -1.92
C SER A 47 12.16 -1.49 -3.41
N ASN A 48 12.88 -2.55 -3.73
CA ASN A 48 13.02 -3.00 -5.12
C ASN A 48 11.66 -3.32 -5.70
N PRO A 49 11.29 -2.67 -6.82
CA PRO A 49 10.00 -2.88 -7.50
C PRO A 49 9.76 -4.34 -7.88
N ASP A 50 10.82 -5.12 -7.93
CA ASP A 50 10.74 -6.53 -8.27
C ASP A 50 10.29 -7.37 -7.08
N GLU A 51 10.60 -6.88 -5.87
CA GLU A 51 10.32 -7.59 -4.64
C GLU A 51 10.00 -6.60 -3.52
N ILE A 52 8.78 -6.09 -3.53
CA ILE A 52 8.36 -5.11 -2.53
C ILE A 52 7.71 -5.80 -1.34
N GLU A 53 8.23 -5.51 -0.14
CA GLU A 53 7.69 -6.07 1.09
C GLU A 53 6.89 -5.01 1.83
N ILE A 54 5.62 -5.25 2.05
CA ILE A 54 4.81 -4.35 2.83
C ILE A 54 4.71 -4.82 4.27
N ASP A 55 5.36 -4.11 5.17
CA ASP A 55 5.28 -4.41 6.59
C ASP A 55 4.49 -3.33 7.31
N PHE A 56 3.22 -3.63 7.55
CA PHE A 56 2.29 -2.67 8.14
C PHE A 56 2.64 -2.38 9.60
N GLU A 57 3.67 -3.03 10.10
CA GLU A 57 4.06 -2.88 11.49
C GLU A 57 4.96 -1.68 11.68
N THR A 58 5.64 -1.27 10.62
CA THR A 58 6.48 -0.10 10.68
C THR A 58 5.78 1.09 10.03
N LEU A 59 4.87 0.78 9.11
CA LEU A 59 4.07 1.79 8.44
C LEU A 59 3.36 2.67 9.46
N LYS A 60 3.50 3.97 9.29
CA LYS A 60 2.85 4.93 10.18
C LYS A 60 1.35 4.95 9.90
N PRO A 61 0.51 5.26 10.90
CA PRO A 61 -0.92 5.43 10.69
C PRO A 61 -1.24 6.31 9.47
N SER A 62 -0.42 7.34 9.26
CA SER A 62 -0.55 8.19 8.09
C SER A 62 -0.53 7.35 6.83
N THR A 63 0.51 6.54 6.69
CA THR A 63 0.68 5.68 5.53
C THR A 63 -0.48 4.69 5.43
N LEU A 64 -0.78 4.02 6.53
CA LEU A 64 -1.84 3.04 6.56
C LEU A 64 -3.17 3.66 6.16
N ARG A 65 -3.40 4.90 6.56
CA ARG A 65 -4.64 5.58 6.25
C ARG A 65 -4.64 6.09 4.81
N GLU A 66 -3.55 6.71 4.37
CA GLU A 66 -3.47 7.23 3.01
C GLU A 66 -3.54 6.11 1.99
N LEU A 67 -2.93 4.98 2.35
CA LEU A 67 -3.03 3.78 1.53
C LEU A 67 -4.48 3.31 1.45
N GLU A 68 -5.09 3.09 2.62
CA GLU A 68 -6.48 2.62 2.70
C GLU A 68 -7.41 3.57 1.93
N ARG A 69 -7.25 4.86 2.15
CA ARG A 69 -8.11 5.86 1.52
C ARG A 69 -7.94 5.83 0.00
N TYR A 70 -6.74 5.50 -0.45
CA TYR A 70 -6.46 5.45 -1.87
C TYR A 70 -6.99 4.16 -2.51
N VAL A 71 -6.72 3.02 -1.88
CA VAL A 71 -7.11 1.74 -2.45
C VAL A 71 -8.63 1.64 -2.55
N THR A 72 -9.32 2.10 -1.50
CA THR A 72 -10.76 2.06 -1.46
C THR A 72 -11.37 2.93 -2.54
N SER A 73 -10.74 4.06 -2.81
CA SER A 73 -11.25 4.98 -3.82
C SER A 73 -11.14 4.37 -5.22
N CYS A 74 -10.22 3.42 -5.39
CA CYS A 74 -10.01 2.81 -6.69
C CYS A 74 -10.89 1.57 -6.85
N LEU A 75 -11.13 0.88 -5.74
CA LEU A 75 -11.79 -0.41 -5.77
C LEU A 75 -13.28 -0.31 -5.46
N ARG A 76 -13.64 0.48 -4.46
CA ARG A 76 -15.04 0.65 -4.09
C ARG A 76 -15.78 1.45 -5.16
N LYS A 77 -15.02 2.03 -6.07
CA LYS A 77 -15.59 2.76 -7.18
C LYS A 77 -15.43 1.97 -8.48
N LYS A 78 -14.39 1.13 -8.53
CA LYS A 78 -14.09 0.37 -9.73
C LYS A 78 -13.39 -0.95 -9.38
N ARG A 79 -14.14 -1.91 -8.87
CA ARG A 79 -13.59 -3.23 -8.58
C ARG A 79 -13.06 -3.88 -9.86
N LYS A 80 -11.83 -4.36 -9.79
CA LYS A 80 -11.11 -4.88 -10.95
C LYS A 80 -11.00 -3.80 -12.03
N PRO A 81 -10.11 -2.82 -11.79
CA PRO A 81 -9.90 -1.69 -12.70
C PRO A 81 -9.12 -2.09 -13.95
N GLN A 82 -9.84 -2.36 -15.02
CA GLN A 82 -9.22 -2.68 -16.30
C GLN A 82 -8.84 -1.40 -17.02
N ALA A 83 -9.63 -0.36 -16.79
CA ALA A 83 -9.39 0.93 -17.40
C ALA A 83 -9.55 2.04 -16.37
N ASN B 1 6.76 -12.71 11.50
CA ASN B 1 5.74 -12.01 12.30
C ASN B 1 4.35 -12.57 11.99
N LEU B 2 3.78 -13.29 12.95
CA LEU B 2 2.47 -13.91 12.76
C LEU B 2 1.35 -12.90 13.03
N GLN B 3 1.69 -11.82 13.72
CA GLN B 3 0.69 -10.83 14.08
C GLN B 3 0.44 -9.83 12.96
N SER B 4 0.63 -10.27 11.72
CA SER B 4 0.42 -9.41 10.57
C SER B 4 0.49 -10.21 9.26
N SER B 5 -0.14 -9.69 8.23
CA SER B 5 -0.04 -10.28 6.91
C SER B 5 0.96 -9.50 6.06
N ILE B 6 2.18 -10.03 5.96
CA ILE B 6 3.23 -9.38 5.19
C ILE B 6 2.97 -9.56 3.71
N VAL B 7 2.91 -8.46 2.98
CA VAL B 7 2.56 -8.49 1.58
C VAL B 7 3.79 -8.28 0.70
N LYS B 8 4.26 -9.35 0.09
CA LYS B 8 5.27 -9.24 -0.94
C LYS B 8 4.59 -9.25 -2.29
N PHE B 9 4.74 -8.17 -3.05
CA PHE B 9 4.16 -8.14 -4.37
C PHE B 9 5.18 -7.66 -5.39
N LYS B 10 5.20 -8.32 -6.53
CA LYS B 10 6.03 -7.90 -7.64
C LYS B 10 5.27 -6.86 -8.44
N LYS B 11 5.73 -5.61 -8.42
CA LYS B 11 5.03 -4.55 -9.11
C LYS B 11 5.22 -4.68 -10.62
N PRO B 12 4.10 -4.81 -11.36
CA PRO B 12 4.14 -4.84 -12.83
C PRO B 12 4.65 -3.52 -13.39
N LEU B 13 5.41 -3.60 -14.47
CA LEU B 13 5.99 -2.43 -15.11
C LEU B 13 6.94 -1.69 -14.16
N PRO B 14 8.05 -2.33 -13.77
CA PRO B 14 9.07 -1.68 -12.93
C PRO B 14 9.71 -0.50 -13.64
N LEU B 15 9.93 -0.65 -14.94
CA LEU B 15 10.44 0.43 -15.76
C LEU B 15 9.24 1.15 -16.39
N THR B 16 8.50 1.88 -15.56
CA THR B 16 7.29 2.53 -16.01
C THR B 16 7.60 3.70 -16.95
N GLN B 17 7.06 3.61 -18.16
CA GLN B 17 7.23 4.66 -19.15
C GLN B 17 6.14 5.72 -18.98
N PRO B 18 6.48 7.01 -19.19
CA PRO B 18 5.53 8.12 -19.02
C PRO B 18 4.46 8.14 -20.11
N GLY B 19 3.48 7.27 -19.99
CA GLY B 19 2.37 7.24 -20.93
C GLY B 19 1.20 6.46 -20.38
N SER A 1 0.12 16.63 16.27
CA SER A 1 -1.12 17.37 16.61
C SER A 1 -2.34 16.50 16.37
N GLU A 2 -3.49 17.12 16.07
CA GLU A 2 -4.76 16.41 15.98
C GLU A 2 -4.77 15.31 14.91
N GLU A 3 -4.08 15.53 13.80
CA GLU A 3 -4.09 14.57 12.70
C GLU A 3 -3.55 13.21 13.13
N GLU A 4 -2.55 13.20 13.99
CA GLU A 4 -1.95 11.95 14.46
C GLU A 4 -2.92 11.21 15.39
N ASP A 5 -3.79 11.96 16.05
CA ASP A 5 -4.77 11.38 16.96
C ASP A 5 -6.01 10.97 16.19
N LYS A 6 -6.26 11.67 15.10
CA LYS A 6 -7.40 11.38 14.25
C LYS A 6 -7.20 10.06 13.52
N CYS A 7 -5.98 9.83 13.07
CA CYS A 7 -5.66 8.62 12.34
C CYS A 7 -5.33 7.48 13.31
N LYS A 8 -6.31 6.62 13.56
CA LYS A 8 -6.12 5.48 14.44
C LYS A 8 -5.31 4.39 13.76
N PRO A 9 -4.48 3.68 14.52
CA PRO A 9 -3.69 2.57 14.01
C PRO A 9 -4.60 1.43 13.53
N MET A 10 -4.42 1.04 12.28
CA MET A 10 -5.26 0.01 11.68
C MET A 10 -5.19 -1.28 12.47
N SER A 11 -6.33 -1.83 12.82
CA SER A 11 -6.40 -3.09 13.53
C SER A 11 -6.06 -4.24 12.58
N TYR A 12 -5.98 -5.47 13.11
CA TYR A 12 -5.55 -6.59 12.28
C TYR A 12 -6.47 -6.76 11.09
N GLU A 13 -7.79 -6.79 11.35
CA GLU A 13 -8.77 -6.95 10.31
C GLU A 13 -8.63 -5.88 9.23
N GLU A 14 -8.35 -4.66 9.67
CA GLU A 14 -8.14 -3.55 8.76
C GLU A 14 -6.90 -3.77 7.92
N LYS A 15 -5.82 -4.17 8.58
CA LYS A 15 -4.57 -4.47 7.89
C LYS A 15 -4.75 -5.61 6.89
N ARG A 16 -5.52 -6.63 7.27
CA ARG A 16 -5.82 -7.73 6.35
C ARG A 16 -6.61 -7.22 5.17
N GLN A 17 -7.60 -6.39 5.44
CA GLN A 17 -8.40 -5.80 4.37
C GLN A 17 -7.51 -5.02 3.43
N LEU A 18 -6.60 -4.25 4.00
CA LEU A 18 -5.72 -3.39 3.24
C LEU A 18 -4.71 -4.21 2.43
N SER A 19 -4.20 -5.27 3.03
CA SER A 19 -3.31 -6.16 2.30
C SER A 19 -4.05 -6.82 1.14
N LEU A 20 -5.36 -6.93 1.28
CA LEU A 20 -6.19 -7.54 0.25
C LEU A 20 -6.53 -6.52 -0.85
N ASP A 21 -6.91 -5.29 -0.46
CA ASP A 21 -7.24 -4.26 -1.45
C ASP A 21 -6.01 -3.94 -2.30
N ILE A 22 -4.85 -3.87 -1.66
CA ILE A 22 -3.60 -3.60 -2.35
C ILE A 22 -3.27 -4.70 -3.36
N ASN A 23 -3.53 -5.94 -2.96
CA ASN A 23 -3.27 -7.07 -3.85
C ASN A 23 -4.23 -7.07 -5.03
N LYS A 24 -5.41 -6.52 -4.83
CA LYS A 24 -6.42 -6.44 -5.88
C LYS A 24 -6.10 -5.30 -6.85
N LEU A 25 -5.24 -4.40 -6.41
CA LEU A 25 -4.91 -3.22 -7.20
C LEU A 25 -3.90 -3.56 -8.30
N PRO A 26 -4.18 -3.09 -9.52
CA PRO A 26 -3.33 -3.33 -10.69
C PRO A 26 -2.08 -2.46 -10.72
N GLY A 27 -1.17 -2.74 -11.65
CA GLY A 27 0.13 -2.10 -11.69
C GLY A 27 0.08 -0.58 -11.61
N GLU A 28 -0.83 0.02 -12.38
CA GLU A 28 -0.99 1.47 -12.41
C GLU A 28 -1.13 2.03 -11.01
N LYS A 29 -2.09 1.50 -10.27
CA LYS A 29 -2.40 2.00 -8.95
C LYS A 29 -1.37 1.55 -7.93
N LEU A 30 -0.81 0.37 -8.15
CA LEU A 30 0.25 -0.14 -7.30
C LEU A 30 1.43 0.82 -7.28
N GLY A 31 1.62 1.51 -8.40
CA GLY A 31 2.67 2.52 -8.48
C GLY A 31 2.44 3.65 -7.50
N ARG A 32 1.19 3.99 -7.25
CA ARG A 32 0.85 5.03 -6.31
C ARG A 32 0.93 4.50 -4.88
N VAL A 33 0.46 3.27 -4.68
CA VAL A 33 0.52 2.62 -3.38
C VAL A 33 1.95 2.58 -2.86
N VAL A 34 2.85 2.02 -3.65
CA VAL A 34 4.25 1.91 -3.26
C VAL A 34 4.88 3.30 -3.09
N HIS A 35 4.38 4.26 -3.87
CA HIS A 35 4.85 5.64 -3.79
C HIS A 35 4.48 6.22 -2.43
N ILE A 36 3.27 5.94 -1.97
CA ILE A 36 2.82 6.40 -0.67
C ILE A 36 3.64 5.73 0.43
N ILE A 37 3.90 4.45 0.26
CA ILE A 37 4.70 3.68 1.21
C ILE A 37 6.13 4.24 1.31
N GLN A 38 6.85 4.23 0.20
CA GLN A 38 8.27 4.60 0.20
C GLN A 38 8.48 6.07 0.55
N SER A 39 7.52 6.92 0.22
CA SER A 39 7.65 8.35 0.48
C SER A 39 7.38 8.67 1.94
N ARG A 40 6.40 8.00 2.54
CA ARG A 40 6.11 8.19 3.95
C ARG A 40 7.13 7.47 4.81
N GLU A 41 7.63 6.36 4.30
CA GLU A 41 8.63 5.60 5.03
C GLU A 41 9.98 5.66 4.29
N PRO A 42 10.80 6.70 4.52
CA PRO A 42 12.11 6.83 3.87
C PRO A 42 13.08 5.71 4.26
N SER A 43 12.71 4.95 5.28
CA SER A 43 13.50 3.80 5.69
C SER A 43 13.17 2.58 4.82
N LEU A 44 12.19 2.74 3.95
CA LEU A 44 11.80 1.68 3.03
C LEU A 44 12.06 2.12 1.59
N LYS A 45 13.03 3.01 1.42
CA LYS A 45 13.29 3.61 0.12
C LYS A 45 14.11 2.66 -0.75
N ASN A 46 14.73 1.68 -0.13
CA ASN A 46 15.56 0.71 -0.83
C ASN A 46 14.76 -0.52 -1.23
N SER A 47 13.44 -0.38 -1.29
CA SER A 47 12.56 -1.48 -1.66
C SER A 47 12.73 -1.84 -3.14
N ASN A 48 13.41 -2.97 -3.40
CA ASN A 48 13.49 -3.52 -4.75
C ASN A 48 12.10 -3.64 -5.36
N PRO A 49 11.87 -2.96 -6.50
CA PRO A 49 10.58 -3.00 -7.21
C PRO A 49 10.23 -4.43 -7.62
N ASP A 50 11.25 -5.27 -7.72
CA ASP A 50 11.07 -6.66 -8.07
C ASP A 50 10.42 -7.45 -6.92
N GLU A 51 10.77 -7.14 -5.67
CA GLU A 51 10.23 -7.87 -4.53
C GLU A 51 9.85 -6.94 -3.40
N ILE A 52 8.78 -6.20 -3.58
CA ILE A 52 8.37 -5.25 -2.58
C ILE A 52 7.54 -5.93 -1.49
N GLU A 53 8.04 -5.83 -0.26
CA GLU A 53 7.34 -6.38 0.89
C GLU A 53 6.63 -5.24 1.62
N ILE A 54 5.33 -5.35 1.78
CA ILE A 54 4.60 -4.36 2.56
C ILE A 54 4.53 -4.79 4.02
N ASP A 55 5.27 -4.09 4.87
CA ASP A 55 5.25 -4.36 6.29
C ASP A 55 4.50 -3.27 7.03
N PHE A 56 3.26 -3.56 7.34
CA PHE A 56 2.35 -2.59 7.94
C PHE A 56 2.72 -2.27 9.39
N GLU A 57 3.76 -2.91 9.89
CA GLU A 57 4.19 -2.68 11.26
C GLU A 57 5.10 -1.47 11.35
N THR A 58 5.82 -1.20 10.27
CA THR A 58 6.68 -0.03 10.23
C THR A 58 5.91 1.16 9.67
N LEU A 59 4.98 0.85 8.78
CA LEU A 59 4.13 1.87 8.17
C LEU A 59 3.43 2.70 9.24
N LYS A 60 3.57 4.02 9.13
CA LYS A 60 2.88 4.92 10.04
C LYS A 60 1.38 4.83 9.83
N PRO A 61 0.58 5.01 10.88
CA PRO A 61 -0.88 5.10 10.76
C PRO A 61 -1.29 6.10 9.67
N SER A 62 -0.46 7.11 9.48
CA SER A 62 -0.67 8.08 8.42
C SER A 62 -0.63 7.38 7.06
N THR A 63 0.43 6.61 6.82
CA THR A 63 0.60 5.86 5.59
C THR A 63 -0.53 4.86 5.42
N LEU A 64 -0.83 4.14 6.49
CA LEU A 64 -1.90 3.16 6.47
C LEU A 64 -3.23 3.82 6.14
N ARG A 65 -3.44 5.01 6.66
CA ARG A 65 -4.65 5.78 6.40
C ARG A 65 -4.71 6.24 4.94
N GLU A 66 -3.61 6.81 4.45
CA GLU A 66 -3.57 7.31 3.09
C GLU A 66 -3.66 6.18 2.09
N LEU A 67 -2.97 5.08 2.38
CA LEU A 67 -3.06 3.88 1.57
C LEU A 67 -4.50 3.42 1.48
N GLU A 68 -5.12 3.22 2.65
CA GLU A 68 -6.52 2.82 2.71
C GLU A 68 -7.41 3.79 1.92
N ARG A 69 -7.14 5.09 2.06
CA ARG A 69 -7.95 6.10 1.39
C ARG A 69 -7.89 5.90 -0.12
N TYR A 70 -6.69 5.62 -0.61
CA TYR A 70 -6.45 5.50 -2.04
C TYR A 70 -6.98 4.19 -2.60
N VAL A 71 -6.70 3.08 -1.92
CA VAL A 71 -7.09 1.76 -2.40
C VAL A 71 -8.60 1.64 -2.48
N THR A 72 -9.28 2.22 -1.49
CA THR A 72 -10.73 2.16 -1.44
C THR A 72 -11.33 3.05 -2.50
N SER A 73 -10.72 4.21 -2.71
CA SER A 73 -11.18 5.14 -3.73
C SER A 73 -11.02 4.53 -5.13
N CYS A 74 -10.17 3.50 -5.25
CA CYS A 74 -9.99 2.83 -6.52
C CYS A 74 -10.96 1.64 -6.64
N LEU A 75 -10.93 0.74 -5.65
CA LEU A 75 -11.67 -0.51 -5.74
C LEU A 75 -13.16 -0.35 -5.43
N ARG A 76 -13.50 0.64 -4.62
CA ARG A 76 -14.91 0.87 -4.27
C ARG A 76 -15.58 1.76 -5.31
N LYS A 77 -14.77 2.36 -6.17
CA LYS A 77 -15.27 3.11 -7.30
C LYS A 77 -15.30 2.22 -8.52
N LYS A 78 -14.25 1.44 -8.68
CA LYS A 78 -14.13 0.51 -9.79
C LYS A 78 -13.64 -0.84 -9.29
N ARG A 79 -14.56 -1.72 -8.94
CA ARG A 79 -14.22 -3.07 -8.56
C ARG A 79 -13.64 -3.79 -9.79
N LYS A 80 -12.41 -4.26 -9.66
CA LYS A 80 -11.66 -4.78 -10.80
C LYS A 80 -11.40 -3.64 -11.80
N PRO A 81 -10.35 -2.84 -11.53
CA PRO A 81 -10.01 -1.68 -12.36
C PRO A 81 -9.44 -2.04 -13.72
N GLN A 82 -10.23 -2.77 -14.50
CA GLN A 82 -9.86 -3.09 -15.87
C GLN A 82 -10.15 -1.91 -16.78
N ALA A 83 -9.10 -1.20 -17.15
CA ALA A 83 -9.23 -0.06 -18.04
C ALA A 83 -8.76 -0.45 -19.43
N ASN B 1 0.50 -12.89 19.69
CA ASN B 1 1.81 -12.53 19.09
C ASN B 1 1.68 -11.25 18.29
N LEU B 2 2.68 -10.38 18.42
CA LEU B 2 2.70 -9.12 17.69
C LEU B 2 3.08 -9.36 16.23
N GLN B 3 2.12 -9.77 15.44
CA GLN B 3 2.36 -10.10 14.04
C GLN B 3 1.20 -9.65 13.17
N SER B 4 1.47 -9.47 11.89
CA SER B 4 0.44 -9.16 10.92
C SER B 4 0.73 -9.90 9.62
N SER B 5 0.09 -9.48 8.54
CA SER B 5 0.28 -10.13 7.25
C SER B 5 1.02 -9.21 6.29
N ILE B 6 2.20 -9.63 5.84
CA ILE B 6 2.98 -8.87 4.87
C ILE B 6 2.52 -9.19 3.46
N VAL B 7 2.74 -8.25 2.56
CA VAL B 7 2.38 -8.43 1.16
C VAL B 7 3.59 -8.30 0.26
N LYS B 8 3.96 -9.39 -0.37
CA LYS B 8 5.01 -9.36 -1.39
C LYS B 8 4.37 -9.16 -2.75
N PHE B 9 4.67 -8.05 -3.39
CA PHE B 9 4.17 -7.83 -4.73
C PHE B 9 5.30 -7.43 -5.67
N LYS B 10 5.22 -7.91 -6.90
CA LYS B 10 6.18 -7.56 -7.92
C LYS B 10 5.66 -6.38 -8.73
N LYS B 11 6.33 -5.25 -8.64
CA LYS B 11 5.90 -4.06 -9.33
C LYS B 11 6.28 -4.12 -10.80
N PRO B 12 5.28 -4.22 -11.68
CA PRO B 12 5.51 -4.37 -13.12
C PRO B 12 5.87 -3.06 -13.80
N LEU B 13 6.94 -2.43 -13.33
CA LEU B 13 7.40 -1.18 -13.89
C LEU B 13 8.90 -1.02 -13.63
N PRO B 14 9.74 -1.56 -14.52
CA PRO B 14 11.19 -1.49 -14.39
C PRO B 14 11.79 -0.20 -14.95
N LEU B 15 10.94 0.59 -15.61
CA LEU B 15 11.34 1.87 -16.22
C LEU B 15 12.46 1.68 -17.23
N THR B 16 12.29 0.70 -18.12
CA THR B 16 13.28 0.45 -19.16
C THR B 16 12.60 -0.08 -20.41
N GLN B 17 13.20 0.21 -21.56
CA GLN B 17 12.68 -0.25 -22.84
C GLN B 17 13.70 0.00 -23.97
N PRO B 18 14.24 1.23 -24.11
CA PRO B 18 15.24 1.52 -25.15
C PRO B 18 16.64 1.05 -24.75
N GLY B 19 17.53 0.99 -25.72
CA GLY B 19 18.90 0.60 -25.46
C GLY B 19 19.74 0.65 -26.71
N SER A 1 -13.49 15.52 8.84
CA SER A 1 -12.43 16.33 8.22
C SER A 1 -11.19 16.43 9.11
N GLU A 2 -11.35 16.13 10.39
CA GLU A 2 -10.26 16.28 11.35
C GLU A 2 -9.54 14.96 11.61
N GLU A 3 -10.31 13.89 11.77
CA GLU A 3 -9.74 12.61 12.16
C GLU A 3 -8.79 12.04 11.10
N GLU A 4 -8.99 12.45 9.85
CA GLU A 4 -8.12 12.02 8.77
C GLU A 4 -6.68 12.52 8.99
N ASP A 5 -6.53 13.57 9.78
CA ASP A 5 -5.21 14.10 10.09
C ASP A 5 -4.60 13.36 11.29
N LYS A 6 -5.47 12.97 12.22
CA LYS A 6 -5.03 12.27 13.41
C LYS A 6 -4.74 10.79 13.09
N CYS A 7 -5.65 10.18 12.34
CA CYS A 7 -5.48 8.80 11.86
C CYS A 7 -5.44 7.78 13.00
N LYS A 8 -6.53 7.09 13.22
CA LYS A 8 -6.54 5.96 14.15
C LYS A 8 -5.69 4.83 13.59
N PRO A 9 -4.98 4.11 14.48
CA PRO A 9 -4.16 2.96 14.09
C PRO A 9 -5.03 1.82 13.59
N MET A 10 -4.69 1.28 12.42
CA MET A 10 -5.47 0.22 11.81
C MET A 10 -5.42 -1.04 12.66
N SER A 11 -6.58 -1.58 12.98
CA SER A 11 -6.68 -2.84 13.72
C SER A 11 -6.28 -4.00 12.80
N TYR A 12 -6.19 -5.21 13.33
CA TYR A 12 -5.71 -6.33 12.54
C TYR A 12 -6.63 -6.54 11.33
N GLU A 13 -7.93 -6.54 11.55
CA GLU A 13 -8.90 -6.72 10.49
C GLU A 13 -8.70 -5.69 9.39
N GLU A 14 -8.49 -4.45 9.78
CA GLU A 14 -8.26 -3.36 8.85
C GLU A 14 -6.98 -3.60 8.06
N LYS A 15 -5.91 -3.97 8.76
CA LYS A 15 -4.64 -4.27 8.12
C LYS A 15 -4.77 -5.44 7.14
N ARG A 16 -5.54 -6.45 7.53
CA ARG A 16 -5.80 -7.58 6.64
C ARG A 16 -6.54 -7.11 5.39
N GLN A 17 -7.52 -6.24 5.59
CA GLN A 17 -8.27 -5.69 4.48
C GLN A 17 -7.33 -5.00 3.52
N LEU A 18 -6.43 -4.20 4.06
CA LEU A 18 -5.52 -3.37 3.27
C LEU A 18 -4.56 -4.24 2.46
N SER A 19 -4.17 -5.38 3.00
CA SER A 19 -3.34 -6.29 2.25
C SER A 19 -4.14 -6.91 1.11
N LEU A 20 -5.45 -7.01 1.31
CA LEU A 20 -6.34 -7.59 0.32
C LEU A 20 -6.68 -6.58 -0.77
N ASP A 21 -7.03 -5.35 -0.39
CA ASP A 21 -7.37 -4.31 -1.37
C ASP A 21 -6.16 -3.94 -2.23
N ILE A 22 -4.98 -3.82 -1.63
CA ILE A 22 -3.77 -3.53 -2.39
C ILE A 22 -3.50 -4.64 -3.40
N ASN A 23 -3.70 -5.87 -2.97
CA ASN A 23 -3.44 -7.03 -3.82
C ASN A 23 -4.39 -7.06 -5.02
N LYS A 24 -5.54 -6.43 -4.89
CA LYS A 24 -6.53 -6.38 -5.96
C LYS A 24 -6.24 -5.24 -6.92
N LEU A 25 -5.28 -4.40 -6.55
CA LEU A 25 -4.94 -3.23 -7.34
C LEU A 25 -3.93 -3.57 -8.42
N PRO A 26 -4.14 -3.02 -9.63
CA PRO A 26 -3.23 -3.21 -10.76
C PRO A 26 -2.02 -2.29 -10.71
N GLY A 27 -1.02 -2.57 -11.55
CA GLY A 27 0.26 -1.86 -11.50
C GLY A 27 0.13 -0.34 -11.49
N GLU A 28 -0.71 0.20 -12.35
CA GLU A 28 -0.88 1.65 -12.48
C GLU A 28 -1.21 2.29 -11.14
N LYS A 29 -2.21 1.75 -10.46
CA LYS A 29 -2.60 2.26 -9.16
C LYS A 29 -1.59 1.88 -8.09
N LEU A 30 -0.96 0.71 -8.28
CA LEU A 30 0.03 0.22 -7.35
C LEU A 30 1.23 1.17 -7.32
N GLY A 31 1.43 1.92 -8.41
CA GLY A 31 2.48 2.92 -8.44
C GLY A 31 2.25 4.00 -7.39
N ARG A 32 0.99 4.40 -7.23
CA ARG A 32 0.62 5.36 -6.20
C ARG A 32 0.79 4.75 -4.83
N VAL A 33 0.38 3.49 -4.71
CA VAL A 33 0.48 2.76 -3.44
C VAL A 33 1.92 2.69 -2.95
N VAL A 34 2.79 2.14 -3.78
CA VAL A 34 4.19 1.95 -3.41
C VAL A 34 4.88 3.29 -3.22
N HIS A 35 4.40 4.31 -3.93
CA HIS A 35 4.93 5.67 -3.79
C HIS A 35 4.57 6.22 -2.41
N ILE A 36 3.35 5.97 -1.97
CA ILE A 36 2.90 6.39 -0.65
C ILE A 36 3.73 5.70 0.43
N ILE A 37 3.97 4.41 0.24
CA ILE A 37 4.73 3.63 1.21
C ILE A 37 6.18 4.10 1.29
N GLN A 38 6.89 4.08 0.17
CA GLN A 38 8.32 4.39 0.17
C GLN A 38 8.62 5.82 0.61
N SER A 39 7.70 6.73 0.38
CA SER A 39 7.93 8.13 0.72
C SER A 39 7.48 8.45 2.14
N ARG A 40 6.49 7.74 2.66
CA ARG A 40 6.15 7.88 4.06
C ARG A 40 7.10 7.05 4.90
N GLU A 41 7.68 6.05 4.27
CA GLU A 41 8.68 5.23 4.92
C GLU A 41 9.98 5.19 4.10
N PRO A 42 10.67 6.33 3.95
CA PRO A 42 11.98 6.39 3.25
C PRO A 42 12.99 5.38 3.79
N SER A 43 12.73 4.86 4.98
CA SER A 43 13.56 3.82 5.57
C SER A 43 13.45 2.52 4.77
N LEU A 44 12.37 2.38 4.01
CA LEU A 44 12.16 1.21 3.16
C LEU A 44 12.63 1.50 1.74
N LYS A 45 13.76 2.17 1.62
CA LYS A 45 14.26 2.61 0.31
C LYS A 45 14.80 1.43 -0.50
N ASN A 46 15.03 0.31 0.15
CA ASN A 46 15.56 -0.87 -0.52
C ASN A 46 14.43 -1.83 -0.90
N SER A 47 13.28 -1.28 -1.26
CA SER A 47 12.19 -2.09 -1.74
C SER A 47 12.39 -2.42 -3.21
N ASN A 48 13.07 -3.54 -3.47
CA ASN A 48 13.37 -3.98 -4.83
C ASN A 48 12.08 -4.24 -5.58
N PRO A 49 11.89 -3.56 -6.73
CA PRO A 49 10.65 -3.62 -7.52
C PRO A 49 10.20 -5.03 -7.87
N ASP A 50 11.11 -5.99 -7.85
CA ASP A 50 10.79 -7.36 -8.24
C ASP A 50 10.02 -8.06 -7.12
N GLU A 51 10.36 -7.77 -5.88
CA GLU A 51 9.75 -8.42 -4.74
C GLU A 51 9.59 -7.41 -3.59
N ILE A 52 8.60 -6.55 -3.70
CA ILE A 52 8.37 -5.53 -2.69
C ILE A 52 7.53 -6.07 -1.53
N GLU A 53 8.03 -5.86 -0.32
CA GLU A 53 7.34 -6.30 0.89
C GLU A 53 6.64 -5.12 1.56
N ILE A 54 5.32 -5.19 1.66
CA ILE A 54 4.58 -4.22 2.46
C ILE A 54 4.45 -4.73 3.88
N ASP A 55 5.18 -4.11 4.79
CA ASP A 55 5.12 -4.50 6.19
C ASP A 55 4.31 -3.49 6.98
N PHE A 56 3.06 -3.83 7.22
CA PHE A 56 2.10 -2.91 7.83
C PHE A 56 2.44 -2.60 9.28
N GLU A 57 3.33 -3.37 9.87
CA GLU A 57 3.72 -3.16 11.25
C GLU A 57 4.71 -2.03 11.37
N THR A 58 5.58 -1.91 10.38
CA THR A 58 6.52 -0.82 10.34
C THR A 58 5.85 0.44 9.80
N LEU A 59 4.76 0.25 9.07
CA LEU A 59 4.03 1.36 8.46
C LEU A 59 3.38 2.24 9.52
N LYS A 60 3.52 3.54 9.33
CA LYS A 60 2.93 4.51 10.22
C LYS A 60 1.42 4.62 9.96
N PRO A 61 0.61 4.89 10.98
CA PRO A 61 -0.83 5.14 10.82
C PRO A 61 -1.16 6.03 9.62
N SER A 62 -0.35 7.06 9.41
CA SER A 62 -0.55 7.98 8.30
C SER A 62 -0.51 7.24 6.96
N THR A 63 0.53 6.42 6.77
CA THR A 63 0.69 5.64 5.55
C THR A 63 -0.48 4.68 5.40
N LEU A 64 -0.79 3.97 6.47
CA LEU A 64 -1.89 3.02 6.49
C LEU A 64 -3.21 3.71 6.11
N ARG A 65 -3.37 4.95 6.55
CA ARG A 65 -4.57 5.72 6.26
C ARG A 65 -4.59 6.13 4.79
N GLU A 66 -3.51 6.74 4.31
CA GLU A 66 -3.46 7.24 2.94
C GLU A 66 -3.56 6.09 1.95
N LEU A 67 -2.93 4.98 2.27
CA LEU A 67 -3.00 3.79 1.45
C LEU A 67 -4.44 3.30 1.33
N GLU A 68 -5.07 3.01 2.47
CA GLU A 68 -6.44 2.50 2.48
C GLU A 68 -7.39 3.48 1.80
N ARG A 69 -7.27 4.77 2.14
CA ARG A 69 -8.13 5.79 1.56
C ARG A 69 -8.01 5.79 0.04
N TYR A 70 -6.84 5.41 -0.45
CA TYR A 70 -6.58 5.37 -1.87
C TYR A 70 -7.08 4.07 -2.50
N VAL A 71 -6.75 2.94 -1.90
CA VAL A 71 -7.13 1.64 -2.46
C VAL A 71 -8.65 1.52 -2.57
N THR A 72 -9.33 2.07 -1.58
CA THR A 72 -10.78 2.04 -1.53
C THR A 72 -11.37 2.91 -2.61
N SER A 73 -10.76 4.08 -2.84
CA SER A 73 -11.24 5.00 -3.85
C SER A 73 -11.08 4.40 -5.25
N CYS A 74 -10.21 3.40 -5.38
CA CYS A 74 -10.00 2.76 -6.66
C CYS A 74 -10.94 1.55 -6.81
N LEU A 75 -10.92 0.65 -5.84
CA LEU A 75 -11.65 -0.61 -5.96
C LEU A 75 -13.15 -0.44 -5.71
N ARG A 76 -13.51 0.44 -4.79
CA ARG A 76 -14.92 0.67 -4.48
C ARG A 76 -15.58 1.48 -5.59
N LYS A 77 -14.76 1.96 -6.50
CA LYS A 77 -15.23 2.70 -7.66
C LYS A 77 -15.14 1.83 -8.91
N LYS A 78 -13.99 1.19 -9.08
CA LYS A 78 -13.69 0.43 -10.28
C LYS A 78 -13.09 -0.94 -9.94
N ARG A 79 -13.95 -1.93 -9.74
CA ARG A 79 -13.47 -3.30 -9.57
C ARG A 79 -13.06 -3.85 -10.93
N LYS A 80 -11.89 -4.50 -10.97
CA LYS A 80 -11.28 -4.92 -12.23
C LYS A 80 -11.02 -3.71 -13.12
N PRO A 81 -10.05 -2.86 -12.77
CA PRO A 81 -9.72 -1.64 -13.51
C PRO A 81 -8.98 -1.90 -14.81
N GLN A 82 -9.40 -2.93 -15.54
CA GLN A 82 -8.78 -3.27 -16.82
C GLN A 82 -9.16 -2.23 -17.88
N ALA A 83 -10.37 -1.72 -17.76
CA ALA A 83 -10.84 -0.67 -18.64
C ALA A 83 -10.82 0.66 -17.91
N ASN B 1 -2.17 -13.41 17.33
CA ASN B 1 -1.42 -13.62 16.08
C ASN B 1 -0.51 -12.43 15.80
N LEU B 2 0.79 -12.64 15.90
CA LEU B 2 1.75 -11.57 15.68
C LEU B 2 2.12 -11.50 14.20
N GLN B 3 2.15 -12.65 13.55
CA GLN B 3 2.43 -12.72 12.12
C GLN B 3 1.33 -12.04 11.33
N SER B 4 1.69 -11.00 10.59
CA SER B 4 0.72 -10.20 9.87
C SER B 4 0.70 -10.58 8.39
N SER B 5 -0.24 -10.00 7.66
CA SER B 5 -0.36 -10.25 6.23
C SER B 5 0.58 -9.32 5.47
N ILE B 6 1.80 -9.78 5.24
CA ILE B 6 2.80 -8.99 4.54
C ILE B 6 2.67 -9.18 3.04
N VAL B 7 2.44 -8.09 2.34
CA VAL B 7 2.17 -8.14 0.90
C VAL B 7 3.47 -8.16 0.10
N LYS B 8 3.66 -9.23 -0.65
CA LYS B 8 4.83 -9.36 -1.52
C LYS B 8 4.40 -9.18 -2.98
N PHE B 9 4.20 -7.94 -3.38
CA PHE B 9 3.72 -7.66 -4.72
C PHE B 9 4.90 -7.45 -5.66
N LYS B 10 4.64 -7.63 -6.94
CA LYS B 10 5.65 -7.45 -7.97
C LYS B 10 5.38 -6.18 -8.73
N LYS B 11 6.42 -5.39 -8.97
CA LYS B 11 6.28 -4.14 -9.69
C LYS B 11 7.16 -4.14 -10.94
N PRO B 12 6.68 -4.78 -12.03
CA PRO B 12 7.43 -4.84 -13.29
C PRO B 12 7.41 -3.52 -14.04
N LEU B 13 6.48 -2.66 -13.65
CA LEU B 13 6.37 -1.33 -14.22
C LEU B 13 6.51 -0.28 -13.13
N PRO B 14 7.69 0.34 -13.02
CA PRO B 14 7.96 1.34 -11.99
C PRO B 14 7.36 2.70 -12.33
N LEU B 15 6.05 2.74 -12.55
CA LEU B 15 5.37 3.99 -12.83
C LEU B 15 4.71 4.53 -11.57
N THR B 16 4.24 5.76 -11.63
CA THR B 16 3.57 6.40 -10.51
C THR B 16 2.49 7.35 -11.02
N GLN B 17 1.68 7.87 -10.12
CA GLN B 17 0.66 8.84 -10.49
C GLN B 17 0.45 9.86 -9.37
N PRO B 18 0.84 11.10 -9.60
CA PRO B 18 0.65 12.19 -8.63
C PRO B 18 -0.69 12.90 -8.84
N GLY B 19 -1.74 12.10 -9.01
CA GLY B 19 -3.06 12.64 -9.24
C GLY B 19 -3.97 11.63 -9.89
N SER A 1 -0.08 18.63 12.70
CA SER A 1 0.32 18.09 14.01
C SER A 1 -0.79 17.27 14.64
N GLU A 2 -2.03 17.53 14.23
CA GLU A 2 -3.18 16.79 14.74
C GLU A 2 -3.60 15.69 13.79
N GLU A 3 -2.96 15.63 12.62
CA GLU A 3 -3.31 14.65 11.61
C GLU A 3 -3.04 13.24 12.13
N GLU A 4 -1.91 13.06 12.79
CA GLU A 4 -1.56 11.79 13.42
C GLU A 4 -2.60 11.36 14.46
N ASP A 5 -3.29 12.34 15.04
CA ASP A 5 -4.31 12.07 16.04
C ASP A 5 -5.64 11.73 15.37
N LYS A 6 -5.84 12.30 14.19
CA LYS A 6 -7.05 12.04 13.42
C LYS A 6 -6.97 10.67 12.77
N CYS A 7 -5.74 10.24 12.50
CA CYS A 7 -5.49 8.95 11.88
C CYS A 7 -5.30 7.89 12.95
N LYS A 8 -6.35 7.13 13.22
CA LYS A 8 -6.29 6.06 14.20
C LYS A 8 -5.55 4.85 13.63
N PRO A 9 -4.79 4.14 14.47
CA PRO A 9 -4.04 2.97 14.06
C PRO A 9 -4.96 1.84 13.58
N MET A 10 -4.59 1.22 12.48
CA MET A 10 -5.42 0.19 11.86
C MET A 10 -5.38 -1.09 12.69
N SER A 11 -6.56 -1.63 12.95
CA SER A 11 -6.68 -2.89 13.66
C SER A 11 -6.33 -4.04 12.72
N TYR A 12 -6.32 -5.27 13.24
CA TYR A 12 -5.90 -6.41 12.43
C TYR A 12 -6.79 -6.56 11.21
N GLU A 13 -8.10 -6.52 11.43
CA GLU A 13 -9.06 -6.66 10.32
C GLU A 13 -8.73 -5.67 9.23
N GLU A 14 -8.53 -4.44 9.64
CA GLU A 14 -8.32 -3.36 8.72
C GLU A 14 -7.06 -3.57 7.91
N LYS A 15 -5.99 -3.96 8.60
CA LYS A 15 -4.72 -4.28 7.94
C LYS A 15 -4.89 -5.42 6.95
N ARG A 16 -5.61 -6.46 7.35
CA ARG A 16 -5.90 -7.58 6.46
C ARG A 16 -6.66 -7.09 5.24
N GLN A 17 -7.68 -6.29 5.47
CA GLN A 17 -8.50 -5.74 4.39
C GLN A 17 -7.64 -4.94 3.44
N LEU A 18 -6.89 -4.03 4.02
CA LEU A 18 -5.99 -3.15 3.28
C LEU A 18 -5.04 -3.98 2.40
N SER A 19 -4.40 -4.97 3.00
CA SER A 19 -3.47 -5.82 2.27
C SER A 19 -4.17 -6.58 1.15
N LEU A 20 -5.44 -6.89 1.36
CA LEU A 20 -6.23 -7.60 0.37
C LEU A 20 -6.58 -6.68 -0.80
N ASP A 21 -6.96 -5.45 -0.48
CA ASP A 21 -7.31 -4.47 -1.50
C ASP A 21 -6.09 -4.07 -2.33
N ILE A 22 -4.94 -3.89 -1.68
CA ILE A 22 -3.72 -3.55 -2.38
C ILE A 22 -3.38 -4.62 -3.43
N ASN A 23 -3.56 -5.87 -3.04
CA ASN A 23 -3.22 -6.99 -3.91
C ASN A 23 -4.13 -7.03 -5.14
N LYS A 24 -5.35 -6.51 -5.00
CA LYS A 24 -6.29 -6.50 -6.11
C LYS A 24 -5.96 -5.37 -7.07
N LEU A 25 -5.29 -4.35 -6.54
CA LEU A 25 -4.93 -3.17 -7.32
C LEU A 25 -3.91 -3.51 -8.40
N PRO A 26 -4.14 -3.00 -9.61
CA PRO A 26 -3.24 -3.22 -10.74
C PRO A 26 -2.01 -2.31 -10.72
N GLY A 27 -1.04 -2.60 -11.60
CA GLY A 27 0.22 -1.86 -11.61
C GLY A 27 0.04 -0.35 -11.62
N GLU A 28 -0.89 0.12 -12.46
CA GLU A 28 -1.21 1.54 -12.57
C GLU A 28 -1.35 2.18 -11.20
N LYS A 29 -2.20 1.60 -10.38
CA LYS A 29 -2.51 2.15 -9.09
C LYS A 29 -1.46 1.76 -8.06
N LEU A 30 -0.84 0.59 -8.25
CA LEU A 30 0.23 0.15 -7.39
C LEU A 30 1.40 1.13 -7.43
N GLY A 31 1.54 1.81 -8.57
CA GLY A 31 2.54 2.85 -8.69
C GLY A 31 2.31 4.00 -7.71
N ARG A 32 1.05 4.22 -7.35
CA ARG A 32 0.72 5.22 -6.36
C ARG A 32 0.86 4.65 -4.96
N VAL A 33 0.37 3.42 -4.77
CA VAL A 33 0.46 2.74 -3.48
C VAL A 33 1.90 2.69 -2.98
N VAL A 34 2.78 2.15 -3.84
CA VAL A 34 4.18 2.01 -3.48
C VAL A 34 4.84 3.38 -3.30
N HIS A 35 4.34 4.36 -4.04
CA HIS A 35 4.82 5.73 -3.93
C HIS A 35 4.48 6.29 -2.55
N ILE A 36 3.29 5.96 -2.07
CA ILE A 36 2.85 6.38 -0.77
C ILE A 36 3.69 5.71 0.31
N ILE A 37 3.82 4.39 0.21
CA ILE A 37 4.59 3.61 1.18
C ILE A 37 6.02 4.12 1.29
N GLN A 38 6.75 4.09 0.18
CA GLN A 38 8.17 4.43 0.18
C GLN A 38 8.42 5.87 0.61
N SER A 39 7.50 6.77 0.28
CA SER A 39 7.70 8.19 0.57
C SER A 39 7.37 8.51 2.03
N ARG A 40 6.40 7.81 2.63
CA ARG A 40 6.12 8.00 4.05
C ARG A 40 7.08 7.20 4.89
N GLU A 41 7.61 6.14 4.31
CA GLU A 41 8.57 5.30 5.00
C GLU A 41 9.91 5.32 4.28
N PRO A 42 10.75 6.34 4.53
CA PRO A 42 12.04 6.50 3.84
C PRO A 42 13.01 5.36 4.11
N SER A 43 12.74 4.56 5.14
CA SER A 43 13.57 3.42 5.46
C SER A 43 13.25 2.27 4.50
N LEU A 44 12.04 2.28 3.96
CA LEU A 44 11.62 1.26 3.01
C LEU A 44 11.97 1.67 1.59
N LYS A 45 12.89 2.62 1.48
CA LYS A 45 13.34 3.10 0.17
C LYS A 45 14.26 2.06 -0.47
N ASN A 46 14.64 1.07 0.33
CA ASN A 46 15.50 -0.01 -0.13
C ASN A 46 14.70 -1.11 -0.82
N SER A 47 13.40 -0.87 -0.98
CA SER A 47 12.51 -1.86 -1.60
C SER A 47 12.84 -2.05 -3.06
N ASN A 48 13.61 -3.09 -3.37
CA ASN A 48 13.88 -3.45 -4.75
C ASN A 48 12.57 -3.77 -5.45
N PRO A 49 12.29 -3.07 -6.56
CA PRO A 49 11.01 -3.17 -7.30
C PRO A 49 10.65 -4.60 -7.65
N ASP A 50 11.66 -5.45 -7.78
CA ASP A 50 11.48 -6.83 -8.19
C ASP A 50 10.81 -7.65 -7.09
N GLU A 51 11.05 -7.25 -5.85
CA GLU A 51 10.55 -7.97 -4.68
C GLU A 51 10.17 -6.99 -3.59
N ILE A 52 9.03 -6.34 -3.75
CA ILE A 52 8.57 -5.36 -2.78
C ILE A 52 7.74 -6.02 -1.68
N GLU A 53 8.14 -5.76 -0.44
CA GLU A 53 7.44 -6.31 0.72
C GLU A 53 6.66 -5.21 1.43
N ILE A 54 5.41 -5.47 1.76
CA ILE A 54 4.63 -4.53 2.53
C ILE A 54 4.51 -5.02 3.97
N ASP A 55 5.18 -4.33 4.88
CA ASP A 55 5.13 -4.65 6.29
C ASP A 55 4.40 -3.56 7.07
N PHE A 56 3.12 -3.81 7.30
CA PHE A 56 2.23 -2.84 7.93
C PHE A 56 2.60 -2.59 9.39
N GLU A 57 3.50 -3.40 9.92
CA GLU A 57 3.90 -3.29 11.30
C GLU A 57 4.90 -2.17 11.52
N THR A 58 5.58 -1.77 10.45
CA THR A 58 6.45 -0.61 10.52
C THR A 58 5.75 0.61 9.96
N LEU A 59 4.78 0.35 9.09
CA LEU A 59 4.01 1.42 8.47
C LEU A 59 3.31 2.29 9.49
N LYS A 60 3.49 3.59 9.34
CA LYS A 60 2.88 4.56 10.24
C LYS A 60 1.39 4.66 9.95
N PRO A 61 0.57 4.95 10.98
CA PRO A 61 -0.87 5.18 10.83
C PRO A 61 -1.18 6.15 9.69
N SER A 62 -0.29 7.12 9.50
CA SER A 62 -0.41 8.09 8.42
C SER A 62 -0.43 7.36 7.07
N THR A 63 0.57 6.52 6.85
CA THR A 63 0.69 5.74 5.63
C THR A 63 -0.49 4.79 5.48
N LEU A 64 -0.79 4.06 6.55
CA LEU A 64 -1.88 3.11 6.55
C LEU A 64 -3.20 3.79 6.19
N ARG A 65 -3.37 5.02 6.65
CA ARG A 65 -4.56 5.80 6.37
C ARG A 65 -4.61 6.20 4.90
N GLU A 66 -3.50 6.77 4.40
CA GLU A 66 -3.43 7.23 3.03
C GLU A 66 -3.53 6.06 2.06
N LEU A 67 -2.89 4.95 2.42
CA LEU A 67 -2.96 3.74 1.63
C LEU A 67 -4.40 3.24 1.55
N GLU A 68 -5.02 3.02 2.71
CA GLU A 68 -6.40 2.54 2.77
C GLU A 68 -7.33 3.45 1.97
N ARG A 69 -7.23 4.75 2.22
CA ARG A 69 -8.06 5.74 1.54
C ARG A 69 -7.92 5.61 0.03
N TYR A 70 -6.70 5.35 -0.43
CA TYR A 70 -6.43 5.25 -1.85
C TYR A 70 -6.93 3.93 -2.42
N VAL A 71 -6.59 2.82 -1.79
CA VAL A 71 -6.93 1.50 -2.32
C VAL A 71 -8.45 1.33 -2.37
N THR A 72 -9.13 1.88 -1.39
CA THR A 72 -10.59 1.82 -1.35
C THR A 72 -11.19 2.76 -2.38
N SER A 73 -10.60 3.94 -2.54
CA SER A 73 -11.11 4.90 -3.51
C SER A 73 -10.98 4.36 -4.93
N CYS A 74 -10.10 3.36 -5.10
CA CYS A 74 -9.92 2.75 -6.41
C CYS A 74 -10.86 1.56 -6.59
N LEU A 75 -10.80 0.60 -5.66
CA LEU A 75 -11.57 -0.63 -5.80
C LEU A 75 -13.06 -0.41 -5.53
N ARG A 76 -13.38 0.48 -4.61
CA ARG A 76 -14.78 0.80 -4.33
C ARG A 76 -15.31 1.78 -5.39
N LYS A 77 -14.51 2.00 -6.42
CA LYS A 77 -14.92 2.76 -7.59
C LYS A 77 -14.92 1.83 -8.79
N LYS A 78 -13.82 1.11 -8.95
CA LYS A 78 -13.65 0.16 -10.03
C LYS A 78 -12.87 -1.04 -9.51
N ARG A 79 -13.58 -2.02 -8.95
CA ARG A 79 -12.94 -3.19 -8.37
C ARG A 79 -12.38 -4.11 -9.44
N LYS A 80 -12.86 -3.94 -10.66
CA LYS A 80 -12.31 -4.67 -11.79
C LYS A 80 -11.98 -3.70 -12.92
N PRO A 81 -10.75 -3.13 -12.90
CA PRO A 81 -10.30 -2.18 -13.90
C PRO A 81 -9.93 -2.87 -15.22
N GLN A 82 -9.03 -2.27 -15.97
CA GLN A 82 -8.58 -2.85 -17.24
C GLN A 82 -7.78 -4.13 -16.99
N ALA A 83 -7.23 -4.26 -15.79
CA ALA A 83 -6.48 -5.44 -15.42
C ALA A 83 -7.29 -6.31 -14.47
N ASN B 1 9.41 -10.88 14.24
CA ASN B 1 8.80 -11.44 13.02
C ASN B 1 7.41 -11.96 13.34
N LEU B 2 6.43 -11.54 12.55
CA LEU B 2 5.06 -11.99 12.71
C LEU B 2 4.34 -11.96 11.37
N GLN B 3 3.37 -12.83 11.20
CA GLN B 3 2.65 -12.93 9.95
C GLN B 3 1.35 -12.13 10.02
N SER B 4 1.47 -10.81 10.07
CA SER B 4 0.32 -9.94 10.02
C SER B 4 -0.38 -10.08 8.67
N SER B 5 0.43 -10.07 7.63
CA SER B 5 -0.02 -10.24 6.26
C SER B 5 1.19 -10.33 5.35
N ILE B 6 2.06 -9.31 5.44
CA ILE B 6 3.34 -9.29 4.74
C ILE B 6 3.15 -9.56 3.25
N VAL B 7 2.70 -8.55 2.53
CA VAL B 7 2.39 -8.68 1.12
C VAL B 7 3.65 -8.54 0.28
N LYS B 8 3.82 -9.43 -0.68
CA LYS B 8 4.90 -9.34 -1.64
C LYS B 8 4.32 -9.16 -3.03
N PHE B 9 4.66 -8.05 -3.68
CA PHE B 9 4.21 -7.84 -5.04
C PHE B 9 5.39 -7.45 -5.94
N LYS B 10 5.43 -8.03 -7.13
CA LYS B 10 6.49 -7.74 -8.07
C LYS B 10 6.13 -6.55 -8.93
N LYS B 11 6.88 -5.48 -8.80
CA LYS B 11 6.64 -4.29 -9.60
C LYS B 11 7.97 -3.77 -10.15
N PRO B 12 8.57 -4.51 -11.10
CA PRO B 12 9.91 -4.20 -11.62
C PRO B 12 9.99 -2.82 -12.25
N LEU B 13 8.84 -2.33 -12.70
CA LEU B 13 8.75 -1.00 -13.28
C LEU B 13 8.12 -0.03 -12.30
N PRO B 14 8.94 0.80 -11.63
CA PRO B 14 8.45 1.84 -10.74
C PRO B 14 7.72 2.95 -11.51
N LEU B 15 8.40 3.47 -12.51
CA LEU B 15 7.84 4.45 -13.41
C LEU B 15 8.66 4.49 -14.69
N THR B 16 7.99 4.66 -15.82
CA THR B 16 8.67 4.72 -17.10
C THR B 16 9.11 6.15 -17.39
N GLN B 17 10.33 6.49 -17.01
CA GLN B 17 10.83 7.83 -17.23
C GLN B 17 12.22 7.80 -17.86
N PRO B 18 12.27 7.63 -19.19
CA PRO B 18 13.51 7.79 -19.95
C PRO B 18 13.82 9.27 -20.18
N GLY B 19 12.82 10.11 -19.92
CA GLY B 19 12.98 11.53 -20.07
C GLY B 19 11.87 12.26 -19.33
N SER A 1 -14.63 14.09 9.49
CA SER A 1 -13.42 14.88 9.15
C SER A 1 -12.27 14.55 10.09
N GLU A 2 -12.56 14.45 11.38
CA GLU A 2 -11.54 14.26 12.38
C GLU A 2 -10.87 12.88 12.23
N GLU A 3 -11.63 11.89 11.80
CA GLU A 3 -11.08 10.55 11.57
C GLU A 3 -10.02 10.60 10.47
N GLU A 4 -10.25 11.44 9.47
CA GLU A 4 -9.37 11.52 8.32
C GLU A 4 -8.05 12.22 8.67
N ASP A 5 -8.15 13.34 9.39
CA ASP A 5 -6.97 14.13 9.70
C ASP A 5 -6.18 13.53 10.85
N LYS A 6 -6.87 12.93 11.81
CA LYS A 6 -6.22 12.40 12.99
C LYS A 6 -5.78 10.96 12.76
N CYS A 7 -6.57 10.22 11.99
CA CYS A 7 -6.22 8.86 11.58
C CYS A 7 -6.13 7.89 12.76
N LYS A 8 -7.18 7.11 12.95
CA LYS A 8 -7.19 6.04 13.94
C LYS A 8 -6.31 4.89 13.46
N PRO A 9 -5.61 4.23 14.40
CA PRO A 9 -4.74 3.09 14.08
C PRO A 9 -5.53 1.89 13.59
N MET A 10 -5.17 1.42 12.40
CA MET A 10 -5.87 0.32 11.75
C MET A 10 -5.87 -0.92 12.63
N SER A 11 -7.04 -1.46 12.89
CA SER A 11 -7.16 -2.70 13.64
C SER A 11 -6.72 -3.87 12.76
N TYR A 12 -6.67 -5.08 13.32
CA TYR A 12 -6.16 -6.23 12.58
C TYR A 12 -7.00 -6.45 11.31
N GLU A 13 -8.31 -6.47 11.46
CA GLU A 13 -9.22 -6.67 10.35
C GLU A 13 -8.96 -5.65 9.24
N GLU A 14 -8.73 -4.40 9.65
CA GLU A 14 -8.45 -3.34 8.70
C GLU A 14 -7.13 -3.59 7.98
N LYS A 15 -6.11 -3.96 8.73
CA LYS A 15 -4.81 -4.29 8.14
C LYS A 15 -4.95 -5.44 7.14
N ARG A 16 -5.71 -6.46 7.50
CA ARG A 16 -5.94 -7.59 6.60
C ARG A 16 -6.69 -7.12 5.36
N GLN A 17 -7.70 -6.29 5.55
CA GLN A 17 -8.45 -5.74 4.44
C GLN A 17 -7.54 -4.99 3.49
N LEU A 18 -6.65 -4.20 4.07
CA LEU A 18 -5.74 -3.36 3.30
C LEU A 18 -4.76 -4.20 2.49
N SER A 19 -4.29 -5.30 3.05
CA SER A 19 -3.44 -6.20 2.29
C SER A 19 -4.21 -6.81 1.13
N LEU A 20 -5.52 -6.92 1.31
CA LEU A 20 -6.39 -7.51 0.29
C LEU A 20 -6.77 -6.48 -0.78
N ASP A 21 -7.07 -5.26 -0.37
CA ASP A 21 -7.39 -4.20 -1.33
C ASP A 21 -6.17 -3.84 -2.17
N ILE A 22 -5.00 -3.76 -1.53
CA ILE A 22 -3.76 -3.52 -2.25
C ILE A 22 -3.54 -4.61 -3.30
N ASN A 23 -3.85 -5.84 -2.93
CA ASN A 23 -3.66 -6.97 -3.81
C ASN A 23 -4.65 -6.93 -4.97
N LYS A 24 -5.82 -6.35 -4.72
CA LYS A 24 -6.82 -6.11 -5.75
C LYS A 24 -6.30 -5.14 -6.80
N LEU A 25 -5.50 -4.19 -6.34
CA LEU A 25 -5.05 -3.10 -7.17
C LEU A 25 -4.09 -3.56 -8.25
N PRO A 26 -4.35 -3.14 -9.50
CA PRO A 26 -3.51 -3.45 -10.65
C PRO A 26 -2.25 -2.60 -10.70
N GLY A 27 -1.35 -2.92 -11.64
CA GLY A 27 -0.05 -2.29 -11.70
C GLY A 27 -0.09 -0.77 -11.67
N GLU A 28 -0.98 -0.18 -12.47
CA GLU A 28 -1.10 1.28 -12.57
C GLU A 28 -1.15 1.91 -11.18
N LYS A 29 -2.05 1.41 -10.36
CA LYS A 29 -2.31 1.98 -9.06
C LYS A 29 -1.25 1.58 -8.06
N LEU A 30 -0.57 0.46 -8.33
CA LEU A 30 0.51 0.02 -7.47
C LEU A 30 1.64 1.05 -7.47
N GLY A 31 1.73 1.79 -8.57
CA GLY A 31 2.71 2.85 -8.66
C GLY A 31 2.48 3.94 -7.63
N ARG A 32 1.21 4.21 -7.34
CA ARG A 32 0.87 5.20 -6.33
C ARG A 32 1.01 4.60 -4.93
N VAL A 33 0.59 3.36 -4.77
CA VAL A 33 0.67 2.67 -3.48
C VAL A 33 2.12 2.63 -2.98
N VAL A 34 3.01 2.12 -3.82
CA VAL A 34 4.42 2.02 -3.44
C VAL A 34 5.02 3.41 -3.24
N HIS A 35 4.50 4.38 -3.98
CA HIS A 35 4.94 5.76 -3.85
C HIS A 35 4.57 6.30 -2.48
N ILE A 36 3.37 5.97 -2.02
CA ILE A 36 2.91 6.39 -0.72
C ILE A 36 3.76 5.75 0.37
N ILE A 37 3.91 4.42 0.29
CA ILE A 37 4.66 3.69 1.30
C ILE A 37 6.10 4.19 1.39
N GLN A 38 6.83 4.14 0.27
CA GLN A 38 8.25 4.50 0.28
C GLN A 38 8.48 5.96 0.70
N SER A 39 7.54 6.84 0.37
CA SER A 39 7.71 8.26 0.65
C SER A 39 7.40 8.58 2.11
N ARG A 40 6.38 7.95 2.68
CA ARG A 40 6.08 8.14 4.10
C ARG A 40 7.08 7.39 4.95
N GLU A 41 7.61 6.32 4.40
CA GLU A 41 8.55 5.49 5.12
C GLU A 41 9.93 5.51 4.44
N PRO A 42 10.77 6.52 4.74
CA PRO A 42 12.12 6.62 4.17
C PRO A 42 13.02 5.47 4.62
N SER A 43 12.55 4.75 5.64
CA SER A 43 13.26 3.58 6.14
C SER A 43 13.01 2.37 5.25
N LEU A 44 12.08 2.53 4.30
CA LEU A 44 11.74 1.47 3.37
C LEU A 44 12.16 1.87 1.95
N LYS A 45 13.17 2.72 1.88
CA LYS A 45 13.65 3.22 0.58
C LYS A 45 14.34 2.11 -0.19
N ASN A 46 14.82 1.10 0.54
CA ASN A 46 15.55 -0.02 -0.06
C ASN A 46 14.58 -1.09 -0.58
N SER A 47 13.33 -0.70 -0.82
CA SER A 47 12.34 -1.61 -1.35
C SER A 47 12.58 -1.88 -2.83
N ASN A 48 13.36 -2.93 -3.12
CA ASN A 48 13.56 -3.37 -4.50
C ASN A 48 12.23 -3.60 -5.17
N PRO A 49 12.01 -2.96 -6.33
CA PRO A 49 10.78 -3.13 -7.12
C PRO A 49 10.54 -4.58 -7.50
N ASP A 50 11.56 -5.40 -7.35
CA ASP A 50 11.48 -6.82 -7.67
C ASP A 50 10.93 -7.62 -6.49
N GLU A 51 11.18 -7.16 -5.26
CA GLU A 51 10.71 -7.88 -4.07
C GLU A 51 10.19 -6.92 -3.00
N ILE A 52 9.17 -6.13 -3.34
CA ILE A 52 8.66 -5.13 -2.41
C ILE A 52 7.95 -5.76 -1.22
N GLU A 53 8.39 -5.40 -0.03
CA GLU A 53 7.80 -5.90 1.20
C GLU A 53 6.96 -4.81 1.85
N ILE A 54 5.71 -5.12 2.13
CA ILE A 54 4.87 -4.20 2.88
C ILE A 54 4.66 -4.72 4.29
N ASP A 55 5.29 -4.05 5.26
CA ASP A 55 5.13 -4.38 6.66
C ASP A 55 4.36 -3.30 7.39
N PHE A 56 3.09 -3.59 7.65
CA PHE A 56 2.16 -2.64 8.23
C PHE A 56 2.50 -2.33 9.69
N GLU A 57 3.39 -3.14 10.26
CA GLU A 57 3.78 -2.97 11.65
C GLU A 57 4.69 -1.77 11.82
N THR A 58 5.44 -1.42 10.79
CA THR A 58 6.30 -0.26 10.85
C THR A 58 5.60 0.95 10.25
N LEU A 59 4.69 0.68 9.31
CA LEU A 59 3.90 1.72 8.67
C LEU A 59 3.13 2.52 9.72
N LYS A 60 3.29 3.84 9.67
CA LYS A 60 2.55 4.73 10.57
C LYS A 60 1.09 4.76 10.17
N PRO A 61 0.16 4.92 11.14
CA PRO A 61 -1.28 5.09 10.85
C PRO A 61 -1.53 6.07 9.70
N SER A 62 -0.68 7.08 9.56
CA SER A 62 -0.78 8.03 8.47
C SER A 62 -0.69 7.32 7.11
N THR A 63 0.38 6.54 6.93
CA THR A 63 0.57 5.78 5.69
C THR A 63 -0.57 4.79 5.51
N LEU A 64 -0.88 4.06 6.58
CA LEU A 64 -1.94 3.08 6.55
C LEU A 64 -3.26 3.72 6.12
N ARG A 65 -3.51 4.93 6.60
CA ARG A 65 -4.72 5.65 6.26
C ARG A 65 -4.71 6.11 4.81
N GLU A 66 -3.61 6.73 4.39
CA GLU A 66 -3.52 7.25 3.03
C GLU A 66 -3.58 6.12 2.02
N LEU A 67 -2.98 4.99 2.38
CA LEU A 67 -3.07 3.79 1.57
C LEU A 67 -4.52 3.33 1.44
N GLU A 68 -5.17 3.12 2.59
CA GLU A 68 -6.56 2.72 2.62
C GLU A 68 -7.44 3.70 1.84
N ARG A 69 -7.17 5.00 2.02
CA ARG A 69 -7.93 6.05 1.36
C ARG A 69 -7.82 5.91 -0.15
N TYR A 70 -6.63 5.57 -0.61
CA TYR A 70 -6.35 5.46 -2.02
C TYR A 70 -6.95 4.19 -2.62
N VAL A 71 -6.74 3.06 -1.95
CA VAL A 71 -7.16 1.77 -2.49
C VAL A 71 -8.68 1.72 -2.60
N THR A 72 -9.36 2.21 -1.59
CA THR A 72 -10.82 2.19 -1.57
C THR A 72 -11.37 3.12 -2.63
N SER A 73 -10.64 4.20 -2.90
CA SER A 73 -11.04 5.15 -3.91
C SER A 73 -10.99 4.50 -5.29
N CYS A 74 -10.15 3.48 -5.44
CA CYS A 74 -10.03 2.79 -6.72
C CYS A 74 -11.01 1.61 -6.78
N LEU A 75 -11.04 0.84 -5.70
CA LEU A 75 -11.74 -0.44 -5.69
C LEU A 75 -13.22 -0.31 -5.37
N ARG A 76 -13.60 0.71 -4.63
CA ARG A 76 -15.02 0.93 -4.33
C ARG A 76 -15.69 1.63 -5.50
N LYS A 77 -14.96 1.73 -6.60
CA LYS A 77 -15.49 2.18 -7.87
C LYS A 77 -15.29 1.09 -8.91
N LYS A 78 -14.06 0.59 -8.99
CA LYS A 78 -13.71 -0.50 -9.89
C LYS A 78 -12.89 -1.53 -9.13
N ARG A 79 -13.48 -2.69 -8.89
CA ARG A 79 -12.81 -3.73 -8.10
C ARG A 79 -11.94 -4.62 -8.96
N LYS A 80 -12.10 -4.50 -10.27
CA LYS A 80 -11.26 -5.23 -11.21
C LYS A 80 -10.83 -4.33 -12.37
N PRO A 81 -9.97 -3.33 -12.08
CA PRO A 81 -9.48 -2.39 -13.09
C PRO A 81 -8.36 -2.99 -13.94
N GLN A 82 -8.59 -4.19 -14.45
CA GLN A 82 -7.60 -4.89 -15.24
C GLN A 82 -8.29 -5.90 -16.15
N ALA A 83 -7.62 -6.27 -17.23
CA ALA A 83 -8.14 -7.26 -18.16
C ALA A 83 -7.09 -8.33 -18.42
N ASN B 1 2.29 -10.60 18.55
CA ASN B 1 3.28 -9.53 18.26
C ASN B 1 4.02 -9.85 16.96
N LEU B 2 4.39 -8.80 16.22
CA LEU B 2 5.08 -8.95 14.95
C LEU B 2 4.33 -9.90 14.02
N GLN B 3 3.02 -9.70 13.92
CA GLN B 3 2.19 -10.57 13.09
C GLN B 3 0.88 -9.89 12.76
N SER B 4 0.80 -9.34 11.56
CA SER B 4 -0.44 -8.75 11.07
C SER B 4 -0.63 -9.12 9.60
N SER B 5 0.28 -8.66 8.76
CA SER B 5 0.23 -8.95 7.34
C SER B 5 1.49 -8.44 6.65
N ILE B 6 2.10 -9.30 5.84
CA ILE B 6 3.26 -8.90 5.06
C ILE B 6 3.00 -9.12 3.57
N VAL B 7 2.75 -8.02 2.87
CA VAL B 7 2.43 -8.09 1.46
C VAL B 7 3.68 -7.95 0.61
N LYS B 8 4.10 -9.03 0.01
CA LYS B 8 5.24 -9.05 -0.88
C LYS B 8 4.75 -9.12 -2.31
N PHE B 9 4.91 -8.02 -3.05
CA PHE B 9 4.47 -8.00 -4.43
C PHE B 9 5.62 -7.56 -5.33
N LYS B 10 5.58 -8.04 -6.56
CA LYS B 10 6.58 -7.66 -7.54
C LYS B 10 6.05 -6.52 -8.40
N LYS B 11 6.85 -5.48 -8.55
CA LYS B 11 6.48 -4.34 -9.35
C LYS B 11 7.18 -4.41 -10.71
N PRO B 12 6.48 -4.94 -11.73
CA PRO B 12 7.04 -5.15 -13.06
C PRO B 12 7.09 -3.87 -13.87
N LEU B 13 7.99 -2.97 -13.49
CA LEU B 13 8.19 -1.74 -14.24
C LEU B 13 8.82 -2.05 -15.60
N PRO B 14 8.10 -1.75 -16.69
CA PRO B 14 8.55 -2.06 -18.04
C PRO B 14 9.60 -1.07 -18.56
N LEU B 15 10.58 -0.76 -17.73
CA LEU B 15 11.62 0.18 -18.09
C LEU B 15 12.99 -0.48 -17.97
N THR B 16 13.10 -1.70 -18.47
CA THR B 16 14.37 -2.42 -18.45
C THR B 16 15.32 -1.80 -19.47
N GLN B 17 14.77 -1.39 -20.60
CA GLN B 17 15.54 -0.76 -21.65
C GLN B 17 14.79 0.46 -22.19
N PRO B 18 15.22 1.67 -21.77
CA PRO B 18 14.57 2.93 -22.17
C PRO B 18 14.33 2.99 -23.67
N GLY B 19 13.09 3.29 -24.05
CA GLY B 19 12.74 3.32 -25.46
C GLY B 19 11.25 3.27 -25.65
N SER A 1 2.07 15.65 15.19
CA SER A 1 1.52 15.22 16.49
C SER A 1 0.00 15.06 16.44
N GLU A 2 -0.69 15.93 15.72
CA GLU A 2 -2.14 15.88 15.67
C GLU A 2 -2.63 14.94 14.57
N GLU A 3 -1.77 14.71 13.58
CA GLU A 3 -2.11 13.84 12.46
C GLU A 3 -2.37 12.42 12.94
N GLU A 4 -1.49 11.94 13.81
CA GLU A 4 -1.60 10.60 14.38
C GLU A 4 -2.81 10.48 15.30
N ASP A 5 -3.29 11.61 15.82
CA ASP A 5 -4.47 11.62 16.66
C ASP A 5 -5.72 11.52 15.81
N LYS A 6 -5.68 12.16 14.65
CA LYS A 6 -6.80 12.11 13.71
C LYS A 6 -6.90 10.72 13.11
N CYS A 7 -5.78 10.24 12.60
CA CYS A 7 -5.72 8.93 11.95
C CYS A 7 -5.67 7.81 12.99
N LYS A 8 -6.81 7.19 13.23
CA LYS A 8 -6.88 6.05 14.15
C LYS A 8 -6.14 4.85 13.55
N PRO A 9 -5.48 4.07 14.41
CA PRO A 9 -4.67 2.92 13.99
C PRO A 9 -5.54 1.83 13.36
N MET A 10 -4.95 1.09 12.42
CA MET A 10 -5.67 0.01 11.74
C MET A 10 -5.56 -1.25 12.57
N SER A 11 -6.68 -1.79 12.99
CA SER A 11 -6.71 -3.04 13.74
C SER A 11 -6.26 -4.19 12.84
N TYR A 12 -6.12 -5.40 13.40
CA TYR A 12 -5.65 -6.53 12.61
C TYR A 12 -6.59 -6.75 11.42
N GLU A 13 -7.89 -6.75 11.69
CA GLU A 13 -8.90 -6.92 10.65
C GLU A 13 -8.64 -5.96 9.51
N GLU A 14 -8.43 -4.71 9.89
CA GLU A 14 -8.28 -3.64 8.94
C GLU A 14 -7.01 -3.83 8.11
N LYS A 15 -5.92 -4.13 8.79
CA LYS A 15 -4.64 -4.41 8.12
C LYS A 15 -4.78 -5.54 7.11
N ARG A 16 -5.56 -6.55 7.48
CA ARG A 16 -5.85 -7.66 6.58
C ARG A 16 -6.61 -7.16 5.36
N GLN A 17 -7.59 -6.31 5.60
CA GLN A 17 -8.37 -5.74 4.51
C GLN A 17 -7.48 -4.96 3.56
N LEU A 18 -6.56 -4.19 4.13
CA LEU A 18 -5.65 -3.35 3.35
C LEU A 18 -4.68 -4.21 2.53
N SER A 19 -4.23 -5.32 3.10
CA SER A 19 -3.37 -6.22 2.34
C SER A 19 -4.14 -6.84 1.18
N LEU A 20 -5.45 -6.94 1.34
CA LEU A 20 -6.30 -7.53 0.32
C LEU A 20 -6.62 -6.53 -0.79
N ASP A 21 -6.95 -5.29 -0.43
CA ASP A 21 -7.23 -4.26 -1.44
C ASP A 21 -5.99 -3.97 -2.29
N ILE A 22 -4.84 -3.86 -1.62
CA ILE A 22 -3.58 -3.59 -2.32
C ILE A 22 -3.28 -4.68 -3.33
N ASN A 23 -3.52 -5.93 -2.93
CA ASN A 23 -3.21 -7.06 -3.78
C ASN A 23 -4.15 -7.11 -4.98
N LYS A 24 -5.36 -6.58 -4.81
CA LYS A 24 -6.33 -6.53 -5.90
C LYS A 24 -5.95 -5.45 -6.90
N LEU A 25 -5.37 -4.37 -6.38
CA LEU A 25 -5.03 -3.21 -7.18
C LEU A 25 -4.12 -3.55 -8.35
N PRO A 26 -4.41 -2.96 -9.51
CA PRO A 26 -3.62 -3.14 -10.73
C PRO A 26 -2.34 -2.29 -10.72
N GLY A 27 -1.41 -2.65 -11.60
CA GLY A 27 -0.07 -2.09 -11.58
C GLY A 27 0.01 -0.58 -11.70
N GLU A 28 -0.98 0.03 -12.35
CA GLU A 28 -1.01 1.49 -12.49
C GLU A 28 -1.13 2.13 -11.11
N LYS A 29 -2.15 1.71 -10.38
CA LYS A 29 -2.45 2.28 -9.07
C LYS A 29 -1.41 1.83 -8.05
N LEU A 30 -0.81 0.68 -8.28
CA LEU A 30 0.25 0.19 -7.41
C LEU A 30 1.43 1.15 -7.46
N GLY A 31 1.56 1.87 -8.57
CA GLY A 31 2.57 2.90 -8.69
C GLY A 31 2.36 4.01 -7.67
N ARG A 32 1.11 4.30 -7.35
CA ARG A 32 0.80 5.30 -6.33
C ARG A 32 0.96 4.71 -4.93
N VAL A 33 0.49 3.48 -4.77
CA VAL A 33 0.60 2.79 -3.48
C VAL A 33 2.05 2.71 -3.04
N VAL A 34 2.91 2.20 -3.92
CA VAL A 34 4.32 2.07 -3.62
C VAL A 34 4.96 3.44 -3.40
N HIS A 35 4.43 4.45 -4.10
CA HIS A 35 4.89 5.82 -3.93
C HIS A 35 4.56 6.32 -2.54
N ILE A 36 3.36 6.01 -2.07
CA ILE A 36 2.94 6.42 -0.74
C ILE A 36 3.78 5.72 0.32
N ILE A 37 3.88 4.41 0.22
CA ILE A 37 4.62 3.63 1.19
C ILE A 37 6.07 4.10 1.26
N GLN A 38 6.79 4.04 0.14
CA GLN A 38 8.21 4.37 0.11
C GLN A 38 8.47 5.82 0.52
N SER A 39 7.56 6.72 0.18
CA SER A 39 7.76 8.14 0.47
C SER A 39 7.51 8.45 1.94
N ARG A 40 6.53 7.78 2.55
CA ARG A 40 6.29 7.97 3.99
C ARG A 40 7.31 7.18 4.78
N GLU A 41 7.74 6.07 4.22
CA GLU A 41 8.67 5.18 4.88
C GLU A 41 9.99 5.09 4.12
N PRO A 42 10.90 6.06 4.33
CA PRO A 42 12.19 6.08 3.61
C PRO A 42 13.07 4.90 3.97
N SER A 43 12.73 4.20 5.05
CA SER A 43 13.46 3.02 5.45
C SER A 43 13.11 1.84 4.53
N LEU A 44 11.99 1.96 3.84
CA LEU A 44 11.53 0.93 2.92
C LEU A 44 11.97 1.25 1.50
N LYS A 45 12.95 2.13 1.37
CA LYS A 45 13.47 2.52 0.07
C LYS A 45 14.23 1.36 -0.58
N ASN A 46 14.45 0.31 0.20
CA ASN A 46 15.18 -0.87 -0.27
C ASN A 46 14.22 -1.86 -0.95
N SER A 47 13.00 -1.42 -1.19
CA SER A 47 12.01 -2.26 -1.85
C SER A 47 12.33 -2.41 -3.34
N ASN A 48 13.08 -3.46 -3.65
CA ASN A 48 13.36 -3.80 -5.04
C ASN A 48 12.06 -4.14 -5.75
N PRO A 49 11.74 -3.40 -6.83
CA PRO A 49 10.44 -3.45 -7.52
C PRO A 49 9.92 -4.86 -7.81
N ASP A 50 10.81 -5.79 -8.11
CA ASP A 50 10.41 -7.15 -8.44
C ASP A 50 9.91 -7.91 -7.21
N GLU A 51 10.32 -7.45 -6.04
CA GLU A 51 9.99 -8.11 -4.78
C GLU A 51 9.69 -7.07 -3.71
N ILE A 52 8.55 -6.39 -3.85
CA ILE A 52 8.17 -5.38 -2.88
C ILE A 52 7.42 -6.01 -1.71
N GLU A 53 7.96 -5.83 -0.52
CA GLU A 53 7.36 -6.38 0.70
C GLU A 53 6.67 -5.27 1.47
N ILE A 54 5.41 -5.45 1.80
CA ILE A 54 4.69 -4.49 2.61
C ILE A 54 4.55 -4.99 4.04
N ASP A 55 5.26 -4.37 4.96
CA ASP A 55 5.14 -4.69 6.37
C ASP A 55 4.40 -3.59 7.12
N PHE A 56 3.11 -3.83 7.34
CA PHE A 56 2.23 -2.87 7.98
C PHE A 56 2.59 -2.67 9.45
N GLU A 57 3.55 -3.43 9.94
CA GLU A 57 3.95 -3.34 11.33
C GLU A 57 4.88 -2.15 11.56
N THR A 58 5.53 -1.69 10.50
CA THR A 58 6.38 -0.52 10.59
C THR A 58 5.66 0.70 10.02
N LEU A 59 4.70 0.44 9.15
CA LEU A 59 3.88 1.51 8.57
C LEU A 59 3.14 2.27 9.65
N LYS A 60 3.32 3.59 9.66
CA LYS A 60 2.62 4.45 10.61
C LYS A 60 1.15 4.58 10.23
N PRO A 61 0.24 4.77 11.20
CA PRO A 61 -1.19 5.01 10.92
C PRO A 61 -1.42 5.99 9.76
N SER A 62 -0.57 7.00 9.63
CA SER A 62 -0.66 7.95 8.53
C SER A 62 -0.58 7.25 7.19
N THR A 63 0.48 6.46 6.98
CA THR A 63 0.65 5.71 5.74
C THR A 63 -0.51 4.76 5.54
N LEU A 64 -0.87 4.04 6.60
CA LEU A 64 -1.96 3.09 6.56
C LEU A 64 -3.27 3.76 6.16
N ARG A 65 -3.47 4.99 6.64
CA ARG A 65 -4.68 5.74 6.35
C ARG A 65 -4.69 6.26 4.92
N GLU A 66 -3.55 6.80 4.48
CA GLU A 66 -3.44 7.32 3.12
C GLU A 66 -3.55 6.19 2.11
N LEU A 67 -2.94 5.05 2.43
CA LEU A 67 -3.06 3.87 1.60
C LEU A 67 -4.51 3.43 1.49
N GLU A 68 -5.13 3.20 2.65
CA GLU A 68 -6.53 2.75 2.70
C GLU A 68 -7.45 3.69 1.94
N ARG A 69 -7.28 4.99 2.16
CA ARG A 69 -8.09 6.00 1.49
C ARG A 69 -7.95 5.89 -0.03
N TYR A 70 -6.75 5.61 -0.49
CA TYR A 70 -6.48 5.54 -1.92
C TYR A 70 -6.97 4.24 -2.53
N VAL A 71 -6.67 3.12 -1.89
CA VAL A 71 -7.02 1.81 -2.45
C VAL A 71 -8.53 1.66 -2.59
N THR A 72 -9.25 2.22 -1.62
CA THR A 72 -10.69 2.12 -1.60
C THR A 72 -11.29 2.99 -2.69
N SER A 73 -10.63 4.10 -3.01
CA SER A 73 -11.12 5.00 -4.03
C SER A 73 -10.97 4.38 -5.42
N CYS A 74 -10.08 3.39 -5.55
CA CYS A 74 -9.90 2.71 -6.81
C CYS A 74 -10.83 1.50 -6.92
N LEU A 75 -10.79 0.64 -5.90
CA LEU A 75 -11.51 -0.64 -5.98
C LEU A 75 -13.00 -0.50 -5.71
N ARG A 76 -13.37 0.36 -4.77
CA ARG A 76 -14.79 0.51 -4.43
C ARG A 76 -15.50 1.39 -5.44
N LYS A 77 -14.73 1.94 -6.38
CA LYS A 77 -15.28 2.73 -7.45
C LYS A 77 -15.20 1.96 -8.76
N LYS A 78 -14.19 1.10 -8.89
CA LYS A 78 -14.02 0.24 -10.05
C LYS A 78 -13.55 -1.14 -9.64
N ARG A 79 -14.42 -2.14 -9.80
CA ARG A 79 -14.08 -3.52 -9.49
C ARG A 79 -13.18 -4.09 -10.58
N LYS A 80 -13.28 -3.52 -11.77
CA LYS A 80 -12.45 -3.92 -12.88
C LYS A 80 -11.95 -2.69 -13.62
N PRO A 81 -10.64 -2.42 -13.52
CA PRO A 81 -10.00 -1.25 -14.15
C PRO A 81 -10.40 -1.07 -15.62
N GLN A 82 -10.89 0.12 -15.93
CA GLN A 82 -11.25 0.46 -17.30
C GLN A 82 -10.22 1.41 -17.89
N ALA A 83 -10.24 1.54 -19.21
CA ALA A 83 -9.34 2.44 -19.91
C ALA A 83 -10.08 3.12 -21.04
N ASN B 1 7.99 -14.00 14.83
CA ASN B 1 7.31 -13.98 13.51
C ASN B 1 7.04 -12.55 13.06
N LEU B 2 6.16 -11.85 13.78
CA LEU B 2 5.79 -10.48 13.45
C LEU B 2 5.27 -10.41 12.01
N GLN B 3 4.27 -11.23 11.72
CA GLN B 3 3.70 -11.32 10.40
C GLN B 3 2.18 -11.22 10.46
N SER B 4 1.68 -9.99 10.48
CA SER B 4 0.24 -9.78 10.38
C SER B 4 -0.24 -10.11 8.98
N SER B 5 0.49 -9.58 7.99
CA SER B 5 0.20 -9.82 6.59
C SER B 5 1.25 -9.12 5.74
N ILE B 6 2.31 -9.84 5.41
CA ILE B 6 3.38 -9.27 4.60
C ILE B 6 3.05 -9.44 3.13
N VAL B 7 2.77 -8.33 2.46
CA VAL B 7 2.34 -8.36 1.08
C VAL B 7 3.52 -8.21 0.14
N LYS B 8 3.92 -9.32 -0.45
CA LYS B 8 4.92 -9.29 -1.50
C LYS B 8 4.24 -9.23 -2.85
N PHE B 9 4.19 -8.06 -3.45
CA PHE B 9 3.63 -7.96 -4.78
C PHE B 9 4.75 -7.76 -5.78
N LYS B 10 4.79 -8.64 -6.77
CA LYS B 10 5.84 -8.63 -7.77
C LYS B 10 5.53 -7.57 -8.82
N LYS B 11 6.07 -6.39 -8.63
CA LYS B 11 5.75 -5.25 -9.47
C LYS B 11 6.67 -5.21 -10.69
N PRO B 12 6.09 -5.08 -11.88
CA PRO B 12 6.85 -4.88 -13.10
C PRO B 12 7.23 -3.42 -13.29
N LEU B 13 8.07 -3.15 -14.28
CA LEU B 13 8.48 -1.78 -14.60
C LEU B 13 8.27 -1.52 -16.08
N PRO B 14 7.05 -1.14 -16.49
CA PRO B 14 6.75 -0.84 -17.88
C PRO B 14 7.60 0.30 -18.40
N LEU B 15 8.35 0.04 -19.48
CA LEU B 15 9.26 1.02 -20.01
C LEU B 15 8.54 2.00 -20.93
N THR B 16 7.25 2.17 -20.72
CA THR B 16 6.46 3.15 -21.43
C THR B 16 6.68 4.53 -20.82
N GLN B 17 7.90 5.04 -21.00
CA GLN B 17 8.35 6.29 -20.40
C GLN B 17 8.32 6.19 -18.87
N PRO B 18 9.18 5.34 -18.28
CA PRO B 18 9.23 5.14 -16.84
C PRO B 18 9.88 6.30 -16.12
N GLY B 19 9.22 6.78 -15.08
CA GLY B 19 9.74 7.89 -14.31
C GLY B 19 9.03 8.02 -12.99
N SER A 1 0.62 16.64 13.29
CA SER A 1 0.10 16.04 14.53
C SER A 1 -1.38 15.70 14.40
N GLU A 2 -2.17 16.70 14.00
CA GLU A 2 -3.62 16.57 13.92
C GLU A 2 -4.06 15.43 12.99
N GLU A 3 -3.37 15.29 11.86
CA GLU A 3 -3.74 14.30 10.86
C GLU A 3 -3.59 12.87 11.38
N GLU A 4 -2.40 12.53 11.86
CA GLU A 4 -2.13 11.16 12.28
C GLU A 4 -2.79 10.87 13.63
N ASP A 5 -3.07 11.91 14.41
CA ASP A 5 -3.82 11.75 15.65
C ASP A 5 -5.25 11.33 15.34
N LYS A 6 -5.78 11.87 14.26
CA LYS A 6 -7.12 11.53 13.81
C LYS A 6 -7.13 10.11 13.24
N CYS A 7 -5.98 9.68 12.75
CA CYS A 7 -5.85 8.36 12.17
C CYS A 7 -5.51 7.33 13.24
N LYS A 8 -6.51 6.61 13.71
CA LYS A 8 -6.30 5.56 14.70
C LYS A 8 -5.64 4.36 14.04
N PRO A 9 -4.71 3.72 14.77
CA PRO A 9 -3.92 2.61 14.25
C PRO A 9 -4.81 1.46 13.77
N MET A 10 -4.61 1.08 12.51
CA MET A 10 -5.41 0.02 11.89
C MET A 10 -5.25 -1.27 12.69
N SER A 11 -6.36 -1.93 12.98
CA SER A 11 -6.33 -3.19 13.70
C SER A 11 -5.93 -4.32 12.76
N TYR A 12 -5.74 -5.53 13.29
CA TYR A 12 -5.33 -6.65 12.46
C TYR A 12 -6.33 -6.86 11.32
N GLU A 13 -7.61 -6.84 11.67
CA GLU A 13 -8.69 -7.04 10.71
C GLU A 13 -8.59 -6.03 9.57
N GLU A 14 -8.35 -4.77 9.93
CA GLU A 14 -8.21 -3.71 8.96
C GLU A 14 -7.00 -3.92 8.07
N LYS A 15 -5.86 -4.24 8.70
CA LYS A 15 -4.62 -4.50 7.96
C LYS A 15 -4.80 -5.63 6.96
N ARG A 16 -5.52 -6.67 7.37
CA ARG A 16 -5.84 -7.78 6.48
C ARG A 16 -6.62 -7.27 5.28
N GLN A 17 -7.62 -6.43 5.54
CA GLN A 17 -8.44 -5.87 4.48
C GLN A 17 -7.59 -5.05 3.53
N LEU A 18 -6.67 -4.28 4.11
CA LEU A 18 -5.80 -3.41 3.32
C LEU A 18 -4.82 -4.22 2.47
N SER A 19 -4.27 -5.28 3.04
CA SER A 19 -3.41 -6.14 2.26
C SER A 19 -4.18 -6.79 1.11
N LEU A 20 -5.50 -6.91 1.28
CA LEU A 20 -6.34 -7.52 0.27
C LEU A 20 -6.72 -6.50 -0.82
N ASP A 21 -7.11 -5.28 -0.45
CA ASP A 21 -7.42 -4.25 -1.43
C ASP A 21 -6.20 -3.92 -2.29
N ILE A 22 -5.04 -3.82 -1.66
CA ILE A 22 -3.80 -3.57 -2.37
C ILE A 22 -3.54 -4.68 -3.39
N ASN A 23 -3.81 -5.91 -2.98
CA ASN A 23 -3.54 -7.06 -3.83
C ASN A 23 -4.53 -7.13 -5.01
N LYS A 24 -5.66 -6.44 -4.86
CA LYS A 24 -6.66 -6.38 -5.92
C LYS A 24 -6.33 -5.27 -6.91
N LEU A 25 -5.42 -4.38 -6.50
CA LEU A 25 -5.03 -3.24 -7.30
C LEU A 25 -4.01 -3.65 -8.36
N PRO A 26 -4.16 -3.10 -9.57
CA PRO A 26 -3.24 -3.37 -10.69
C PRO A 26 -1.95 -2.55 -10.61
N GLY A 27 -1.00 -2.84 -11.49
CA GLY A 27 0.30 -2.18 -11.46
C GLY A 27 0.20 -0.66 -11.53
N GLU A 28 -0.74 -0.17 -12.33
CA GLU A 28 -0.98 1.26 -12.48
C GLU A 28 -1.13 1.93 -11.12
N LYS A 29 -2.08 1.44 -10.36
CA LYS A 29 -2.41 2.02 -9.07
C LYS A 29 -1.38 1.61 -8.02
N LEU A 30 -0.77 0.44 -8.22
CA LEU A 30 0.31 -0.02 -7.35
C LEU A 30 1.44 1.00 -7.31
N GLY A 31 1.62 1.71 -8.42
CA GLY A 31 2.63 2.75 -8.48
C GLY A 31 2.39 3.82 -7.43
N ARG A 32 1.12 4.19 -7.26
CA ARG A 32 0.75 5.17 -6.26
C ARG A 32 0.84 4.59 -4.85
N VAL A 33 0.41 3.35 -4.70
CA VAL A 33 0.46 2.67 -3.41
C VAL A 33 1.89 2.63 -2.87
N VAL A 34 2.79 2.11 -3.68
CA VAL A 34 4.19 2.00 -3.28
C VAL A 34 4.81 3.38 -3.11
N HIS A 35 4.29 4.36 -3.86
CA HIS A 35 4.73 5.73 -3.73
C HIS A 35 4.39 6.26 -2.35
N ILE A 36 3.17 5.97 -1.90
CA ILE A 36 2.71 6.39 -0.60
C ILE A 36 3.56 5.76 0.49
N ILE A 37 3.85 4.47 0.32
CA ILE A 37 4.68 3.73 1.26
C ILE A 37 6.09 4.33 1.32
N GLN A 38 6.80 4.28 0.20
CA GLN A 38 8.21 4.69 0.18
C GLN A 38 8.39 6.18 0.51
N SER A 39 7.42 7.01 0.13
CA SER A 39 7.52 8.44 0.39
C SER A 39 7.32 8.74 1.87
N ARG A 40 6.39 8.02 2.51
CA ARG A 40 6.17 8.18 3.94
C ARG A 40 7.25 7.47 4.73
N GLU A 41 7.77 6.40 4.17
CA GLU A 41 8.78 5.60 4.83
C GLU A 41 10.09 5.60 4.04
N PRO A 42 10.93 6.65 4.19
CA PRO A 42 12.18 6.77 3.43
C PRO A 42 13.22 5.71 3.82
N SER A 43 12.92 4.96 4.89
CA SER A 43 13.80 3.88 5.33
C SER A 43 13.46 2.59 4.60
N LEU A 44 12.40 2.64 3.81
CA LEU A 44 12.00 1.50 3.00
C LEU A 44 12.36 1.73 1.54
N LYS A 45 13.37 2.56 1.32
CA LYS A 45 13.82 2.87 -0.04
C LYS A 45 14.64 1.71 -0.59
N ASN A 46 14.97 0.78 0.30
CA ASN A 46 15.72 -0.42 -0.07
C ASN A 46 14.80 -1.46 -0.70
N SER A 47 13.53 -1.12 -0.84
CA SER A 47 12.55 -2.01 -1.45
C SER A 47 12.80 -2.17 -2.94
N ASN A 48 13.46 -3.27 -3.32
CA ASN A 48 13.63 -3.59 -4.74
C ASN A 48 12.28 -3.67 -5.41
N PRO A 49 12.08 -2.89 -6.49
CA PRO A 49 10.84 -2.91 -7.27
C PRO A 49 10.53 -4.30 -7.82
N ASP A 50 11.50 -5.19 -7.73
CA ASP A 50 11.34 -6.56 -8.18
C ASP A 50 10.69 -7.40 -7.08
N GLU A 51 11.03 -7.13 -5.82
CA GLU A 51 10.53 -7.93 -4.70
C GLU A 51 10.08 -7.06 -3.54
N ILE A 52 9.04 -6.27 -3.76
CA ILE A 52 8.59 -5.33 -2.74
C ILE A 52 7.83 -6.04 -1.62
N GLU A 53 8.30 -5.83 -0.39
CA GLU A 53 7.69 -6.42 0.79
C GLU A 53 6.99 -5.34 1.60
N ILE A 54 5.67 -5.37 1.63
CA ILE A 54 4.89 -4.40 2.38
C ILE A 54 4.83 -4.77 3.85
N ASP A 55 5.50 -4.00 4.69
CA ASP A 55 5.50 -4.25 6.11
C ASP A 55 4.60 -3.25 6.84
N PHE A 56 3.38 -3.69 7.14
CA PHE A 56 2.38 -2.82 7.75
C PHE A 56 2.71 -2.50 9.21
N GLU A 57 3.72 -3.15 9.76
CA GLU A 57 4.09 -2.94 11.15
C GLU A 57 5.00 -1.74 11.28
N THR A 58 5.84 -1.53 10.28
CA THR A 58 6.69 -0.35 10.24
C THR A 58 5.88 0.87 9.81
N LEU A 59 4.90 0.61 8.96
CA LEU A 59 4.06 1.67 8.39
C LEU A 59 3.35 2.48 9.46
N LYS A 60 3.49 3.78 9.37
CA LYS A 60 2.84 4.70 10.28
C LYS A 60 1.34 4.75 9.99
N PRO A 61 0.50 5.02 11.00
CA PRO A 61 -0.94 5.17 10.79
C PRO A 61 -1.28 6.09 9.62
N SER A 62 -0.48 7.15 9.45
CA SER A 62 -0.68 8.08 8.34
C SER A 62 -0.58 7.35 7.00
N THR A 63 0.46 6.53 6.85
CA THR A 63 0.66 5.76 5.63
C THR A 63 -0.47 4.78 5.43
N LEU A 64 -0.80 4.05 6.50
CA LEU A 64 -1.87 3.07 6.46
C LEU A 64 -3.20 3.72 6.09
N ARG A 65 -3.40 4.96 6.55
CA ARG A 65 -4.62 5.69 6.25
C ARG A 65 -4.65 6.12 4.78
N GLU A 66 -3.55 6.68 4.30
CA GLU A 66 -3.50 7.14 2.91
C GLU A 66 -3.60 5.97 1.95
N LEU A 67 -2.93 4.88 2.29
CA LEU A 67 -3.02 3.65 1.52
C LEU A 67 -4.47 3.22 1.43
N GLU A 68 -5.09 3.02 2.60
CA GLU A 68 -6.51 2.65 2.66
C GLU A 68 -7.39 3.65 1.91
N ARG A 69 -7.10 4.93 2.08
CA ARG A 69 -7.90 5.99 1.46
C ARG A 69 -7.80 5.93 -0.05
N TYR A 70 -6.64 5.52 -0.53
CA TYR A 70 -6.38 5.46 -1.95
C TYR A 70 -6.96 4.19 -2.58
N VAL A 71 -6.72 3.05 -1.95
CA VAL A 71 -7.15 1.76 -2.50
C VAL A 71 -8.67 1.72 -2.60
N THR A 72 -9.34 2.28 -1.60
CA THR A 72 -10.79 2.29 -1.57
C THR A 72 -11.31 3.23 -2.64
N SER A 73 -10.60 4.32 -2.85
CA SER A 73 -10.95 5.30 -3.87
C SER A 73 -10.88 4.65 -5.26
N CYS A 74 -10.03 3.64 -5.41
CA CYS A 74 -9.90 2.97 -6.68
C CYS A 74 -10.88 1.81 -6.78
N LEU A 75 -10.86 0.91 -5.82
CA LEU A 75 -11.63 -0.33 -5.92
C LEU A 75 -13.12 -0.13 -5.66
N ARG A 76 -13.47 0.77 -4.75
CA ARG A 76 -14.88 0.97 -4.41
C ARG A 76 -15.59 1.77 -5.50
N LYS A 77 -14.82 2.22 -6.48
CA LYS A 77 -15.37 2.92 -7.62
C LYS A 77 -15.15 2.09 -8.89
N LYS A 78 -13.99 1.47 -8.97
CA LYS A 78 -13.61 0.65 -10.11
C LYS A 78 -12.77 -0.52 -9.65
N ARG A 79 -13.41 -1.61 -9.26
CA ARG A 79 -12.69 -2.81 -8.84
C ARG A 79 -12.30 -3.63 -10.07
N LYS A 80 -12.74 -3.19 -11.22
CA LYS A 80 -12.38 -3.80 -12.49
C LYS A 80 -11.44 -2.87 -13.26
N PRO A 81 -10.13 -3.04 -13.10
CA PRO A 81 -9.11 -2.19 -13.73
C PRO A 81 -9.35 -1.98 -15.22
N GLN A 82 -9.36 -0.73 -15.64
CA GLN A 82 -9.57 -0.39 -17.04
C GLN A 82 -8.24 -0.43 -17.79
N ALA A 83 -7.52 -1.52 -17.61
CA ALA A 83 -6.25 -1.69 -18.29
C ALA A 83 -6.40 -2.72 -19.41
N ASN B 1 9.08 -6.33 14.58
CA ASN B 1 8.65 -7.00 13.33
C ASN B 1 7.64 -8.10 13.65
N LEU B 2 6.44 -7.96 13.12
CA LEU B 2 5.41 -8.97 13.28
C LEU B 2 4.93 -9.41 11.91
N GLN B 3 4.90 -10.72 11.68
CA GLN B 3 4.48 -11.25 10.40
C GLN B 3 2.96 -11.30 10.29
N SER B 4 2.33 -10.13 10.44
CA SER B 4 0.90 -10.01 10.33
C SER B 4 0.45 -10.33 8.90
N SER B 5 0.76 -9.45 7.98
CA SER B 5 0.41 -9.64 6.59
C SER B 5 1.44 -8.94 5.70
N ILE B 6 2.64 -9.51 5.63
CA ILE B 6 3.69 -8.93 4.82
C ILE B 6 3.47 -9.25 3.35
N VAL B 7 2.88 -8.30 2.65
CA VAL B 7 2.48 -8.48 1.26
C VAL B 7 3.67 -8.38 0.32
N LYS B 8 3.77 -9.32 -0.62
CA LYS B 8 4.81 -9.27 -1.63
C LYS B 8 4.18 -8.98 -2.98
N PHE B 9 4.75 -8.04 -3.71
CA PHE B 9 4.31 -7.80 -5.08
C PHE B 9 5.48 -7.38 -5.95
N LYS B 10 5.45 -7.81 -7.20
CA LYS B 10 6.49 -7.48 -8.16
C LYS B 10 6.03 -6.29 -9.01
N LYS B 11 6.79 -5.20 -8.95
CA LYS B 11 6.43 -3.99 -9.67
C LYS B 11 7.21 -3.87 -10.99
N PRO B 12 6.57 -4.15 -12.12
CA PRO B 12 7.19 -4.06 -13.43
C PRO B 12 7.11 -2.64 -14.00
N LEU B 13 8.05 -1.80 -13.62
CA LEU B 13 8.07 -0.41 -14.05
C LEU B 13 8.77 -0.28 -15.40
N PRO B 14 8.03 0.13 -16.44
CA PRO B 14 8.61 0.32 -17.79
C PRO B 14 9.61 1.46 -17.82
N LEU B 15 10.88 1.12 -17.98
CA LEU B 15 11.95 2.11 -18.04
C LEU B 15 12.86 1.83 -19.23
N THR B 16 12.32 1.17 -20.25
CA THR B 16 13.07 0.81 -21.45
C THR B 16 14.29 -0.04 -21.08
N GLN B 17 14.07 -1.09 -20.31
CA GLN B 17 15.14 -1.99 -19.90
C GLN B 17 15.02 -3.33 -20.61
N PRO B 18 15.71 -3.49 -21.75
CA PRO B 18 15.68 -4.71 -22.52
C PRO B 18 16.78 -5.69 -22.10
N GLY B 19 16.91 -6.78 -22.83
CA GLY B 19 17.96 -7.74 -22.54
C GLY B 19 18.40 -8.47 -23.78
N SER A 1 -0.05 17.60 11.93
CA SER A 1 -0.50 18.20 13.21
C SER A 1 -1.64 17.38 13.83
N GLU A 2 -2.83 17.44 13.22
CA GLU A 2 -3.99 16.74 13.78
C GLU A 2 -4.16 15.35 13.19
N GLU A 3 -3.62 15.15 11.99
CA GLU A 3 -3.81 13.90 11.26
C GLU A 3 -3.25 12.71 12.05
N GLU A 4 -2.21 12.97 12.83
CA GLU A 4 -1.56 11.95 13.65
C GLU A 4 -2.52 11.38 14.70
N ASP A 5 -3.39 12.25 15.23
CA ASP A 5 -4.38 11.84 16.22
C ASP A 5 -5.65 11.35 15.53
N LYS A 6 -6.02 12.06 14.48
CA LYS A 6 -7.22 11.78 13.72
C LYS A 6 -7.17 10.39 13.10
N CYS A 7 -5.99 9.98 12.64
CA CYS A 7 -5.81 8.68 12.04
C CYS A 7 -5.40 7.65 13.08
N LYS A 8 -6.36 6.87 13.56
CA LYS A 8 -6.07 5.80 14.51
C LYS A 8 -5.33 4.66 13.83
N PRO A 9 -4.42 4.02 14.55
CA PRO A 9 -3.64 2.90 14.03
C PRO A 9 -4.53 1.73 13.63
N MET A 10 -4.38 1.30 12.39
CA MET A 10 -5.16 0.18 11.86
C MET A 10 -4.93 -1.06 12.72
N SER A 11 -6.00 -1.76 13.04
CA SER A 11 -5.89 -2.99 13.80
C SER A 11 -5.90 -4.18 12.82
N TYR A 12 -5.73 -5.40 13.34
CA TYR A 12 -5.42 -6.57 12.50
C TYR A 12 -6.39 -6.72 11.31
N GLU A 13 -7.69 -6.77 11.60
CA GLU A 13 -8.69 -6.92 10.54
C GLU A 13 -8.45 -5.92 9.43
N GLU A 14 -8.28 -4.68 9.81
CA GLU A 14 -8.14 -3.60 8.87
C GLU A 14 -6.91 -3.80 8.01
N LYS A 15 -5.81 -4.14 8.66
CA LYS A 15 -4.55 -4.43 7.97
C LYS A 15 -4.71 -5.55 6.97
N ARG A 16 -5.43 -6.59 7.36
CA ARG A 16 -5.72 -7.71 6.47
C ARG A 16 -6.52 -7.24 5.26
N GLN A 17 -7.53 -6.42 5.53
CA GLN A 17 -8.37 -5.91 4.46
C GLN A 17 -7.55 -5.02 3.52
N LEU A 18 -6.63 -4.26 4.09
CA LEU A 18 -5.77 -3.36 3.33
C LEU A 18 -4.79 -4.16 2.47
N SER A 19 -4.25 -5.24 3.01
CA SER A 19 -3.39 -6.10 2.23
C SER A 19 -4.16 -6.72 1.06
N LEU A 20 -5.47 -6.87 1.23
CA LEU A 20 -6.31 -7.46 0.21
C LEU A 20 -6.70 -6.43 -0.86
N ASP A 21 -7.08 -5.22 -0.46
CA ASP A 21 -7.42 -4.18 -1.44
C ASP A 21 -6.22 -3.82 -2.30
N ILE A 22 -5.05 -3.72 -1.67
CA ILE A 22 -3.81 -3.46 -2.41
C ILE A 22 -3.54 -4.57 -3.42
N ASN A 23 -3.78 -5.80 -3.00
CA ASN A 23 -3.52 -6.95 -3.85
C ASN A 23 -4.51 -7.03 -5.01
N LYS A 24 -5.68 -6.44 -4.83
CA LYS A 24 -6.70 -6.40 -5.87
C LYS A 24 -6.39 -5.30 -6.89
N LEU A 25 -5.60 -4.33 -6.46
CA LEU A 25 -5.24 -3.21 -7.31
C LEU A 25 -4.29 -3.63 -8.43
N PRO A 26 -4.51 -3.10 -9.64
CA PRO A 26 -3.64 -3.35 -10.79
C PRO A 26 -2.33 -2.55 -10.68
N GLY A 27 -1.34 -2.99 -11.45
CA GLY A 27 0.02 -2.48 -11.32
C GLY A 27 0.13 -0.98 -11.54
N GLU A 28 -0.82 -0.41 -12.26
CA GLU A 28 -0.85 1.03 -12.50
C GLU A 28 -1.03 1.78 -11.20
N LYS A 29 -2.06 1.39 -10.45
CA LYS A 29 -2.37 2.01 -9.17
C LYS A 29 -1.31 1.67 -8.13
N LEU A 30 -0.62 0.55 -8.35
CA LEU A 30 0.44 0.15 -7.44
C LEU A 30 1.58 1.17 -7.44
N GLY A 31 1.73 1.87 -8.55
CA GLY A 31 2.72 2.93 -8.64
C GLY A 31 2.46 4.03 -7.62
N ARG A 32 1.19 4.29 -7.35
CA ARG A 32 0.81 5.27 -6.35
C ARG A 32 0.90 4.69 -4.95
N VAL A 33 0.47 3.44 -4.79
CA VAL A 33 0.52 2.76 -3.50
C VAL A 33 1.95 2.71 -2.97
N VAL A 34 2.86 2.22 -3.80
CA VAL A 34 4.26 2.07 -3.41
C VAL A 34 4.89 3.44 -3.17
N HIS A 35 4.41 4.45 -3.90
CA HIS A 35 4.88 5.81 -3.72
C HIS A 35 4.50 6.31 -2.34
N ILE A 36 3.27 6.00 -1.92
CA ILE A 36 2.80 6.40 -0.61
C ILE A 36 3.61 5.71 0.47
N ILE A 37 3.90 4.43 0.27
CA ILE A 37 4.66 3.66 1.23
C ILE A 37 6.08 4.20 1.39
N GLN A 38 6.85 4.19 0.30
CA GLN A 38 8.26 4.55 0.36
C GLN A 38 8.48 6.01 0.77
N SER A 39 7.53 6.88 0.44
CA SER A 39 7.64 8.29 0.79
C SER A 39 7.33 8.54 2.27
N ARG A 40 6.38 7.81 2.82
CA ARG A 40 6.06 7.94 4.24
C ARG A 40 7.06 7.17 5.09
N GLU A 41 7.60 6.11 4.52
CA GLU A 41 8.62 5.34 5.18
C GLU A 41 9.97 5.51 4.48
N PRO A 42 10.70 6.61 4.76
CA PRO A 42 11.97 6.90 4.08
C PRO A 42 13.05 5.86 4.38
N SER A 43 12.81 5.05 5.40
CA SER A 43 13.74 3.99 5.76
C SER A 43 13.46 2.74 4.92
N LEU A 44 12.41 2.79 4.10
CA LEU A 44 12.09 1.73 3.18
C LEU A 44 12.42 2.16 1.75
N LYS A 45 13.33 3.13 1.63
CA LYS A 45 13.69 3.70 0.34
C LYS A 45 14.36 2.65 -0.55
N ASN A 46 14.98 1.66 0.07
CA ASN A 46 15.69 0.62 -0.66
C ASN A 46 14.81 -0.60 -0.88
N SER A 47 13.54 -0.38 -1.20
CA SER A 47 12.63 -1.47 -1.51
C SER A 47 12.86 -1.95 -2.94
N ASN A 48 13.46 -3.13 -3.08
CA ASN A 48 13.69 -3.74 -4.39
C ASN A 48 12.37 -3.88 -5.15
N PRO A 49 12.29 -3.28 -6.36
CA PRO A 49 11.10 -3.36 -7.22
C PRO A 49 10.78 -4.80 -7.64
N ASP A 50 11.69 -5.71 -7.33
CA ASP A 50 11.50 -7.13 -7.65
C ASP A 50 10.65 -7.80 -6.58
N GLU A 51 10.95 -7.51 -5.32
CA GLU A 51 10.25 -8.14 -4.22
C GLU A 51 9.85 -7.09 -3.20
N ILE A 52 8.90 -6.25 -3.54
CA ILE A 52 8.45 -5.22 -2.63
C ILE A 52 7.60 -5.83 -1.53
N GLU A 53 8.11 -5.72 -0.31
CA GLU A 53 7.46 -6.28 0.85
C GLU A 53 6.72 -5.17 1.61
N ILE A 54 5.41 -5.25 1.66
CA ILE A 54 4.65 -4.29 2.44
C ILE A 54 4.49 -4.81 3.86
N ASP A 55 5.19 -4.19 4.80
CA ASP A 55 5.07 -4.53 6.20
C ASP A 55 4.34 -3.44 6.96
N PHE A 56 3.06 -3.69 7.18
CA PHE A 56 2.15 -2.75 7.82
C PHE A 56 2.52 -2.53 9.28
N GLU A 57 3.45 -3.33 9.77
CA GLU A 57 3.86 -3.26 11.16
C GLU A 57 4.81 -2.10 11.40
N THR A 58 5.43 -1.62 10.33
CA THR A 58 6.31 -0.46 10.43
C THR A 58 5.62 0.78 9.87
N LEU A 59 4.74 0.55 8.89
CA LEU A 59 3.97 1.62 8.25
C LEU A 59 3.29 2.50 9.28
N LYS A 60 3.58 3.80 9.21
CA LYS A 60 2.97 4.76 10.11
C LYS A 60 1.47 4.88 9.84
N PRO A 61 0.66 5.25 10.84
CA PRO A 61 -0.78 5.42 10.67
C PRO A 61 -1.14 6.25 9.43
N SER A 62 -0.38 7.33 9.19
CA SER A 62 -0.60 8.16 8.02
C SER A 62 -0.57 7.31 6.75
N THR A 63 0.49 6.51 6.61
CA THR A 63 0.65 5.64 5.47
C THR A 63 -0.52 4.67 5.37
N LEU A 64 -0.80 3.99 6.47
CA LEU A 64 -1.88 3.03 6.53
C LEU A 64 -3.21 3.67 6.14
N ARG A 65 -3.42 4.91 6.59
CA ARG A 65 -4.64 5.63 6.30
C ARG A 65 -4.69 6.07 4.83
N GLU A 66 -3.59 6.65 4.35
CA GLU A 66 -3.54 7.18 3.00
C GLU A 66 -3.62 6.05 1.98
N LEU A 67 -2.93 4.95 2.27
CA LEU A 67 -3.02 3.75 1.47
C LEU A 67 -4.47 3.30 1.38
N GLU A 68 -5.08 3.10 2.55
CA GLU A 68 -6.48 2.69 2.62
C GLU A 68 -7.38 3.66 1.87
N ARG A 69 -7.10 4.95 1.99
CA ARG A 69 -7.94 5.97 1.34
C ARG A 69 -7.90 5.79 -0.17
N TYR A 70 -6.70 5.56 -0.69
CA TYR A 70 -6.48 5.49 -2.11
C TYR A 70 -7.01 4.18 -2.69
N VAL A 71 -6.75 3.07 -2.02
CA VAL A 71 -7.16 1.77 -2.52
C VAL A 71 -8.68 1.66 -2.57
N THR A 72 -9.34 2.24 -1.57
CA THR A 72 -10.78 2.19 -1.49
C THR A 72 -11.40 3.12 -2.51
N SER A 73 -10.75 4.26 -2.74
CA SER A 73 -11.23 5.21 -3.73
C SER A 73 -11.11 4.62 -5.14
N CYS A 74 -10.26 3.61 -5.29
CA CYS A 74 -10.09 2.96 -6.58
C CYS A 74 -11.05 1.77 -6.71
N LEU A 75 -11.00 0.84 -5.76
CA LEU A 75 -11.74 -0.42 -5.87
C LEU A 75 -13.22 -0.28 -5.56
N ARG A 76 -13.57 0.60 -4.64
CA ARG A 76 -14.97 0.77 -4.26
C ARG A 76 -15.70 1.66 -5.25
N LYS A 77 -14.97 2.11 -6.26
CA LYS A 77 -15.55 2.86 -7.36
C LYS A 77 -15.42 2.06 -8.66
N LYS A 78 -14.46 1.15 -8.68
CA LYS A 78 -14.22 0.32 -9.84
C LYS A 78 -13.38 -0.91 -9.44
N ARG A 79 -14.02 -2.08 -9.38
CA ARG A 79 -13.31 -3.30 -9.03
C ARG A 79 -12.47 -3.80 -10.20
N LYS A 80 -12.76 -3.27 -11.38
CA LYS A 80 -11.94 -3.53 -12.56
C LYS A 80 -11.41 -2.19 -13.09
N PRO A 81 -10.40 -1.63 -12.41
CA PRO A 81 -9.88 -0.30 -12.70
C PRO A 81 -9.26 -0.19 -14.08
N GLN A 82 -9.87 0.62 -14.93
CA GLN A 82 -9.35 0.86 -16.27
C GLN A 82 -8.51 2.13 -16.27
N ALA A 83 -8.94 3.11 -15.50
CA ALA A 83 -8.24 4.38 -15.39
C ALA A 83 -8.49 5.00 -14.02
N ASN B 1 8.60 -10.74 14.39
CA ASN B 1 7.23 -10.63 14.93
C ASN B 1 6.37 -9.70 14.08
N LEU B 2 6.65 -9.65 12.78
CA LEU B 2 5.92 -8.76 11.88
C LEU B 2 5.06 -9.55 10.90
N GLN B 3 4.81 -10.81 11.23
CA GLN B 3 4.03 -11.68 10.35
C GLN B 3 2.53 -11.48 10.57
N SER B 4 2.02 -10.36 10.09
CA SER B 4 0.59 -10.08 10.16
C SER B 4 -0.06 -10.31 8.80
N SER B 5 0.44 -9.58 7.80
CA SER B 5 -0.08 -9.68 6.45
C SER B 5 0.88 -9.01 5.48
N ILE B 6 2.09 -9.55 5.38
CA ILE B 6 3.12 -8.98 4.54
C ILE B 6 2.79 -9.20 3.07
N VAL B 7 2.68 -8.11 2.33
CA VAL B 7 2.33 -8.16 0.93
C VAL B 7 3.57 -8.11 0.06
N LYS B 8 3.89 -9.22 -0.57
CA LYS B 8 5.00 -9.26 -1.52
C LYS B 8 4.45 -9.09 -2.93
N PHE B 9 4.75 -7.96 -3.55
CA PHE B 9 4.32 -7.75 -4.91
C PHE B 9 5.50 -7.35 -5.78
N LYS B 10 5.46 -7.82 -7.02
CA LYS B 10 6.53 -7.56 -7.97
C LYS B 10 6.12 -6.42 -8.90
N LYS B 11 6.92 -5.36 -8.93
CA LYS B 11 6.58 -4.21 -9.73
C LYS B 11 7.55 -4.03 -10.88
N PRO B 12 7.17 -4.47 -12.09
CA PRO B 12 7.95 -4.21 -13.30
C PRO B 12 8.11 -2.71 -13.52
N LEU B 13 9.30 -2.29 -13.92
CA LEU B 13 9.60 -0.88 -14.07
C LEU B 13 8.95 -0.31 -15.32
N PRO B 14 8.01 0.63 -15.16
CA PRO B 14 7.39 1.33 -16.27
C PRO B 14 8.18 2.56 -16.67
N LEU B 15 8.09 2.95 -17.92
CA LEU B 15 8.79 4.13 -18.40
C LEU B 15 8.02 5.39 -18.01
N THR B 16 8.73 6.31 -17.37
CA THR B 16 8.12 7.55 -16.91
C THR B 16 7.97 8.52 -18.08
N GLN B 17 6.78 8.49 -18.69
CA GLN B 17 6.48 9.32 -19.85
C GLN B 17 7.42 8.98 -21.02
N PRO B 18 7.14 7.89 -21.74
CA PRO B 18 7.95 7.48 -22.88
C PRO B 18 7.61 8.28 -24.15
N GLY B 19 7.66 9.59 -24.02
CA GLY B 19 7.30 10.47 -25.12
C GLY B 19 7.14 11.90 -24.66
N SER A 1 3.12 13.82 15.64
CA SER A 1 2.33 13.82 16.90
C SER A 1 0.84 13.95 16.59
N GLU A 2 0.48 14.93 15.77
CA GLU A 2 -0.92 15.23 15.49
C GLU A 2 -1.57 14.10 14.69
N GLU A 3 -0.79 13.44 13.85
CA GLU A 3 -1.31 12.35 13.03
C GLU A 3 -1.81 11.21 13.91
N GLU A 4 -1.10 10.98 15.01
CA GLU A 4 -1.43 9.91 15.94
C GLU A 4 -2.79 10.17 16.61
N ASP A 5 -3.18 11.44 16.65
CA ASP A 5 -4.42 11.84 17.30
C ASP A 5 -5.58 11.78 16.32
N LYS A 6 -5.27 11.89 15.05
CA LYS A 6 -6.30 11.93 14.01
C LYS A 6 -6.48 10.55 13.38
N CYS A 7 -5.38 9.94 12.98
CA CYS A 7 -5.42 8.64 12.35
C CYS A 7 -4.98 7.55 13.32
N LYS A 8 -5.96 6.85 13.88
CA LYS A 8 -5.67 5.76 14.81
C LYS A 8 -5.10 4.56 14.06
N PRO A 9 -4.21 3.81 14.73
CA PRO A 9 -3.52 2.67 14.13
C PRO A 9 -4.49 1.57 13.72
N MET A 10 -4.45 1.21 12.45
CA MET A 10 -5.33 0.17 11.90
C MET A 10 -5.19 -1.12 12.68
N SER A 11 -6.31 -1.75 12.99
CA SER A 11 -6.29 -3.02 13.70
C SER A 11 -6.26 -4.17 12.69
N TYR A 12 -6.14 -5.41 13.19
CA TYR A 12 -5.78 -6.56 12.34
C TYR A 12 -6.67 -6.70 11.10
N GLU A 13 -7.99 -6.82 11.28
CA GLU A 13 -8.91 -7.00 10.18
C GLU A 13 -8.81 -5.89 9.14
N GLU A 14 -8.52 -4.68 9.60
CA GLU A 14 -8.36 -3.56 8.71
C GLU A 14 -7.10 -3.72 7.86
N LYS A 15 -6.03 -4.09 8.53
CA LYS A 15 -4.77 -4.38 7.86
C LYS A 15 -4.94 -5.51 6.85
N ARG A 16 -5.67 -6.54 7.25
CA ARG A 16 -5.94 -7.67 6.37
C ARG A 16 -6.73 -7.22 5.15
N GLN A 17 -7.73 -6.39 5.37
CA GLN A 17 -8.53 -5.88 4.28
C GLN A 17 -7.71 -4.96 3.38
N LEU A 18 -6.91 -4.11 4.00
CA LEU A 18 -6.05 -3.18 3.27
C LEU A 18 -5.07 -3.94 2.39
N SER A 19 -4.38 -4.92 2.98
CA SER A 19 -3.41 -5.73 2.26
C SER A 19 -4.08 -6.48 1.10
N LEU A 20 -5.33 -6.86 1.29
CA LEU A 20 -6.09 -7.52 0.23
C LEU A 20 -6.45 -6.53 -0.87
N ASP A 21 -6.87 -5.33 -0.48
CA ASP A 21 -7.20 -4.27 -1.45
C ASP A 21 -5.98 -3.89 -2.28
N ILE A 22 -4.83 -3.73 -1.63
CA ILE A 22 -3.59 -3.40 -2.32
C ILE A 22 -3.20 -4.49 -3.32
N ASN A 23 -3.50 -5.72 -2.98
CA ASN A 23 -3.08 -6.86 -3.78
C ASN A 23 -4.08 -7.05 -4.90
N LYS A 24 -5.27 -6.56 -4.64
CA LYS A 24 -6.34 -6.51 -5.60
C LYS A 24 -6.07 -5.43 -6.65
N LEU A 25 -5.41 -4.35 -6.24
CA LEU A 25 -5.08 -3.23 -7.14
C LEU A 25 -4.16 -3.66 -8.27
N PRO A 26 -4.38 -3.10 -9.47
CA PRO A 26 -3.56 -3.37 -10.64
C PRO A 26 -2.29 -2.51 -10.66
N GLY A 27 -1.37 -2.83 -11.57
CA GLY A 27 -0.06 -2.20 -11.60
C GLY A 27 -0.08 -0.68 -11.58
N GLU A 28 -0.94 -0.08 -12.42
CA GLU A 28 -1.06 1.37 -12.51
C GLU A 28 -1.16 2.01 -11.13
N LYS A 29 -2.14 1.55 -10.40
CA LYS A 29 -2.46 2.11 -9.10
C LYS A 29 -1.44 1.70 -8.06
N LEU A 30 -0.79 0.57 -8.30
CA LEU A 30 0.25 0.09 -7.40
C LEU A 30 1.43 1.05 -7.40
N GLY A 31 1.61 1.76 -8.52
CA GLY A 31 2.65 2.76 -8.61
C GLY A 31 2.44 3.88 -7.61
N ARG A 32 1.18 4.21 -7.35
CA ARG A 32 0.86 5.23 -6.37
C ARG A 32 0.97 4.66 -4.95
N VAL A 33 0.54 3.42 -4.78
CA VAL A 33 0.62 2.75 -3.49
C VAL A 33 2.06 2.69 -2.98
N VAL A 34 2.95 2.15 -3.78
CA VAL A 34 4.35 2.03 -3.40
C VAL A 34 4.97 3.41 -3.21
N HIS A 35 4.48 4.39 -3.98
CA HIS A 35 4.92 5.76 -3.85
C HIS A 35 4.56 6.30 -2.46
N ILE A 36 3.37 5.97 -2.01
CA ILE A 36 2.90 6.39 -0.71
C ILE A 36 3.73 5.73 0.39
N ILE A 37 3.96 4.43 0.23
CA ILE A 37 4.73 3.66 1.22
C ILE A 37 6.15 4.19 1.35
N GLN A 38 6.90 4.16 0.25
CA GLN A 38 8.31 4.54 0.28
C GLN A 38 8.50 5.98 0.75
N SER A 39 7.58 6.86 0.38
CA SER A 39 7.72 8.28 0.66
C SER A 39 7.35 8.60 2.11
N ARG A 40 6.37 7.88 2.66
CA ARG A 40 6.01 8.08 4.06
C ARG A 40 6.96 7.34 4.97
N GLU A 41 7.55 6.28 4.45
CA GLU A 41 8.50 5.48 5.20
C GLU A 41 9.89 5.55 4.57
N PRO A 42 10.69 6.58 4.88
CA PRO A 42 12.06 6.71 4.35
C PRO A 42 12.97 5.56 4.78
N SER A 43 12.52 4.80 5.77
CA SER A 43 13.26 3.64 6.23
C SER A 43 13.03 2.45 5.30
N LEU A 44 12.08 2.59 4.39
CA LEU A 44 11.76 1.54 3.43
C LEU A 44 12.23 1.95 2.04
N LYS A 45 13.28 2.76 1.99
CA LYS A 45 13.76 3.32 0.72
C LYS A 45 14.40 2.24 -0.15
N ASN A 46 14.85 1.15 0.47
CA ASN A 46 15.55 0.09 -0.26
C ASN A 46 14.60 -1.03 -0.65
N SER A 47 13.32 -0.73 -0.77
CA SER A 47 12.34 -1.72 -1.20
C SER A 47 12.49 -2.02 -2.69
N ASN A 48 13.15 -3.15 -3.00
CA ASN A 48 13.33 -3.58 -4.37
C ASN A 48 11.99 -3.69 -5.08
N PRO A 49 11.81 -2.96 -6.18
CA PRO A 49 10.58 -3.03 -7.00
C PRO A 49 10.31 -4.44 -7.51
N ASP A 50 11.33 -5.29 -7.41
CA ASP A 50 11.21 -6.67 -7.82
C ASP A 50 10.53 -7.51 -6.74
N GLU A 51 10.82 -7.22 -5.47
CA GLU A 51 10.30 -8.04 -4.37
C GLU A 51 9.80 -7.16 -3.22
N ILE A 52 8.82 -6.31 -3.49
CA ILE A 52 8.34 -5.37 -2.50
C ILE A 52 7.57 -6.08 -1.38
N GLU A 53 8.02 -5.85 -0.16
CA GLU A 53 7.37 -6.40 1.02
C GLU A 53 6.71 -5.28 1.80
N ILE A 54 5.39 -5.31 1.89
CA ILE A 54 4.66 -4.31 2.65
C ILE A 54 4.50 -4.76 4.09
N ASP A 55 5.20 -4.10 5.01
CA ASP A 55 5.07 -4.39 6.43
C ASP A 55 4.28 -3.30 7.13
N PHE A 56 3.00 -3.58 7.35
CA PHE A 56 2.07 -2.62 7.94
C PHE A 56 2.37 -2.39 9.42
N GLU A 57 3.39 -3.07 9.90
CA GLU A 57 3.75 -3.02 11.30
C GLU A 57 4.69 -1.86 11.56
N THR A 58 5.37 -1.43 10.52
CA THR A 58 6.26 -0.29 10.61
C THR A 58 5.59 0.94 10.02
N LEU A 59 4.76 0.70 9.00
CA LEU A 59 3.99 1.76 8.35
C LEU A 59 3.28 2.63 9.36
N LYS A 60 3.55 3.92 9.32
CA LYS A 60 2.93 4.87 10.23
C LYS A 60 1.43 4.93 9.96
N PRO A 61 0.61 5.26 10.97
CA PRO A 61 -0.84 5.41 10.79
C PRO A 61 -1.19 6.28 9.59
N SER A 62 -0.37 7.30 9.34
CA SER A 62 -0.55 8.17 8.20
C SER A 62 -0.54 7.34 6.91
N THR A 63 0.50 6.52 6.75
CA THR A 63 0.65 5.70 5.57
C THR A 63 -0.49 4.71 5.46
N LEU A 64 -0.82 4.05 6.56
CA LEU A 64 -1.89 3.08 6.60
C LEU A 64 -3.22 3.73 6.20
N ARG A 65 -3.41 4.98 6.59
CA ARG A 65 -4.64 5.70 6.28
C ARG A 65 -4.64 6.17 4.83
N GLU A 66 -3.52 6.75 4.38
CA GLU A 66 -3.40 7.21 2.99
C GLU A 66 -3.55 6.04 2.03
N LEU A 67 -2.86 4.95 2.33
CA LEU A 67 -2.95 3.74 1.54
C LEU A 67 -4.39 3.27 1.47
N GLU A 68 -5.01 3.07 2.64
CA GLU A 68 -6.39 2.61 2.72
C GLU A 68 -7.32 3.52 1.93
N ARG A 69 -7.18 4.83 2.15
CA ARG A 69 -8.03 5.81 1.48
C ARG A 69 -7.90 5.70 -0.04
N TYR A 70 -6.69 5.49 -0.51
CA TYR A 70 -6.43 5.39 -1.94
C TYR A 70 -6.93 4.07 -2.52
N VAL A 71 -6.61 2.97 -1.86
CA VAL A 71 -6.96 1.65 -2.38
C VAL A 71 -8.48 1.48 -2.41
N THR A 72 -9.15 2.04 -1.42
CA THR A 72 -10.61 1.96 -1.36
C THR A 72 -11.24 2.85 -2.41
N SER A 73 -10.67 4.03 -2.61
CA SER A 73 -11.20 4.97 -3.59
C SER A 73 -11.09 4.38 -5.00
N CYS A 74 -10.18 3.43 -5.18
CA CYS A 74 -10.01 2.80 -6.48
C CYS A 74 -10.92 1.58 -6.60
N LEU A 75 -10.90 0.72 -5.59
CA LEU A 75 -11.57 -0.58 -5.64
C LEU A 75 -13.05 -0.47 -5.33
N ARG A 76 -13.42 0.39 -4.39
CA ARG A 76 -14.82 0.53 -4.01
C ARG A 76 -15.57 1.35 -5.06
N LYS A 77 -14.82 1.90 -6.00
CA LYS A 77 -15.41 2.59 -7.13
C LYS A 77 -15.37 1.69 -8.36
N LYS A 78 -14.24 1.04 -8.57
CA LYS A 78 -14.06 0.13 -9.69
C LYS A 78 -13.34 -1.13 -9.22
N ARG A 79 -14.09 -2.22 -9.04
CA ARG A 79 -13.51 -3.48 -8.59
C ARG A 79 -12.53 -4.03 -9.62
N LYS A 80 -12.73 -3.67 -10.87
CA LYS A 80 -11.78 -4.01 -11.93
C LYS A 80 -11.42 -2.73 -12.70
N PRO A 81 -10.38 -2.02 -12.25
CA PRO A 81 -9.96 -0.74 -12.86
C PRO A 81 -9.41 -0.90 -14.28
N GLN A 82 -10.28 -1.28 -15.20
CA GLN A 82 -9.93 -1.38 -16.61
C GLN A 82 -10.12 -0.02 -17.28
N ALA A 83 -11.22 0.64 -16.93
CA ALA A 83 -11.56 1.96 -17.44
C ALA A 83 -11.65 1.96 -18.96
N ASN B 1 1.45 -6.28 15.48
CA ASN B 1 2.49 -5.43 16.11
C ASN B 1 3.90 -5.83 15.65
N LEU B 2 3.97 -6.77 14.71
CA LEU B 2 5.27 -7.23 14.21
C LEU B 2 5.11 -7.94 12.87
N GLN B 3 4.18 -8.88 12.79
CA GLN B 3 3.93 -9.62 11.55
C GLN B 3 2.44 -9.90 11.36
N SER B 4 1.62 -8.87 11.48
CA SER B 4 0.18 -8.99 11.26
C SER B 4 -0.09 -9.46 9.83
N SER B 5 0.48 -8.75 8.87
CA SER B 5 0.30 -9.09 7.47
C SER B 5 1.44 -8.54 6.62
N ILE B 6 2.05 -9.40 5.83
CA ILE B 6 3.12 -9.00 4.93
C ILE B 6 2.77 -9.28 3.49
N VAL B 7 2.88 -8.26 2.65
CA VAL B 7 2.48 -8.38 1.26
C VAL B 7 3.68 -8.24 0.32
N LYS B 8 4.13 -9.36 -0.21
CA LYS B 8 5.14 -9.35 -1.27
C LYS B 8 4.46 -9.29 -2.62
N PHE B 9 4.56 -8.17 -3.29
CA PHE B 9 4.03 -8.06 -4.63
C PHE B 9 5.14 -7.60 -5.58
N LYS B 10 5.18 -8.22 -6.75
CA LYS B 10 6.16 -7.86 -7.75
C LYS B 10 5.61 -6.74 -8.62
N LYS B 11 6.31 -5.63 -8.67
CA LYS B 11 5.86 -4.48 -9.44
C LYS B 11 6.54 -4.46 -10.79
N PRO B 12 5.81 -4.80 -11.87
CA PRO B 12 6.36 -4.86 -13.22
C PRO B 12 6.74 -3.47 -13.76
N LEU B 13 8.04 -3.23 -13.87
CA LEU B 13 8.52 -1.98 -14.44
C LEU B 13 8.13 -1.83 -15.90
N PRO B 14 8.33 -2.86 -16.76
CA PRO B 14 7.85 -2.83 -18.13
C PRO B 14 6.36 -3.15 -18.22
N LEU B 15 5.54 -2.25 -17.70
CA LEU B 15 4.10 -2.41 -17.69
C LEU B 15 3.58 -2.51 -19.13
N THR B 16 4.25 -1.80 -20.02
CA THR B 16 3.96 -1.90 -21.44
C THR B 16 5.18 -2.45 -22.18
N GLN B 17 5.23 -3.76 -22.34
CA GLN B 17 6.33 -4.43 -23.01
C GLN B 17 6.43 -4.02 -24.48
N PRO B 18 5.32 -4.07 -25.26
CA PRO B 18 5.33 -3.61 -26.66
C PRO B 18 5.24 -2.09 -26.77
N GLY B 19 5.85 -1.40 -25.81
CA GLY B 19 5.80 0.04 -25.78
C GLY B 19 6.82 0.60 -24.82
N SER A 1 -13.79 14.82 9.26
CA SER A 1 -12.65 15.71 9.51
C SER A 1 -11.66 15.08 10.49
N GLU A 2 -12.14 14.73 11.67
CA GLU A 2 -11.27 14.23 12.74
C GLU A 2 -10.68 12.87 12.40
N GLU A 3 -11.44 12.04 11.68
CA GLU A 3 -10.96 10.71 11.31
C GLU A 3 -9.78 10.82 10.34
N GLU A 4 -9.91 11.71 9.36
CA GLU A 4 -8.89 11.87 8.35
C GLU A 4 -7.66 12.57 8.91
N ASP A 5 -7.88 13.58 9.76
CA ASP A 5 -6.77 14.35 10.31
C ASP A 5 -5.96 13.53 11.30
N LYS A 6 -6.63 13.02 12.33
CA LYS A 6 -5.95 12.28 13.40
C LYS A 6 -5.50 10.91 12.90
N CYS A 7 -6.35 10.28 12.08
CA CYS A 7 -6.07 8.96 11.51
C CYS A 7 -6.03 7.89 12.60
N LYS A 8 -7.14 7.15 12.72
CA LYS A 8 -7.18 6.01 13.63
C LYS A 8 -6.24 4.90 13.15
N PRO A 9 -5.65 4.16 14.09
CA PRO A 9 -4.79 3.02 13.77
C PRO A 9 -5.60 1.85 13.23
N MET A 10 -5.06 1.17 12.23
CA MET A 10 -5.76 0.07 11.60
C MET A 10 -5.63 -1.20 12.43
N SER A 11 -6.76 -1.73 12.86
CA SER A 11 -6.77 -2.97 13.63
C SER A 11 -6.38 -4.15 12.75
N TYR A 12 -6.33 -5.35 13.32
CA TYR A 12 -5.84 -6.51 12.59
C TYR A 12 -6.66 -6.76 11.33
N GLU A 13 -7.98 -6.79 11.45
CA GLU A 13 -8.87 -6.99 10.31
C GLU A 13 -8.64 -5.92 9.25
N GLU A 14 -8.46 -4.68 9.71
CA GLU A 14 -8.23 -3.56 8.82
C GLU A 14 -6.92 -3.75 8.05
N LYS A 15 -5.89 -4.15 8.78
CA LYS A 15 -4.59 -4.42 8.16
C LYS A 15 -4.67 -5.57 7.16
N ARG A 16 -5.42 -6.61 7.52
CA ARG A 16 -5.62 -7.73 6.62
C ARG A 16 -6.39 -7.28 5.38
N GLN A 17 -7.41 -6.47 5.61
CA GLN A 17 -8.22 -5.95 4.51
C GLN A 17 -7.33 -5.13 3.58
N LEU A 18 -6.47 -4.32 4.18
CA LEU A 18 -5.62 -3.42 3.42
C LEU A 18 -4.58 -4.18 2.60
N SER A 19 -4.13 -5.31 3.11
CA SER A 19 -3.24 -6.15 2.34
C SER A 19 -3.99 -6.77 1.16
N LEU A 20 -5.30 -6.91 1.33
CA LEU A 20 -6.14 -7.50 0.31
C LEU A 20 -6.57 -6.46 -0.75
N ASP A 21 -6.87 -5.24 -0.32
CA ASP A 21 -7.24 -4.18 -1.26
C ASP A 21 -6.05 -3.82 -2.15
N ILE A 22 -4.87 -3.73 -1.57
CA ILE A 22 -3.67 -3.46 -2.36
C ILE A 22 -3.46 -4.57 -3.38
N ASN A 23 -3.70 -5.81 -2.96
CA ASN A 23 -3.55 -6.94 -3.86
C ASN A 23 -4.58 -6.90 -4.98
N LYS A 24 -5.74 -6.30 -4.70
CA LYS A 24 -6.78 -6.09 -5.71
C LYS A 24 -6.31 -5.10 -6.77
N LEU A 25 -5.42 -4.21 -6.37
CA LEU A 25 -5.01 -3.10 -7.21
C LEU A 25 -4.03 -3.53 -8.30
N PRO A 26 -4.26 -3.04 -9.52
CA PRO A 26 -3.40 -3.31 -10.67
C PRO A 26 -2.17 -2.39 -10.70
N GLY A 27 -1.24 -2.67 -11.61
CA GLY A 27 0.04 -1.96 -11.63
C GLY A 27 -0.08 -0.45 -11.65
N GLU A 28 -0.96 0.07 -12.48
CA GLU A 28 -1.19 1.52 -12.59
C GLU A 28 -1.32 2.17 -11.21
N LYS A 29 -2.21 1.61 -10.41
CA LYS A 29 -2.51 2.16 -9.10
C LYS A 29 -1.47 1.73 -8.08
N LEU A 30 -0.87 0.56 -8.29
CA LEU A 30 0.16 0.07 -7.41
C LEU A 30 1.37 1.00 -7.43
N GLY A 31 1.51 1.75 -8.53
CA GLY A 31 2.56 2.76 -8.61
C GLY A 31 2.39 3.84 -7.57
N ARG A 32 1.13 4.21 -7.31
CA ARG A 32 0.84 5.20 -6.28
C ARG A 32 0.98 4.59 -4.90
N VAL A 33 0.55 3.34 -4.76
CA VAL A 33 0.63 2.64 -3.48
C VAL A 33 2.06 2.57 -2.97
N VAL A 34 2.97 2.05 -3.80
CA VAL A 34 4.36 1.92 -3.42
C VAL A 34 4.99 3.30 -3.20
N HIS A 35 4.49 4.29 -3.95
CA HIS A 35 4.94 5.66 -3.80
C HIS A 35 4.58 6.20 -2.42
N ILE A 36 3.37 5.87 -1.96
CA ILE A 36 2.91 6.28 -0.66
C ILE A 36 3.77 5.67 0.44
N ILE A 37 4.01 4.38 0.32
CA ILE A 37 4.78 3.65 1.33
C ILE A 37 6.21 4.16 1.41
N GLN A 38 6.94 4.08 0.29
CA GLN A 38 8.36 4.44 0.29
C GLN A 38 8.58 5.91 0.68
N SER A 39 7.63 6.76 0.35
CA SER A 39 7.77 8.19 0.64
C SER A 39 7.49 8.49 2.12
N ARG A 40 6.48 7.83 2.69
CA ARG A 40 6.18 8.00 4.12
C ARG A 40 7.19 7.25 4.96
N GLU A 41 7.73 6.18 4.41
CA GLU A 41 8.69 5.37 5.10
C GLU A 41 10.04 5.39 4.36
N PRO A 42 10.83 6.46 4.53
CA PRO A 42 12.14 6.57 3.85
C PRO A 42 13.12 5.49 4.29
N SER A 43 12.80 4.82 5.40
CA SER A 43 13.61 3.72 5.88
C SER A 43 13.39 2.49 5.00
N LEU A 44 12.37 2.54 4.16
CA LEU A 44 12.05 1.45 3.26
C LEU A 44 12.39 1.81 1.83
N LYS A 45 13.30 2.76 1.65
CA LYS A 45 13.68 3.21 0.32
C LYS A 45 14.36 2.10 -0.48
N ASN A 46 15.08 1.22 0.21
CA ASN A 46 15.78 0.13 -0.45
C ASN A 46 14.85 -1.07 -0.65
N SER A 47 13.63 -0.81 -1.05
CA SER A 47 12.68 -1.86 -1.37
C SER A 47 12.90 -2.31 -2.81
N ASN A 48 13.62 -3.42 -2.98
CA ASN A 48 13.89 -3.99 -4.29
C ASN A 48 12.59 -4.17 -5.08
N PRO A 49 12.47 -3.46 -6.21
CA PRO A 49 11.22 -3.39 -6.99
C PRO A 49 10.63 -4.75 -7.34
N ASP A 50 11.48 -5.75 -7.53
CA ASP A 50 11.02 -7.07 -7.94
C ASP A 50 10.32 -7.79 -6.79
N GLU A 51 10.72 -7.47 -5.57
CA GLU A 51 10.17 -8.11 -4.39
C GLU A 51 10.00 -7.08 -3.28
N ILE A 52 8.94 -6.30 -3.39
CA ILE A 52 8.65 -5.28 -2.39
C ILE A 52 7.79 -5.83 -1.26
N GLU A 53 8.27 -5.66 -0.04
CA GLU A 53 7.56 -6.14 1.14
C GLU A 53 6.77 -5.01 1.78
N ILE A 54 5.48 -5.19 1.93
CA ILE A 54 4.70 -4.26 2.71
C ILE A 54 4.50 -4.80 4.13
N ASP A 55 5.17 -4.19 5.09
CA ASP A 55 5.01 -4.55 6.49
C ASP A 55 4.25 -3.47 7.24
N PHE A 56 2.97 -3.72 7.45
CA PHE A 56 2.06 -2.75 8.03
C PHE A 56 2.33 -2.52 9.52
N GLU A 57 3.29 -3.26 10.07
CA GLU A 57 3.63 -3.13 11.47
C GLU A 57 4.58 -1.96 11.70
N THR A 58 5.30 -1.58 10.65
CA THR A 58 6.20 -0.44 10.73
C THR A 58 5.52 0.79 10.16
N LEU A 59 4.59 0.56 9.24
CA LEU A 59 3.83 1.64 8.62
C LEU A 59 3.08 2.45 9.67
N LYS A 60 3.27 3.77 9.63
CA LYS A 60 2.55 4.67 10.53
C LYS A 60 1.08 4.73 10.13
N PRO A 61 0.15 4.92 11.09
CA PRO A 61 -1.27 5.12 10.79
C PRO A 61 -1.51 6.09 9.63
N SER A 62 -0.66 7.11 9.51
CA SER A 62 -0.73 8.04 8.40
C SER A 62 -0.63 7.31 7.05
N THR A 63 0.40 6.48 6.91
CA THR A 63 0.60 5.70 5.69
C THR A 63 -0.55 4.74 5.47
N LEU A 64 -0.93 4.05 6.54
CA LEU A 64 -2.02 3.11 6.51
C LEU A 64 -3.32 3.80 6.07
N ARG A 65 -3.48 5.05 6.49
CA ARG A 65 -4.66 5.83 6.13
C ARG A 65 -4.61 6.24 4.65
N GLU A 66 -3.49 6.81 4.22
CA GLU A 66 -3.34 7.22 2.82
C GLU A 66 -3.52 6.04 1.90
N LEU A 67 -2.93 4.91 2.29
CA LEU A 67 -3.07 3.68 1.54
C LEU A 67 -4.54 3.28 1.43
N GLU A 68 -5.20 3.09 2.57
CA GLU A 68 -6.60 2.68 2.59
C GLU A 68 -7.47 3.66 1.82
N ARG A 69 -7.27 4.94 2.05
CA ARG A 69 -8.05 5.99 1.38
C ARG A 69 -7.91 5.89 -0.13
N TYR A 70 -6.69 5.57 -0.57
CA TYR A 70 -6.41 5.48 -1.98
C TYR A 70 -6.97 4.22 -2.60
N VAL A 71 -6.73 3.08 -1.97
CA VAL A 71 -7.16 1.80 -2.52
C VAL A 71 -8.68 1.74 -2.62
N THR A 72 -9.36 2.28 -1.63
CA THR A 72 -10.80 2.26 -1.58
C THR A 72 -11.40 3.16 -2.66
N SER A 73 -10.69 4.23 -3.01
CA SER A 73 -11.16 5.13 -4.05
C SER A 73 -11.11 4.44 -5.41
N CYS A 74 -10.25 3.42 -5.53
CA CYS A 74 -10.10 2.70 -6.79
C CYS A 74 -11.04 1.49 -6.82
N LEU A 75 -11.06 0.75 -5.72
CA LEU A 75 -11.75 -0.53 -5.67
C LEU A 75 -13.23 -0.38 -5.38
N ARG A 76 -13.61 0.62 -4.60
CA ARG A 76 -15.02 0.88 -4.34
C ARG A 76 -15.64 1.61 -5.53
N LYS A 77 -14.81 1.90 -6.52
CA LYS A 77 -15.28 2.44 -7.78
C LYS A 77 -15.26 1.36 -8.85
N LYS A 78 -14.28 0.47 -8.74
CA LYS A 78 -14.16 -0.67 -9.65
C LYS A 78 -13.49 -1.83 -8.94
N ARG A 79 -14.28 -2.82 -8.55
CA ARG A 79 -13.74 -4.03 -7.93
C ARG A 79 -12.88 -4.81 -8.92
N LYS A 80 -11.57 -4.82 -8.67
CA LYS A 80 -10.60 -5.45 -9.56
C LYS A 80 -10.63 -4.78 -10.94
N PRO A 81 -9.99 -3.60 -11.06
CA PRO A 81 -9.95 -2.83 -12.30
C PRO A 81 -9.10 -3.51 -13.38
N GLN A 82 -9.75 -4.19 -14.30
CA GLN A 82 -9.07 -4.79 -15.44
C GLN A 82 -9.27 -3.94 -16.67
N ALA A 83 -8.29 -3.10 -16.97
CA ALA A 83 -8.37 -2.18 -18.09
C ALA A 83 -7.82 -2.82 -19.35
N ASN B 1 6.50 -11.51 17.51
CA ASN B 1 6.67 -11.26 16.06
C ASN B 1 6.07 -9.91 15.67
N LEU B 2 6.34 -9.48 14.46
CA LEU B 2 5.76 -8.26 13.93
C LEU B 2 5.26 -8.51 12.51
N GLN B 3 4.34 -9.44 12.38
CA GLN B 3 3.85 -9.87 11.07
C GLN B 3 2.34 -10.06 11.07
N SER B 4 1.61 -8.95 11.11
CA SER B 4 0.16 -9.01 11.04
C SER B 4 -0.29 -9.31 9.61
N SER B 5 0.41 -8.72 8.65
CA SER B 5 0.15 -8.94 7.24
C SER B 5 1.33 -8.43 6.40
N ILE B 6 1.81 -9.27 5.49
CA ILE B 6 2.93 -8.91 4.62
C ILE B 6 2.55 -9.10 3.16
N VAL B 7 2.61 -8.01 2.41
CA VAL B 7 2.30 -8.05 1.00
C VAL B 7 3.57 -8.01 0.17
N LYS B 8 3.90 -9.12 -0.46
CA LYS B 8 5.08 -9.21 -1.31
C LYS B 8 4.67 -9.07 -2.76
N PHE B 9 4.49 -7.84 -3.21
CA PHE B 9 4.07 -7.60 -4.58
C PHE B 9 5.28 -7.39 -5.47
N LYS B 10 5.10 -7.59 -6.76
CA LYS B 10 6.18 -7.42 -7.71
C LYS B 10 5.95 -6.19 -8.57
N LYS B 11 6.87 -5.24 -8.51
CA LYS B 11 6.77 -4.03 -9.30
C LYS B 11 7.57 -4.19 -10.59
N PRO B 12 6.87 -4.33 -11.73
CA PRO B 12 7.52 -4.49 -13.03
C PRO B 12 8.32 -3.26 -13.42
N LEU B 13 9.62 -3.44 -13.60
CA LEU B 13 10.49 -2.35 -14.00
C LEU B 13 10.94 -2.52 -15.44
N PRO B 14 10.40 -1.71 -16.36
CA PRO B 14 10.78 -1.75 -17.78
C PRO B 14 12.17 -1.14 -18.01
N LEU B 15 13.15 -1.71 -17.32
CA LEU B 15 14.53 -1.27 -17.42
C LEU B 15 15.43 -2.47 -17.21
N THR B 16 15.28 -3.11 -16.07
CA THR B 16 15.96 -4.36 -15.79
C THR B 16 15.27 -5.50 -16.54
N GLN B 17 13.95 -5.53 -16.43
CA GLN B 17 13.13 -6.46 -17.18
C GLN B 17 12.16 -5.69 -18.08
N PRO B 18 12.59 -5.34 -19.30
CA PRO B 18 11.79 -4.58 -20.26
C PRO B 18 10.38 -5.15 -20.45
N GLY B 19 10.28 -6.46 -20.47
CA GLY B 19 9.00 -7.12 -20.60
C GLY B 19 9.15 -8.52 -21.16
N SER A 1 1.11 13.75 18.66
CA SER A 1 -0.28 14.00 19.13
C SER A 1 -1.23 14.12 17.94
N GLU A 2 -0.93 15.04 17.04
CA GLU A 2 -1.81 15.35 15.92
C GLU A 2 -1.99 14.15 15.00
N GLU A 3 -0.97 13.30 14.93
CA GLU A 3 -0.98 12.14 14.04
C GLU A 3 -1.99 11.10 14.54
N GLU A 4 -1.97 10.83 15.83
CA GLU A 4 -2.88 9.86 16.44
C GLU A 4 -4.33 10.35 16.39
N ASP A 5 -4.50 11.67 16.38
CA ASP A 5 -5.82 12.27 16.28
C ASP A 5 -6.29 12.27 14.84
N LYS A 6 -5.35 12.39 13.92
CA LYS A 6 -5.66 12.44 12.50
C LYS A 6 -6.15 11.09 12.00
N CYS A 7 -5.57 10.03 12.52
CA CYS A 7 -5.97 8.68 12.13
C CYS A 7 -5.71 7.71 13.26
N LYS A 8 -6.68 6.82 13.49
CA LYS A 8 -6.51 5.76 14.46
C LYS A 8 -5.79 4.57 13.82
N PRO A 9 -4.95 3.88 14.60
CA PRO A 9 -4.15 2.78 14.11
C PRO A 9 -5.01 1.61 13.65
N MET A 10 -4.77 1.16 12.42
CA MET A 10 -5.52 0.06 11.83
C MET A 10 -5.34 -1.21 12.66
N SER A 11 -6.44 -1.83 13.02
CA SER A 11 -6.39 -3.07 13.78
C SER A 11 -5.98 -4.22 12.87
N TYR A 12 -5.83 -5.43 13.42
CA TYR A 12 -5.39 -6.56 12.63
C TYR A 12 -6.36 -6.79 11.48
N GLU A 13 -7.65 -6.82 11.81
CA GLU A 13 -8.70 -7.04 10.81
C GLU A 13 -8.54 -6.07 9.65
N GLU A 14 -8.35 -4.82 10.00
CA GLU A 14 -8.27 -3.76 9.04
C GLU A 14 -7.04 -3.90 8.17
N LYS A 15 -5.90 -4.17 8.82
CA LYS A 15 -4.64 -4.43 8.12
C LYS A 15 -4.80 -5.58 7.12
N ARG A 16 -5.55 -6.60 7.52
CA ARG A 16 -5.85 -7.72 6.65
C ARG A 16 -6.60 -7.24 5.42
N GLN A 17 -7.59 -6.40 5.63
CA GLN A 17 -8.38 -5.86 4.54
C GLN A 17 -7.50 -5.02 3.60
N LEU A 18 -6.59 -4.26 4.19
CA LEU A 18 -5.70 -3.37 3.44
C LEU A 18 -4.69 -4.18 2.62
N SER A 19 -4.32 -5.34 3.11
CA SER A 19 -3.46 -6.22 2.32
C SER A 19 -4.25 -6.78 1.14
N LEU A 20 -5.56 -6.94 1.33
CA LEU A 20 -6.42 -7.50 0.29
C LEU A 20 -6.79 -6.46 -0.75
N ASP A 21 -7.05 -5.22 -0.33
CA ASP A 21 -7.38 -4.16 -1.28
C ASP A 21 -6.17 -3.79 -2.16
N ILE A 22 -4.99 -3.70 -1.57
CA ILE A 22 -3.80 -3.42 -2.35
C ILE A 22 -3.58 -4.50 -3.41
N ASN A 23 -3.84 -5.75 -3.03
CA ASN A 23 -3.64 -6.85 -3.96
C ASN A 23 -4.65 -6.79 -5.12
N LYS A 24 -5.83 -6.24 -4.84
CA LYS A 24 -6.84 -6.01 -5.86
C LYS A 24 -6.37 -5.02 -6.92
N LEU A 25 -5.50 -4.11 -6.51
CA LEU A 25 -5.08 -3.01 -7.36
C LEU A 25 -4.13 -3.45 -8.47
N PRO A 26 -4.33 -2.89 -9.67
CA PRO A 26 -3.48 -3.17 -10.83
C PRO A 26 -2.18 -2.37 -10.82
N GLY A 27 -1.27 -2.71 -11.73
CA GLY A 27 0.06 -2.10 -11.75
C GLY A 27 0.03 -0.59 -11.72
N GLU A 28 -0.81 0.00 -12.55
CA GLU A 28 -0.96 1.46 -12.65
C GLU A 28 -1.05 2.09 -11.27
N LYS A 29 -2.03 1.65 -10.51
CA LYS A 29 -2.31 2.21 -9.20
C LYS A 29 -1.27 1.79 -8.18
N LEU A 30 -0.64 0.64 -8.41
CA LEU A 30 0.41 0.17 -7.51
C LEU A 30 1.59 1.15 -7.50
N GLY A 31 1.72 1.90 -8.59
CA GLY A 31 2.72 2.95 -8.66
C GLY A 31 2.49 4.02 -7.61
N ARG A 32 1.22 4.33 -7.34
CA ARG A 32 0.86 5.29 -6.32
C ARG A 32 1.00 4.68 -4.93
N VAL A 33 0.59 3.42 -4.80
CA VAL A 33 0.68 2.71 -3.53
C VAL A 33 2.12 2.67 -3.03
N VAL A 34 3.02 2.19 -3.88
CA VAL A 34 4.42 2.08 -3.52
C VAL A 34 5.02 3.47 -3.28
N HIS A 35 4.48 4.46 -3.98
CA HIS A 35 4.90 5.84 -3.80
C HIS A 35 4.56 6.29 -2.39
N ILE A 36 3.35 5.98 -1.94
CA ILE A 36 2.88 6.35 -0.62
C ILE A 36 3.72 5.68 0.46
N ILE A 37 3.93 4.38 0.30
CA ILE A 37 4.69 3.61 1.28
C ILE A 37 6.12 4.13 1.38
N GLN A 38 6.84 4.09 0.26
CA GLN A 38 8.25 4.45 0.26
C GLN A 38 8.47 5.92 0.67
N SER A 39 7.51 6.78 0.35
CA SER A 39 7.62 8.19 0.71
C SER A 39 7.47 8.38 2.23
N ARG A 40 6.41 7.81 2.79
CA ARG A 40 6.18 7.92 4.23
C ARG A 40 7.22 7.14 5.01
N GLU A 41 7.70 6.06 4.42
CA GLU A 41 8.66 5.20 5.08
C GLU A 41 9.99 5.20 4.31
N PRO A 42 10.84 6.21 4.50
CA PRO A 42 12.12 6.32 3.77
C PRO A 42 13.07 5.17 4.07
N SER A 43 12.84 4.46 5.17
CA SER A 43 13.66 3.30 5.52
C SER A 43 13.38 2.16 4.55
N LEU A 44 12.17 2.14 4.01
CA LEU A 44 11.76 1.07 3.11
C LEU A 44 12.17 1.38 1.67
N LYS A 45 13.17 2.21 1.52
CA LYS A 45 13.67 2.59 0.20
C LYS A 45 14.41 1.44 -0.44
N ASN A 46 14.72 0.41 0.35
CA ASN A 46 15.48 -0.74 -0.12
C ASN A 46 14.54 -1.77 -0.75
N SER A 47 13.26 -1.41 -0.86
CA SER A 47 12.26 -2.28 -1.47
C SER A 47 12.53 -2.47 -2.96
N ASN A 48 13.04 -3.63 -3.35
CA ASN A 48 13.21 -3.98 -4.76
C ASN A 48 11.85 -3.95 -5.45
N PRO A 49 11.72 -3.14 -6.51
CA PRO A 49 10.48 -3.04 -7.30
C PRO A 49 10.03 -4.39 -7.86
N ASP A 50 10.94 -5.35 -7.82
CA ASP A 50 10.67 -6.69 -8.32
C ASP A 50 10.00 -7.54 -7.25
N GLU A 51 10.35 -7.32 -5.99
CA GLU A 51 9.80 -8.10 -4.88
C GLU A 51 9.45 -7.20 -3.70
N ILE A 52 8.44 -6.35 -3.88
CA ILE A 52 8.10 -5.40 -2.83
C ILE A 52 7.31 -6.06 -1.71
N GLU A 53 7.85 -5.96 -0.50
CA GLU A 53 7.19 -6.51 0.68
C GLU A 53 6.53 -5.39 1.46
N ILE A 54 5.23 -5.48 1.67
CA ILE A 54 4.53 -4.51 2.50
C ILE A 54 4.46 -5.02 3.94
N ASP A 55 5.20 -4.39 4.83
CA ASP A 55 5.15 -4.72 6.24
C ASP A 55 4.40 -3.64 7.01
N PHE A 56 3.11 -3.90 7.22
CA PHE A 56 2.20 -2.95 7.85
C PHE A 56 2.55 -2.70 9.32
N GLU A 57 3.52 -3.44 9.84
CA GLU A 57 3.89 -3.33 11.23
C GLU A 57 4.82 -2.15 11.45
N THR A 58 5.58 -1.79 10.43
CA THR A 58 6.45 -0.61 10.51
C THR A 58 5.71 0.59 9.95
N LEU A 59 4.71 0.32 9.11
CA LEU A 59 3.90 1.37 8.52
C LEU A 59 3.19 2.19 9.59
N LYS A 60 3.31 3.50 9.45
CA LYS A 60 2.70 4.43 10.41
C LYS A 60 1.22 4.64 10.07
N PRO A 61 0.38 5.00 11.06
CA PRO A 61 -1.06 5.21 10.82
C PRO A 61 -1.34 6.08 9.59
N SER A 62 -0.58 7.17 9.45
CA SER A 62 -0.71 8.06 8.29
C SER A 62 -0.63 7.28 6.98
N THR A 63 0.42 6.47 6.84
CA THR A 63 0.63 5.67 5.65
C THR A 63 -0.52 4.70 5.45
N LEU A 64 -0.91 4.04 6.52
CA LEU A 64 -2.00 3.09 6.49
C LEU A 64 -3.30 3.76 6.07
N ARG A 65 -3.50 5.00 6.51
CA ARG A 65 -4.68 5.77 6.13
C ARG A 65 -4.61 6.19 4.67
N GLU A 66 -3.48 6.77 4.27
CA GLU A 66 -3.31 7.23 2.90
C GLU A 66 -3.48 6.07 1.92
N LEU A 67 -2.91 4.94 2.30
CA LEU A 67 -3.03 3.72 1.52
C LEU A 67 -4.49 3.28 1.42
N GLU A 68 -5.12 3.06 2.58
CA GLU A 68 -6.52 2.63 2.63
C GLU A 68 -7.41 3.59 1.85
N ARG A 69 -7.21 4.88 2.05
CA ARG A 69 -8.01 5.91 1.39
C ARG A 69 -7.86 5.83 -0.13
N TYR A 70 -6.65 5.50 -0.57
CA TYR A 70 -6.37 5.44 -1.99
C TYR A 70 -6.95 4.18 -2.62
N VAL A 71 -6.69 3.03 -1.99
CA VAL A 71 -7.11 1.76 -2.56
C VAL A 71 -8.64 1.69 -2.67
N THR A 72 -9.30 2.20 -1.64
CA THR A 72 -10.75 2.17 -1.58
C THR A 72 -11.36 3.02 -2.68
N SER A 73 -10.71 4.14 -3.01
CA SER A 73 -11.21 5.03 -4.04
C SER A 73 -11.18 4.35 -5.41
N CYS A 74 -10.30 3.36 -5.57
CA CYS A 74 -10.16 2.66 -6.82
C CYS A 74 -11.06 1.43 -6.85
N LEU A 75 -11.11 0.72 -5.74
CA LEU A 75 -11.74 -0.60 -5.70
C LEU A 75 -13.23 -0.55 -5.35
N ARG A 76 -13.60 0.34 -4.44
CA ARG A 76 -15.00 0.49 -4.08
C ARG A 76 -15.73 1.20 -5.22
N LYS A 77 -14.94 1.60 -6.21
CA LYS A 77 -15.44 2.12 -7.46
C LYS A 77 -15.38 1.01 -8.52
N LYS A 78 -14.24 0.34 -8.59
CA LYS A 78 -14.04 -0.76 -9.51
C LYS A 78 -12.97 -1.73 -8.96
N ARG A 79 -13.39 -2.91 -8.50
CA ARG A 79 -12.47 -3.88 -7.92
C ARG A 79 -11.46 -4.37 -8.97
N LYS A 80 -11.87 -4.29 -10.23
CA LYS A 80 -10.99 -4.56 -11.35
C LYS A 80 -11.22 -3.53 -12.44
N PRO A 81 -10.48 -2.41 -12.37
CA PRO A 81 -10.63 -1.29 -13.31
C PRO A 81 -10.55 -1.73 -14.77
N GLN A 82 -11.59 -1.41 -15.51
CA GLN A 82 -11.67 -1.77 -16.92
C GLN A 82 -12.67 -0.86 -17.62
N ALA A 83 -12.16 0.15 -18.31
CA ALA A 83 -13.01 1.07 -19.04
C ALA A 83 -12.66 1.04 -20.51
N ASN B 1 9.65 -12.34 14.02
CA ASN B 1 9.17 -11.69 12.79
C ASN B 1 7.93 -10.86 13.07
N LEU B 2 8.11 -9.54 13.16
CA LEU B 2 7.00 -8.63 13.39
C LEU B 2 6.24 -8.42 12.08
N GLN B 3 5.20 -9.21 11.87
CA GLN B 3 4.45 -9.18 10.63
C GLN B 3 3.00 -9.61 10.85
N SER B 4 2.07 -8.76 10.47
CA SER B 4 0.65 -9.07 10.52
C SER B 4 0.21 -9.71 9.22
N SER B 5 0.70 -9.16 8.13
CA SER B 5 0.44 -9.68 6.79
C SER B 5 1.42 -9.05 5.81
N ILE B 6 2.48 -9.77 5.48
CA ILE B 6 3.50 -9.23 4.58
C ILE B 6 3.14 -9.50 3.12
N VAL B 7 2.71 -8.44 2.45
CA VAL B 7 2.26 -8.53 1.08
C VAL B 7 3.41 -8.35 0.10
N LYS B 8 3.73 -9.41 -0.62
CA LYS B 8 4.74 -9.34 -1.65
C LYS B 8 4.08 -9.12 -3.00
N PHE B 9 4.32 -7.97 -3.61
CA PHE B 9 3.78 -7.72 -4.93
C PHE B 9 4.90 -7.33 -5.89
N LYS B 10 4.81 -7.85 -7.10
CA LYS B 10 5.74 -7.48 -8.16
C LYS B 10 5.17 -6.28 -8.90
N LYS B 11 5.92 -5.20 -8.95
CA LYS B 11 5.47 -4.01 -9.64
C LYS B 11 6.06 -3.97 -11.05
N PRO B 12 5.26 -4.34 -12.07
CA PRO B 12 5.72 -4.47 -13.45
C PRO B 12 6.43 -3.22 -13.97
N LEU B 13 7.74 -3.31 -14.08
CA LEU B 13 8.55 -2.19 -14.55
C LEU B 13 8.20 -1.82 -16.00
N PRO B 14 8.17 -2.79 -16.94
CA PRO B 14 7.78 -2.52 -18.33
C PRO B 14 6.26 -2.39 -18.49
N LEU B 15 5.71 -1.32 -17.93
CA LEU B 15 4.29 -1.03 -18.08
C LEU B 15 4.03 -0.43 -19.46
N THR B 16 3.79 -1.29 -20.43
CA THR B 16 3.59 -0.86 -21.80
C THR B 16 2.22 -0.20 -21.99
N GLN B 17 1.21 -0.77 -21.33
CA GLN B 17 -0.14 -0.24 -21.44
C GLN B 17 -0.74 -0.06 -20.05
N PRO B 18 -0.91 1.19 -19.61
CA PRO B 18 -1.52 1.51 -18.31
C PRO B 18 -3.04 1.36 -18.34
N GLY B 19 -3.50 0.15 -18.64
CA GLY B 19 -4.92 -0.10 -18.69
C GLY B 19 -5.24 -1.30 -19.56
N SER A 1 -0.67 16.80 15.45
CA SER A 1 -1.44 16.58 16.71
C SER A 1 -2.89 16.21 16.40
N GLU A 2 -3.42 16.77 15.33
CA GLU A 2 -4.81 16.53 14.96
C GLU A 2 -4.94 15.23 14.15
N GLU A 3 -3.87 14.86 13.47
CA GLU A 3 -3.87 13.68 12.60
C GLU A 3 -4.31 12.43 13.37
N GLU A 4 -3.77 12.24 14.56
CA GLU A 4 -4.07 11.05 15.35
C GLU A 4 -5.55 10.96 15.72
N ASP A 5 -6.26 12.09 15.67
CA ASP A 5 -7.67 12.11 16.01
C ASP A 5 -8.53 11.73 14.81
N LYS A 6 -7.94 11.83 13.63
CA LYS A 6 -8.65 11.46 12.41
C LYS A 6 -8.13 10.12 11.89
N CYS A 7 -6.84 9.90 12.06
CA CYS A 7 -6.20 8.68 11.63
C CYS A 7 -5.92 7.78 12.82
N LYS A 8 -6.80 6.83 13.04
CA LYS A 8 -6.63 5.86 14.11
C LYS A 8 -5.82 4.68 13.61
N PRO A 9 -4.97 4.13 14.47
CA PRO A 9 -4.08 3.02 14.12
C PRO A 9 -4.88 1.79 13.69
N MET A 10 -4.61 1.31 12.48
CA MET A 10 -5.34 0.20 11.91
C MET A 10 -5.13 -1.06 12.74
N SER A 11 -6.22 -1.71 13.09
CA SER A 11 -6.15 -2.97 13.82
C SER A 11 -6.09 -4.13 12.83
N TYR A 12 -5.97 -5.35 13.32
CA TYR A 12 -5.59 -6.48 12.48
C TYR A 12 -6.55 -6.69 11.30
N GLU A 13 -7.84 -6.81 11.57
CA GLU A 13 -8.85 -6.97 10.53
C GLU A 13 -8.69 -5.93 9.41
N GLU A 14 -8.40 -4.69 9.81
CA GLU A 14 -8.24 -3.60 8.87
C GLU A 14 -7.02 -3.82 8.00
N LYS A 15 -5.91 -4.15 8.64
CA LYS A 15 -4.66 -4.42 7.94
C LYS A 15 -4.83 -5.55 6.94
N ARG A 16 -5.57 -6.59 7.33
CA ARG A 16 -5.83 -7.70 6.43
C ARG A 16 -6.65 -7.23 5.23
N GLN A 17 -7.70 -6.47 5.50
CA GLN A 17 -8.54 -5.95 4.42
C GLN A 17 -7.72 -5.07 3.48
N LEU A 18 -6.92 -4.20 4.06
CA LEU A 18 -6.06 -3.30 3.31
C LEU A 18 -5.09 -4.08 2.43
N SER A 19 -4.43 -5.08 3.03
CA SER A 19 -3.47 -5.90 2.31
C SER A 19 -4.15 -6.63 1.15
N LEU A 20 -5.41 -6.98 1.34
CA LEU A 20 -6.18 -7.67 0.33
C LEU A 20 -6.62 -6.70 -0.77
N ASP A 21 -6.92 -5.47 -0.38
CA ASP A 21 -7.29 -4.43 -1.33
C ASP A 21 -6.11 -4.03 -2.20
N ILE A 22 -4.94 -3.89 -1.59
CA ILE A 22 -3.73 -3.58 -2.35
C ILE A 22 -3.44 -4.68 -3.38
N ASN A 23 -3.76 -5.92 -3.01
CA ASN A 23 -3.53 -7.05 -3.91
C ASN A 23 -4.56 -7.06 -5.04
N LYS A 24 -5.71 -6.46 -4.78
CA LYS A 24 -6.72 -6.26 -5.82
C LYS A 24 -6.21 -5.29 -6.88
N LEU A 25 -5.57 -4.23 -6.40
CA LEU A 25 -5.12 -3.13 -7.24
C LEU A 25 -4.16 -3.59 -8.34
N PRO A 26 -4.36 -3.08 -9.56
CA PRO A 26 -3.51 -3.39 -10.71
C PRO A 26 -2.22 -2.57 -10.73
N GLY A 27 -1.31 -2.89 -11.65
CA GLY A 27 0.01 -2.27 -11.69
C GLY A 27 -0.01 -0.76 -11.65
N GLU A 28 -0.88 -0.15 -12.47
CA GLU A 28 -0.99 1.31 -12.55
C GLU A 28 -1.11 1.93 -11.17
N LYS A 29 -2.12 1.52 -10.44
CA LYS A 29 -2.43 2.09 -9.14
C LYS A 29 -1.39 1.69 -8.10
N LEU A 30 -0.73 0.56 -8.35
CA LEU A 30 0.34 0.10 -7.47
C LEU A 30 1.49 1.10 -7.46
N GLY A 31 1.62 1.84 -8.56
CA GLY A 31 2.63 2.88 -8.64
C GLY A 31 2.39 3.98 -7.61
N ARG A 32 1.12 4.26 -7.33
CA ARG A 32 0.78 5.24 -6.32
C ARG A 32 0.92 4.65 -4.92
N VAL A 33 0.48 3.40 -4.77
CA VAL A 33 0.57 2.71 -3.48
C VAL A 33 2.01 2.69 -2.97
N VAL A 34 2.92 2.17 -3.78
CA VAL A 34 4.31 2.07 -3.39
C VAL A 34 4.91 3.47 -3.16
N HIS A 35 4.41 4.45 -3.91
CA HIS A 35 4.84 5.83 -3.77
C HIS A 35 4.46 6.36 -2.39
N ILE A 36 3.25 6.02 -1.96
CA ILE A 36 2.77 6.41 -0.65
C ILE A 36 3.62 5.76 0.43
N ILE A 37 3.88 4.48 0.27
CA ILE A 37 4.69 3.74 1.24
C ILE A 37 6.10 4.30 1.33
N GLN A 38 6.83 4.27 0.22
CA GLN A 38 8.23 4.65 0.22
C GLN A 38 8.44 6.11 0.63
N SER A 39 7.48 6.97 0.29
CA SER A 39 7.61 8.39 0.58
C SER A 39 7.27 8.70 2.04
N ARG A 40 6.38 7.94 2.64
CA ARG A 40 6.09 8.11 4.07
C ARG A 40 7.10 7.36 4.91
N GLU A 41 7.67 6.33 4.32
CA GLU A 41 8.66 5.52 5.00
C GLU A 41 10.00 5.60 4.26
N PRO A 42 10.80 6.66 4.50
CA PRO A 42 12.08 6.88 3.79
C PRO A 42 13.11 5.79 4.08
N SER A 43 12.89 5.00 5.13
CA SER A 43 13.76 3.90 5.45
C SER A 43 13.47 2.71 4.54
N LEU A 44 12.39 2.81 3.78
CA LEU A 44 12.01 1.77 2.84
C LEU A 44 12.21 2.26 1.41
N LYS A 45 13.16 3.16 1.21
CA LYS A 45 13.40 3.76 -0.09
C LYS A 45 14.24 2.82 -0.96
N ASN A 46 14.75 1.76 -0.35
CA ASN A 46 15.51 0.76 -1.08
C ASN A 46 14.66 -0.49 -1.31
N SER A 47 13.36 -0.29 -1.44
CA SER A 47 12.44 -1.38 -1.70
C SER A 47 12.57 -1.88 -3.13
N ASN A 48 13.11 -3.09 -3.31
CA ASN A 48 13.21 -3.71 -4.63
C ASN A 48 11.85 -3.70 -5.32
N PRO A 49 11.74 -3.02 -6.48
CA PRO A 49 10.51 -3.01 -7.28
C PRO A 49 10.18 -4.40 -7.78
N ASP A 50 11.16 -5.29 -7.65
CA ASP A 50 11.02 -6.66 -8.10
C ASP A 50 10.21 -7.49 -7.11
N GLU A 51 10.38 -7.24 -5.81
CA GLU A 51 9.71 -8.04 -4.79
C GLU A 51 9.31 -7.18 -3.59
N ILE A 52 8.47 -6.18 -3.84
CA ILE A 52 8.13 -5.21 -2.81
C ILE A 52 7.42 -5.85 -1.63
N GLU A 53 8.00 -5.67 -0.43
CA GLU A 53 7.44 -6.21 0.79
C GLU A 53 6.70 -5.11 1.54
N ILE A 54 5.40 -5.26 1.71
CA ILE A 54 4.64 -4.33 2.51
C ILE A 54 4.51 -4.86 3.93
N ASP A 55 5.24 -4.26 4.86
CA ASP A 55 5.15 -4.63 6.26
C ASP A 55 4.41 -3.55 7.04
N PHE A 56 3.12 -3.80 7.26
CA PHE A 56 2.24 -2.83 7.89
C PHE A 56 2.57 -2.59 9.36
N GLU A 57 3.50 -3.38 9.88
CA GLU A 57 3.90 -3.24 11.27
C GLU A 57 4.82 -2.04 11.44
N THR A 58 5.59 -1.72 10.42
CA THR A 58 6.48 -0.58 10.47
C THR A 58 5.78 0.65 9.89
N LEU A 59 4.78 0.41 9.05
CA LEU A 59 4.03 1.48 8.43
C LEU A 59 3.33 2.34 9.48
N LYS A 60 3.47 3.65 9.34
CA LYS A 60 2.85 4.58 10.26
C LYS A 60 1.35 4.67 9.97
N PRO A 61 0.52 5.01 10.98
CA PRO A 61 -0.90 5.23 10.79
C PRO A 61 -1.18 6.18 9.62
N SER A 62 -0.30 7.15 9.44
CA SER A 62 -0.38 8.10 8.33
C SER A 62 -0.41 7.34 7.00
N THR A 63 0.58 6.47 6.81
CA THR A 63 0.70 5.68 5.59
C THR A 63 -0.47 4.72 5.46
N LEU A 64 -0.76 4.02 6.54
CA LEU A 64 -1.86 3.05 6.58
C LEU A 64 -3.18 3.72 6.21
N ARG A 65 -3.35 4.97 6.62
CA ARG A 65 -4.55 5.73 6.34
C ARG A 65 -4.61 6.13 4.87
N GLU A 66 -3.53 6.73 4.38
CA GLU A 66 -3.47 7.19 3.00
C GLU A 66 -3.58 6.02 2.03
N LEU A 67 -2.90 4.92 2.36
CA LEU A 67 -2.98 3.70 1.57
C LEU A 67 -4.41 3.22 1.50
N GLU A 68 -5.03 3.01 2.67
CA GLU A 68 -6.41 2.54 2.74
C GLU A 68 -7.34 3.46 1.96
N ARG A 69 -7.21 4.77 2.18
CA ARG A 69 -8.04 5.75 1.51
C ARG A 69 -7.93 5.64 0.00
N TYR A 70 -6.72 5.37 -0.46
CA TYR A 70 -6.45 5.27 -1.88
C TYR A 70 -6.98 3.97 -2.48
N VAL A 71 -6.66 2.85 -1.84
CA VAL A 71 -7.03 1.54 -2.37
C VAL A 71 -8.55 1.40 -2.41
N THR A 72 -9.22 1.89 -1.37
CA THR A 72 -10.67 1.78 -1.28
C THR A 72 -11.35 2.60 -2.35
N SER A 73 -10.77 3.75 -2.67
CA SER A 73 -11.36 4.64 -3.67
C SER A 73 -11.30 4.03 -5.07
N CYS A 74 -10.34 3.11 -5.27
CA CYS A 74 -10.16 2.48 -6.56
C CYS A 74 -10.97 1.18 -6.66
N LEU A 75 -11.23 0.57 -5.50
CA LEU A 75 -11.83 -0.76 -5.46
C LEU A 75 -13.31 -0.72 -5.10
N ARG A 76 -13.67 0.06 -4.08
CA ARG A 76 -15.06 0.15 -3.66
C ARG A 76 -15.91 0.87 -4.69
N LYS A 77 -15.24 1.56 -5.59
CA LYS A 77 -15.90 2.24 -6.69
C LYS A 77 -16.22 1.25 -7.81
N LYS A 78 -15.61 0.08 -7.73
CA LYS A 78 -15.81 -0.95 -8.74
C LYS A 78 -15.72 -2.34 -8.11
N ARG A 79 -14.53 -2.94 -8.17
CA ARG A 79 -14.25 -4.25 -7.58
C ARG A 79 -12.86 -4.73 -8.00
N LYS A 80 -12.59 -4.61 -9.30
CA LYS A 80 -11.31 -5.02 -9.85
C LYS A 80 -11.04 -4.23 -11.13
N PRO A 81 -10.29 -3.14 -11.04
CA PRO A 81 -9.94 -2.32 -12.21
C PRO A 81 -8.92 -3.00 -13.10
N GLN A 82 -9.35 -3.41 -14.28
CA GLN A 82 -8.42 -3.99 -15.25
C GLN A 82 -7.79 -2.88 -16.07
N ALA A 83 -7.00 -2.06 -15.39
CA ALA A 83 -6.35 -0.92 -16.02
C ALA A 83 -5.08 -0.57 -15.27
N ASN B 1 0.24 -10.27 17.83
CA ASN B 1 -0.04 -9.31 16.71
C ASN B 1 1.25 -8.73 16.17
N LEU B 2 2.29 -9.55 16.10
CA LEU B 2 3.60 -9.09 15.64
C LEU B 2 3.78 -9.35 14.15
N GLN B 3 3.06 -10.33 13.64
CA GLN B 3 3.12 -10.66 12.23
C GLN B 3 1.76 -10.52 11.59
N SER B 4 1.54 -9.40 10.94
CA SER B 4 0.30 -9.15 10.24
C SER B 4 0.39 -9.65 8.80
N SER B 5 -0.58 -9.31 7.98
CA SER B 5 -0.59 -9.72 6.58
C SER B 5 0.45 -8.95 5.78
N ILE B 6 1.62 -9.56 5.62
CA ILE B 6 2.69 -8.95 4.85
C ILE B 6 2.48 -9.24 3.38
N VAL B 7 2.54 -8.19 2.55
CA VAL B 7 2.22 -8.31 1.13
C VAL B 7 3.46 -8.18 0.27
N LYS B 8 3.65 -9.11 -0.64
CA LYS B 8 4.76 -9.05 -1.57
C LYS B 8 4.23 -8.97 -3.00
N PHE B 9 4.53 -7.88 -3.68
CA PHE B 9 4.05 -7.70 -5.04
C PHE B 9 5.16 -7.23 -5.97
N LYS B 10 5.10 -7.70 -7.21
CA LYS B 10 6.02 -7.23 -8.25
C LYS B 10 5.41 -6.03 -8.93
N LYS B 11 6.18 -4.94 -9.04
CA LYS B 11 5.69 -3.76 -9.71
C LYS B 11 6.40 -3.57 -11.04
N PRO B 12 5.70 -3.81 -12.16
CA PRO B 12 6.25 -3.59 -13.50
C PRO B 12 6.55 -2.11 -13.74
N LEU B 13 7.76 -1.84 -14.23
CA LEU B 13 8.21 -0.47 -14.50
C LEU B 13 8.26 0.35 -13.22
N PRO B 14 9.42 0.30 -12.53
CA PRO B 14 9.61 0.99 -11.25
C PRO B 14 9.39 2.50 -11.36
N LEU B 15 10.18 3.14 -12.21
CA LEU B 15 10.07 4.56 -12.45
C LEU B 15 10.73 4.88 -13.79
N THR B 16 10.31 4.17 -14.82
CA THR B 16 10.89 4.34 -16.14
C THR B 16 10.30 5.56 -16.83
N GLN B 17 9.02 5.47 -17.17
CA GLN B 17 8.35 6.54 -17.90
C GLN B 17 6.89 6.64 -17.47
N PRO B 18 6.45 7.82 -17.02
CA PRO B 18 5.05 8.08 -16.72
C PRO B 18 4.23 8.30 -17.99
N GLY B 19 4.30 7.35 -18.90
CA GLY B 19 3.63 7.47 -20.17
C GLY B 19 3.66 6.16 -20.93
N SER A 1 -1.53 18.42 11.54
CA SER A 1 -1.63 17.45 12.64
C SER A 1 -3.06 16.92 12.78
N GLU A 2 -4.03 17.77 12.50
CA GLU A 2 -5.44 17.43 12.66
C GLU A 2 -5.81 16.20 11.85
N GLU A 3 -5.29 16.10 10.64
CA GLU A 3 -5.63 14.99 9.75
C GLU A 3 -4.97 13.70 10.21
N GLU A 4 -3.75 13.81 10.72
CA GLU A 4 -3.00 12.63 11.17
C GLU A 4 -3.52 12.16 12.53
N ASP A 5 -3.99 13.11 13.34
CA ASP A 5 -4.61 12.79 14.63
C ASP A 5 -5.96 12.12 14.41
N LYS A 6 -6.58 12.44 13.27
CA LYS A 6 -7.85 11.86 12.88
C LYS A 6 -7.64 10.42 12.41
N CYS A 7 -6.39 10.06 12.15
CA CYS A 7 -6.04 8.73 11.68
C CYS A 7 -5.72 7.81 12.86
N LYS A 8 -6.66 6.94 13.20
CA LYS A 8 -6.44 5.95 14.24
C LYS A 8 -5.77 4.71 13.65
N PRO A 9 -4.95 4.03 14.44
CA PRO A 9 -4.19 2.86 14.00
C PRO A 9 -5.09 1.71 13.57
N MET A 10 -4.82 1.18 12.39
CA MET A 10 -5.60 0.08 11.83
C MET A 10 -5.42 -1.18 12.66
N SER A 11 -6.52 -1.84 12.99
CA SER A 11 -6.48 -3.10 13.70
C SER A 11 -6.05 -4.22 12.76
N TYR A 12 -5.89 -5.44 13.26
CA TYR A 12 -5.37 -6.53 12.44
C TYR A 12 -6.28 -6.78 11.24
N GLU A 13 -7.59 -6.86 11.50
CA GLU A 13 -8.56 -7.10 10.45
C GLU A 13 -8.39 -6.07 9.34
N GLU A 14 -8.29 -4.82 9.76
CA GLU A 14 -8.19 -3.71 8.85
C GLU A 14 -6.92 -3.81 8.01
N LYS A 15 -5.81 -4.08 8.68
CA LYS A 15 -4.53 -4.28 8.01
C LYS A 15 -4.61 -5.43 7.01
N ARG A 16 -5.31 -6.49 7.39
CA ARG A 16 -5.54 -7.61 6.49
C ARG A 16 -6.36 -7.18 5.28
N GLN A 17 -7.37 -6.38 5.54
CA GLN A 17 -8.22 -5.90 4.47
C GLN A 17 -7.42 -5.01 3.52
N LEU A 18 -6.50 -4.25 4.10
CA LEU A 18 -5.63 -3.36 3.32
C LEU A 18 -4.63 -4.17 2.50
N SER A 19 -4.22 -5.31 3.01
CA SER A 19 -3.36 -6.19 2.24
C SER A 19 -4.14 -6.81 1.08
N LEU A 20 -5.46 -6.89 1.26
CA LEU A 20 -6.33 -7.49 0.26
C LEU A 20 -6.75 -6.47 -0.80
N ASP A 21 -7.01 -5.23 -0.38
CA ASP A 21 -7.35 -4.17 -1.33
C ASP A 21 -6.16 -3.82 -2.21
N ILE A 22 -4.98 -3.74 -1.62
CA ILE A 22 -3.76 -3.53 -2.40
C ILE A 22 -3.58 -4.66 -3.40
N ASN A 23 -3.90 -5.87 -2.98
CA ASN A 23 -3.75 -7.03 -3.84
C ASN A 23 -4.78 -6.98 -4.98
N LYS A 24 -5.93 -6.38 -4.71
CA LYS A 24 -6.93 -6.13 -5.74
C LYS A 24 -6.39 -5.17 -6.81
N LEU A 25 -5.64 -4.18 -6.35
CA LEU A 25 -5.17 -3.10 -7.20
C LEU A 25 -4.23 -3.58 -8.30
N PRO A 26 -4.45 -3.08 -9.53
CA PRO A 26 -3.60 -3.38 -10.68
C PRO A 26 -2.31 -2.56 -10.72
N GLY A 27 -1.43 -2.90 -11.66
CA GLY A 27 -0.10 -2.30 -11.71
C GLY A 27 -0.09 -0.78 -11.65
N GLU A 28 -0.94 -0.14 -12.45
CA GLU A 28 -1.01 1.31 -12.53
C GLU A 28 -1.08 1.94 -11.14
N LYS A 29 -2.02 1.46 -10.36
CA LYS A 29 -2.32 2.03 -9.07
C LYS A 29 -1.27 1.64 -8.04
N LEU A 30 -0.61 0.51 -8.28
CA LEU A 30 0.46 0.04 -7.40
C LEU A 30 1.58 1.06 -7.32
N GLY A 31 1.76 1.83 -8.39
CA GLY A 31 2.76 2.88 -8.40
C GLY A 31 2.49 3.92 -7.34
N ARG A 32 1.23 4.32 -7.22
CA ARG A 32 0.83 5.28 -6.20
C ARG A 32 0.95 4.67 -4.81
N VAL A 33 0.53 3.42 -4.68
CA VAL A 33 0.58 2.69 -3.40
C VAL A 33 2.00 2.63 -2.88
N VAL A 34 2.90 2.06 -3.68
CA VAL A 34 4.28 1.88 -3.28
C VAL A 34 4.95 3.24 -3.04
N HIS A 35 4.48 4.25 -3.75
CA HIS A 35 5.01 5.59 -3.61
C HIS A 35 4.61 6.17 -2.25
N ILE A 36 3.36 5.94 -1.85
CA ILE A 36 2.89 6.36 -0.54
C ILE A 36 3.68 5.65 0.55
N ILE A 37 3.95 4.37 0.34
CA ILE A 37 4.71 3.58 1.30
C ILE A 37 6.14 4.11 1.43
N GLN A 38 6.87 4.12 0.32
CA GLN A 38 8.29 4.51 0.34
C GLN A 38 8.47 5.97 0.74
N SER A 39 7.56 6.84 0.33
CA SER A 39 7.68 8.27 0.64
C SER A 39 7.41 8.54 2.11
N ARG A 40 6.38 7.90 2.66
CA ARG A 40 6.06 8.07 4.07
C ARG A 40 7.09 7.37 4.94
N GLU A 41 7.59 6.25 4.46
CA GLU A 41 8.57 5.48 5.20
C GLU A 41 9.90 5.44 4.46
N PRO A 42 10.78 6.45 4.66
CA PRO A 42 12.09 6.49 4.00
C PRO A 42 12.99 5.34 4.44
N SER A 43 12.64 4.69 5.55
CA SER A 43 13.39 3.55 6.04
C SER A 43 13.07 2.30 5.23
N LEU A 44 12.01 2.38 4.42
CA LEU A 44 11.61 1.25 3.58
C LEU A 44 12.11 1.43 2.16
N LYS A 45 13.20 2.18 2.01
CA LYS A 45 13.77 2.46 0.70
C LYS A 45 14.41 1.20 0.11
N ASN A 46 14.60 0.20 0.97
CA ASN A 46 15.21 -1.06 0.57
C ASN A 46 14.20 -1.99 -0.08
N SER A 47 13.04 -1.46 -0.41
CA SER A 47 12.01 -2.22 -1.11
C SER A 47 12.41 -2.44 -2.57
N ASN A 48 13.04 -3.58 -2.83
CA ASN A 48 13.43 -3.94 -4.19
C ASN A 48 12.19 -4.11 -5.05
N PRO A 49 12.06 -3.30 -6.12
CA PRO A 49 10.87 -3.26 -6.98
C PRO A 49 10.38 -4.62 -7.47
N ASP A 50 11.30 -5.55 -7.66
CA ASP A 50 10.94 -6.90 -8.13
C ASP A 50 10.28 -7.71 -7.03
N GLU A 51 10.64 -7.42 -5.78
CA GLU A 51 10.18 -8.19 -4.65
C GLU A 51 9.88 -7.25 -3.48
N ILE A 52 8.79 -6.51 -3.59
CA ILE A 52 8.45 -5.51 -2.58
C ILE A 52 7.64 -6.12 -1.44
N GLU A 53 8.11 -5.94 -0.22
CA GLU A 53 7.42 -6.44 0.95
C GLU A 53 6.70 -5.29 1.66
N ILE A 54 5.39 -5.34 1.73
CA ILE A 54 4.64 -4.37 2.50
C ILE A 54 4.48 -4.86 3.93
N ASP A 55 5.19 -4.23 4.85
CA ASP A 55 5.06 -4.54 6.25
C ASP A 55 4.34 -3.43 6.99
N PHE A 56 3.05 -3.66 7.22
CA PHE A 56 2.16 -2.67 7.80
C PHE A 56 2.51 -2.33 9.24
N GLU A 57 3.41 -3.11 9.83
CA GLU A 57 3.80 -2.90 11.21
C GLU A 57 4.76 -1.72 11.33
N THR A 58 5.54 -1.48 10.29
CA THR A 58 6.44 -0.34 10.30
C THR A 58 5.73 0.88 9.73
N LEU A 59 4.75 0.63 8.88
CA LEU A 59 3.95 1.70 8.29
C LEU A 59 3.24 2.49 9.38
N LYS A 60 3.42 3.81 9.36
CA LYS A 60 2.73 4.69 10.28
C LYS A 60 1.24 4.71 9.97
N PRO A 61 0.38 4.94 10.98
CA PRO A 61 -1.07 5.08 10.76
C PRO A 61 -1.39 6.02 9.60
N SER A 62 -0.58 7.05 9.44
CA SER A 62 -0.71 8.00 8.34
C SER A 62 -0.69 7.26 6.99
N THR A 63 0.38 6.50 6.77
CA THR A 63 0.55 5.72 5.55
C THR A 63 -0.59 4.75 5.37
N LEU A 64 -0.92 4.04 6.45
CA LEU A 64 -1.99 3.07 6.43
C LEU A 64 -3.32 3.73 6.03
N ARG A 65 -3.51 4.96 6.46
CA ARG A 65 -4.73 5.67 6.13
C ARG A 65 -4.70 6.17 4.69
N GLU A 66 -3.59 6.79 4.29
CA GLU A 66 -3.45 7.32 2.93
C GLU A 66 -3.58 6.20 1.92
N LEU A 67 -2.94 5.06 2.22
CA LEU A 67 -3.05 3.87 1.40
C LEU A 67 -4.50 3.41 1.30
N GLU A 68 -5.11 3.14 2.46
CA GLU A 68 -6.50 2.68 2.52
C GLU A 68 -7.44 3.63 1.78
N ARG A 69 -7.29 4.92 2.05
CA ARG A 69 -8.11 5.94 1.41
C ARG A 69 -7.96 5.88 -0.11
N TYR A 70 -6.75 5.59 -0.56
CA TYR A 70 -6.46 5.53 -1.97
C TYR A 70 -7.02 4.24 -2.60
N VAL A 71 -6.77 3.11 -1.96
CA VAL A 71 -7.18 1.81 -2.51
C VAL A 71 -8.70 1.75 -2.61
N THR A 72 -9.37 2.26 -1.59
CA THR A 72 -10.82 2.24 -1.57
C THR A 72 -11.37 3.17 -2.64
N SER A 73 -10.63 4.23 -2.93
CA SER A 73 -10.98 5.15 -4.01
C SER A 73 -11.04 4.41 -5.34
N CYS A 74 -10.18 3.40 -5.51
CA CYS A 74 -10.10 2.70 -6.77
C CYS A 74 -11.03 1.50 -6.80
N LEU A 75 -11.16 0.84 -5.66
CA LEU A 75 -11.86 -0.44 -5.58
C LEU A 75 -13.33 -0.30 -5.21
N ARG A 76 -13.66 0.73 -4.44
CA ARG A 76 -15.06 1.00 -4.13
C ARG A 76 -15.73 1.63 -5.34
N LYS A 77 -14.91 2.11 -6.26
CA LYS A 77 -15.38 2.59 -7.55
C LYS A 77 -15.43 1.41 -8.52
N LYS A 78 -14.29 0.77 -8.70
CA LYS A 78 -14.17 -0.39 -9.58
C LYS A 78 -13.49 -1.52 -8.85
N ARG A 79 -14.27 -2.48 -8.38
CA ARG A 79 -13.74 -3.62 -7.67
C ARG A 79 -12.92 -4.51 -8.62
N LYS A 80 -11.62 -4.61 -8.33
CA LYS A 80 -10.70 -5.38 -9.16
C LYS A 80 -10.74 -4.85 -10.60
N PRO A 81 -10.23 -3.64 -10.83
CA PRO A 81 -10.36 -2.92 -12.11
C PRO A 81 -9.79 -3.71 -13.28
N GLN A 82 -10.61 -3.89 -14.30
CA GLN A 82 -10.18 -4.52 -15.54
C GLN A 82 -9.81 -3.45 -16.55
N ALA A 83 -9.18 -3.84 -17.64
CA ALA A 83 -8.81 -2.90 -18.69
C ALA A 83 -10.05 -2.45 -19.45
N ASN B 1 8.87 -9.48 13.33
CA ASN B 1 8.54 -8.95 11.99
C ASN B 1 7.47 -9.81 11.31
N LEU B 2 7.68 -11.12 11.32
CA LEU B 2 6.75 -12.06 10.69
C LEU B 2 5.57 -12.35 11.61
N GLN B 3 4.66 -11.39 11.73
CA GLN B 3 3.51 -11.55 12.61
C GLN B 3 2.25 -10.95 12.00
N SER B 4 2.32 -10.61 10.72
CA SER B 4 1.20 -9.96 10.07
C SER B 4 1.18 -10.27 8.58
N SER B 5 0.16 -9.78 7.89
CA SER B 5 0.02 -10.01 6.47
C SER B 5 1.03 -9.17 5.69
N ILE B 6 2.19 -9.75 5.42
CA ILE B 6 3.23 -9.08 4.65
C ILE B 6 2.99 -9.29 3.17
N VAL B 7 2.67 -8.21 2.47
CA VAL B 7 2.31 -8.29 1.07
C VAL B 7 3.54 -8.17 0.18
N LYS B 8 3.95 -9.30 -0.37
CA LYS B 8 5.03 -9.32 -1.34
C LYS B 8 4.45 -9.19 -2.74
N PHE B 9 4.56 -8.02 -3.34
CA PHE B 9 4.06 -7.84 -4.70
C PHE B 9 5.20 -7.50 -5.63
N LYS B 10 5.04 -7.87 -6.89
CA LYS B 10 6.06 -7.65 -7.88
C LYS B 10 5.69 -6.47 -8.77
N LYS B 11 6.36 -5.36 -8.55
CA LYS B 11 6.09 -4.13 -9.31
C LYS B 11 6.67 -4.23 -10.71
N PRO B 12 5.81 -4.23 -11.74
CA PRO B 12 6.25 -4.33 -13.13
C PRO B 12 7.06 -3.11 -13.56
N LEU B 13 8.27 -3.35 -14.03
CA LEU B 13 9.12 -2.28 -14.52
C LEU B 13 9.43 -2.48 -16.00
N PRO B 14 8.48 -2.13 -16.88
CA PRO B 14 8.66 -2.28 -18.31
C PRO B 14 9.51 -1.16 -18.90
N LEU B 15 10.47 -1.52 -19.73
CA LEU B 15 11.31 -0.55 -20.39
C LEU B 15 10.68 -0.13 -21.71
N THR B 16 10.32 -1.13 -22.52
CA THR B 16 9.69 -0.89 -23.82
C THR B 16 10.67 -0.22 -24.80
N GLN B 17 11.03 -0.93 -25.86
CA GLN B 17 11.91 -0.40 -26.88
C GLN B 17 11.12 0.41 -27.88
N PRO B 18 11.28 1.74 -27.86
CA PRO B 18 10.52 2.65 -28.71
C PRO B 18 11.20 2.93 -30.05
N GLY B 19 12.27 2.18 -30.33
CA GLY B 19 12.99 2.37 -31.58
C GLY B 19 13.82 3.63 -31.56
N SER A 1 -0.62 12.72 19.59
CA SER A 1 -1.72 13.05 20.52
C SER A 1 -3.00 13.41 19.74
N GLU A 2 -2.89 14.29 18.75
CA GLU A 2 -4.06 14.70 17.97
C GLU A 2 -4.14 13.94 16.65
N GLU A 3 -2.99 13.50 16.14
CA GLU A 3 -2.91 12.89 14.81
C GLU A 3 -3.64 11.55 14.80
N GLU A 4 -3.40 10.73 15.81
CA GLU A 4 -4.00 9.40 15.88
C GLU A 4 -5.47 9.50 16.27
N ASP A 5 -5.87 10.65 16.76
CA ASP A 5 -7.28 10.86 17.10
C ASP A 5 -8.06 11.14 15.82
N LYS A 6 -7.42 11.84 14.89
CA LYS A 6 -8.02 12.13 13.60
C LYS A 6 -7.83 10.95 12.66
N CYS A 7 -6.62 10.41 12.63
CA CYS A 7 -6.30 9.24 11.86
C CYS A 7 -5.97 8.09 12.81
N LYS A 8 -6.96 7.24 13.05
CA LYS A 8 -6.81 6.20 14.07
C LYS A 8 -6.11 4.96 13.52
N PRO A 9 -5.15 4.47 14.31
CA PRO A 9 -4.34 3.29 13.99
C PRO A 9 -5.20 2.07 13.66
N MET A 10 -4.90 1.45 12.53
CA MET A 10 -5.68 0.32 12.03
C MET A 10 -5.56 -0.88 12.96
N SER A 11 -6.60 -1.68 13.03
CA SER A 11 -6.55 -2.94 13.74
C SER A 11 -6.00 -4.02 12.80
N TYR A 12 -5.73 -5.23 13.30
CA TYR A 12 -5.19 -6.29 12.45
C TYR A 12 -6.17 -6.59 11.31
N GLU A 13 -7.44 -6.72 11.69
CA GLU A 13 -8.52 -7.03 10.75
C GLU A 13 -8.54 -6.05 9.57
N GLU A 14 -8.47 -4.76 9.90
CA GLU A 14 -8.43 -3.72 8.89
C GLU A 14 -7.22 -3.87 7.98
N LYS A 15 -6.08 -4.15 8.58
CA LYS A 15 -4.85 -4.36 7.83
C LYS A 15 -4.98 -5.52 6.86
N ARG A 16 -5.65 -6.57 7.29
CA ARG A 16 -5.93 -7.71 6.42
C ARG A 16 -6.74 -7.26 5.22
N GLN A 17 -7.71 -6.40 5.45
CA GLN A 17 -8.53 -5.86 4.39
C GLN A 17 -7.69 -5.03 3.44
N LEU A 18 -6.75 -4.27 4.00
CA LEU A 18 -5.89 -3.39 3.22
C LEU A 18 -4.90 -4.22 2.40
N SER A 19 -4.37 -5.29 2.97
CA SER A 19 -3.50 -6.18 2.22
C SER A 19 -4.27 -6.79 1.05
N LEU A 20 -5.58 -6.95 1.22
CA LEU A 20 -6.42 -7.56 0.20
C LEU A 20 -6.76 -6.56 -0.91
N ASP A 21 -7.09 -5.32 -0.55
CA ASP A 21 -7.39 -4.29 -1.57
C ASP A 21 -6.15 -4.02 -2.43
N ILE A 22 -4.99 -3.95 -1.79
CA ILE A 22 -3.74 -3.72 -2.50
C ILE A 22 -3.49 -4.80 -3.53
N ASN A 23 -3.78 -6.04 -3.17
CA ASN A 23 -3.57 -7.16 -4.08
C ASN A 23 -4.60 -7.16 -5.20
N LYS A 24 -5.72 -6.50 -4.98
CA LYS A 24 -6.75 -6.38 -6.02
C LYS A 24 -6.44 -5.22 -6.94
N LEU A 25 -5.50 -4.38 -6.53
CA LEU A 25 -5.09 -3.23 -7.31
C LEU A 25 -4.08 -3.63 -8.38
N PRO A 26 -4.25 -3.10 -9.60
CA PRO A 26 -3.35 -3.36 -10.72
C PRO A 26 -2.07 -2.53 -10.67
N GLY A 27 -1.12 -2.82 -11.55
CA GLY A 27 0.18 -2.16 -11.53
C GLY A 27 0.09 -0.64 -11.52
N GLU A 28 -0.78 -0.09 -12.38
CA GLU A 28 -0.97 1.35 -12.50
C GLU A 28 -1.15 1.99 -11.13
N LYS A 29 -2.08 1.48 -10.36
CA LYS A 29 -2.38 2.03 -9.05
C LYS A 29 -1.32 1.65 -8.02
N LEU A 30 -0.69 0.50 -8.24
CA LEU A 30 0.37 0.04 -7.35
C LEU A 30 1.52 1.03 -7.29
N GLY A 31 1.73 1.75 -8.40
CA GLY A 31 2.75 2.78 -8.44
C GLY A 31 2.50 3.85 -7.41
N ARG A 32 1.23 4.23 -7.24
CA ARG A 32 0.86 5.22 -6.26
C ARG A 32 0.95 4.64 -4.85
N VAL A 33 0.49 3.41 -4.69
CA VAL A 33 0.53 2.72 -3.40
C VAL A 33 1.97 2.65 -2.87
N VAL A 34 2.86 2.10 -3.70
CA VAL A 34 4.25 1.93 -3.29
C VAL A 34 4.92 3.29 -3.11
N HIS A 35 4.45 4.29 -3.86
CA HIS A 35 4.96 5.65 -3.72
C HIS A 35 4.61 6.19 -2.34
N ILE A 36 3.38 5.93 -1.90
CA ILE A 36 2.94 6.37 -0.60
C ILE A 36 3.74 5.66 0.50
N ILE A 37 3.96 4.37 0.32
CA ILE A 37 4.70 3.58 1.29
C ILE A 37 6.14 4.06 1.41
N GLN A 38 6.90 3.97 0.32
CA GLN A 38 8.33 4.30 0.35
C GLN A 38 8.57 5.75 0.76
N SER A 39 7.71 6.66 0.32
CA SER A 39 7.89 8.08 0.61
C SER A 39 7.68 8.35 2.10
N ARG A 40 6.61 7.80 2.66
CA ARG A 40 6.33 7.96 4.08
C ARG A 40 7.35 7.22 4.92
N GLU A 41 7.80 6.09 4.42
CA GLU A 41 8.68 5.22 5.16
C GLU A 41 10.07 5.13 4.52
N PRO A 42 10.98 6.08 4.81
CA PRO A 42 12.36 6.01 4.30
C PRO A 42 13.12 4.82 4.89
N SER A 43 12.55 4.23 5.93
CA SER A 43 13.14 3.05 6.56
C SER A 43 12.81 1.80 5.74
N LEU A 44 11.99 1.97 4.71
CA LEU A 44 11.67 0.89 3.80
C LEU A 44 12.33 1.11 2.46
N LYS A 45 13.52 1.72 2.50
CA LYS A 45 14.27 2.02 1.28
C LYS A 45 14.77 0.74 0.63
N ASN A 46 14.78 -0.34 1.39
CA ASN A 46 15.20 -1.65 0.88
C ASN A 46 14.04 -2.40 0.25
N SER A 47 13.21 -1.68 -0.51
CA SER A 47 12.09 -2.29 -1.20
C SER A 47 12.44 -2.57 -2.66
N ASN A 48 13.02 -3.74 -2.90
CA ASN A 48 13.40 -4.14 -4.25
C ASN A 48 12.15 -4.39 -5.08
N PRO A 49 12.04 -3.69 -6.24
CA PRO A 49 10.84 -3.73 -7.09
C PRO A 49 10.42 -5.14 -7.52
N ASP A 50 11.36 -6.08 -7.49
CA ASP A 50 11.06 -7.46 -7.87
C ASP A 50 10.21 -8.14 -6.81
N GLU A 51 10.46 -7.80 -5.56
CA GLU A 51 9.80 -8.43 -4.43
C GLU A 51 9.57 -7.42 -3.32
N ILE A 52 8.58 -6.57 -3.50
CA ILE A 52 8.28 -5.54 -2.53
C ILE A 52 7.57 -6.12 -1.31
N GLU A 53 8.12 -5.85 -0.13
CA GLU A 53 7.56 -6.33 1.13
C GLU A 53 6.76 -5.22 1.79
N ILE A 54 5.54 -5.51 2.18
CA ILE A 54 4.74 -4.56 2.91
C ILE A 54 4.55 -5.03 4.35
N ASP A 55 5.21 -4.35 5.28
CA ASP A 55 5.05 -4.63 6.69
C ASP A 55 4.31 -3.50 7.38
N PHE A 56 3.04 -3.75 7.64
CA PHE A 56 2.11 -2.72 8.10
C PHE A 56 2.36 -2.32 9.54
N GLU A 57 3.14 -3.11 10.27
CA GLU A 57 3.40 -2.83 11.67
C GLU A 57 4.41 -1.70 11.84
N THR A 58 5.27 -1.51 10.84
CA THR A 58 6.19 -0.39 10.86
C THR A 58 5.57 0.81 10.18
N LEU A 59 4.61 0.52 9.29
CA LEU A 59 3.86 1.55 8.61
C LEU A 59 3.13 2.44 9.59
N LYS A 60 3.30 3.74 9.42
CA LYS A 60 2.69 4.72 10.30
C LYS A 60 1.19 4.79 10.00
N PRO A 61 0.36 5.08 11.02
CA PRO A 61 -1.07 5.31 10.81
C PRO A 61 -1.35 6.27 9.66
N SER A 62 -0.47 7.25 9.49
CA SER A 62 -0.56 8.17 8.36
C SER A 62 -0.54 7.40 7.05
N THR A 63 0.49 6.59 6.86
CA THR A 63 0.66 5.79 5.64
C THR A 63 -0.52 4.84 5.47
N LEU A 64 -0.87 4.14 6.54
CA LEU A 64 -1.97 3.19 6.50
C LEU A 64 -3.29 3.88 6.15
N ARG A 65 -3.45 5.10 6.65
CA ARG A 65 -4.64 5.90 6.36
C ARG A 65 -4.67 6.32 4.89
N GLU A 66 -3.54 6.84 4.41
CA GLU A 66 -3.43 7.30 3.04
C GLU A 66 -3.60 6.15 2.06
N LEU A 67 -2.94 5.03 2.35
CA LEU A 67 -3.06 3.83 1.55
C LEU A 67 -4.50 3.38 1.47
N GLU A 68 -5.12 3.16 2.65
CA GLU A 68 -6.50 2.69 2.72
C GLU A 68 -7.44 3.62 1.96
N ARG A 69 -7.25 4.92 2.14
CA ARG A 69 -8.08 5.91 1.47
C ARG A 69 -7.97 5.79 -0.06
N TYR A 70 -6.75 5.59 -0.52
CA TYR A 70 -6.48 5.53 -1.95
C TYR A 70 -7.02 4.24 -2.58
N VAL A 71 -6.74 3.12 -1.93
CA VAL A 71 -7.11 1.82 -2.49
C VAL A 71 -8.63 1.68 -2.58
N THR A 72 -9.33 2.19 -1.59
CA THR A 72 -10.77 2.10 -1.53
C THR A 72 -11.39 3.04 -2.55
N SER A 73 -10.72 4.15 -2.79
CA SER A 73 -11.17 5.11 -3.79
C SER A 73 -11.01 4.53 -5.19
N CYS A 74 -10.17 3.52 -5.32
CA CYS A 74 -9.98 2.88 -6.61
C CYS A 74 -10.96 1.71 -6.78
N LEU A 75 -10.93 0.78 -5.82
CA LEU A 75 -11.68 -0.46 -5.96
C LEU A 75 -13.18 -0.29 -5.66
N ARG A 76 -13.51 0.57 -4.71
CA ARG A 76 -14.90 0.73 -4.33
C ARG A 76 -15.62 1.68 -5.29
N LYS A 77 -14.84 2.29 -6.19
CA LYS A 77 -15.40 3.11 -7.25
C LYS A 77 -15.32 2.36 -8.58
N LYS A 78 -14.44 1.38 -8.64
CA LYS A 78 -14.25 0.56 -9.82
C LYS A 78 -13.62 -0.77 -9.43
N ARG A 79 -14.44 -1.81 -9.30
CA ARG A 79 -13.96 -3.10 -8.81
C ARG A 79 -12.99 -3.76 -9.78
N LYS A 80 -13.11 -3.43 -11.06
CA LYS A 80 -12.16 -3.89 -12.05
C LYS A 80 -11.51 -2.69 -12.74
N PRO A 81 -10.46 -2.12 -12.11
CA PRO A 81 -9.78 -0.93 -12.62
C PRO A 81 -9.07 -1.21 -13.95
N GLN A 82 -9.62 -0.66 -15.03
CA GLN A 82 -9.07 -0.84 -16.35
C GLN A 82 -8.09 0.28 -16.68
N ALA A 83 -6.86 -0.08 -17.01
CA ALA A 83 -5.86 0.90 -17.39
C ALA A 83 -5.81 1.04 -18.91
N ASN B 1 5.11 -16.99 13.61
CA ASN B 1 6.12 -15.96 13.93
C ASN B 1 6.27 -14.97 12.79
N LEU B 2 5.36 -14.01 12.72
CA LEU B 2 5.38 -13.02 11.66
C LEU B 2 4.78 -11.70 12.14
N GLN B 3 4.13 -11.74 13.30
CA GLN B 3 3.40 -10.59 13.87
C GLN B 3 2.15 -10.27 13.06
N SER B 4 2.34 -9.98 11.78
CA SER B 4 1.24 -9.70 10.88
C SER B 4 1.63 -10.09 9.47
N SER B 5 0.63 -10.48 8.69
CA SER B 5 0.83 -10.86 7.30
C SER B 5 1.61 -9.81 6.52
N ILE B 6 2.82 -10.19 6.06
CA ILE B 6 3.64 -9.31 5.26
C ILE B 6 3.42 -9.59 3.78
N VAL B 7 2.92 -8.59 3.08
CA VAL B 7 2.53 -8.76 1.68
C VAL B 7 3.72 -8.56 0.75
N LYS B 8 3.83 -9.43 -0.25
CA LYS B 8 4.84 -9.27 -1.28
C LYS B 8 4.15 -9.12 -2.63
N PHE B 9 4.57 -8.13 -3.41
CA PHE B 9 4.07 -8.00 -4.77
C PHE B 9 5.20 -7.61 -5.71
N LYS B 10 5.12 -8.13 -6.93
CA LYS B 10 6.12 -7.82 -7.94
C LYS B 10 5.67 -6.58 -8.72
N LYS B 11 6.59 -5.63 -8.88
CA LYS B 11 6.25 -4.36 -9.50
C LYS B 11 7.03 -4.17 -10.81
N PRO B 12 6.46 -4.61 -11.93
CA PRO B 12 7.07 -4.48 -13.26
C PRO B 12 6.81 -3.10 -13.87
N LEU B 13 6.88 -2.07 -13.04
CA LEU B 13 6.68 -0.70 -13.51
C LEU B 13 8.02 -0.07 -13.91
N PRO B 14 9.06 -0.08 -13.04
CA PRO B 14 10.39 0.39 -13.42
C PRO B 14 11.11 -0.64 -14.29
N LEU B 15 10.50 -1.80 -14.41
CA LEU B 15 11.06 -2.89 -15.19
C LEU B 15 10.08 -3.30 -16.28
N THR B 16 10.29 -2.81 -17.49
CA THR B 16 9.40 -3.11 -18.61
C THR B 16 9.77 -4.44 -19.26
N GLN B 17 10.26 -5.36 -18.44
CA GLN B 17 10.63 -6.69 -18.89
C GLN B 17 9.86 -7.73 -18.09
N PRO B 18 8.71 -8.18 -18.61
CA PRO B 18 7.86 -9.16 -17.94
C PRO B 18 8.43 -10.58 -18.00
N GLY B 19 7.90 -11.46 -17.18
CA GLY B 19 8.34 -12.84 -17.17
C GLY B 19 7.38 -13.74 -17.93
N SER A 1 2.06 14.57 16.89
CA SER A 1 1.43 13.53 17.73
C SER A 1 -0.06 13.46 17.47
N GLU A 2 -0.60 14.47 16.78
CA GLU A 2 -2.04 14.55 16.57
C GLU A 2 -2.47 13.78 15.33
N GLU A 3 -1.52 13.27 14.57
CA GLU A 3 -1.82 12.46 13.40
C GLU A 3 -2.59 11.21 13.82
N GLU A 4 -2.03 10.46 14.76
CA GLU A 4 -2.63 9.20 15.22
C GLU A 4 -3.89 9.45 16.05
N ASP A 5 -4.09 10.69 16.47
CA ASP A 5 -5.32 11.06 17.18
C ASP A 5 -6.48 11.06 16.21
N LYS A 6 -6.23 11.63 15.04
CA LYS A 6 -7.22 11.67 13.98
C LYS A 6 -7.22 10.35 13.20
N CYS A 7 -6.03 9.81 12.97
CA CYS A 7 -5.88 8.56 12.27
C CYS A 7 -5.60 7.44 13.26
N LYS A 8 -6.64 6.70 13.62
CA LYS A 8 -6.49 5.57 14.53
C LYS A 8 -5.73 4.45 13.85
N PRO A 9 -4.88 3.75 14.63
CA PRO A 9 -4.07 2.64 14.12
C PRO A 9 -4.95 1.52 13.60
N MET A 10 -4.63 1.03 12.41
CA MET A 10 -5.41 -0.01 11.76
C MET A 10 -5.32 -1.30 12.57
N SER A 11 -6.47 -1.86 12.92
CA SER A 11 -6.52 -3.13 13.64
C SER A 11 -6.15 -4.27 12.70
N TYR A 12 -6.03 -5.49 13.21
CA TYR A 12 -5.57 -6.60 12.39
C TYR A 12 -6.48 -6.80 11.18
N GLU A 13 -7.79 -6.88 11.43
CA GLU A 13 -8.76 -7.06 10.37
C GLU A 13 -8.62 -5.98 9.31
N GLU A 14 -8.43 -4.75 9.75
CA GLU A 14 -8.25 -3.62 8.86
C GLU A 14 -7.00 -3.78 8.02
N LYS A 15 -5.91 -4.15 8.69
CA LYS A 15 -4.63 -4.38 8.01
C LYS A 15 -4.76 -5.50 6.97
N ARG A 16 -5.46 -6.57 7.33
CA ARG A 16 -5.70 -7.66 6.41
C ARG A 16 -6.52 -7.19 5.21
N GLN A 17 -7.51 -6.35 5.49
CA GLN A 17 -8.33 -5.79 4.43
C GLN A 17 -7.46 -4.97 3.48
N LEU A 18 -6.54 -4.20 4.06
CA LEU A 18 -5.63 -3.36 3.28
C LEU A 18 -4.64 -4.19 2.47
N SER A 19 -4.24 -5.34 2.99
CA SER A 19 -3.39 -6.23 2.23
C SER A 19 -4.18 -6.82 1.07
N LEU A 20 -5.50 -6.90 1.24
CA LEU A 20 -6.37 -7.49 0.24
C LEU A 20 -6.78 -6.47 -0.82
N ASP A 21 -7.02 -5.23 -0.42
CA ASP A 21 -7.35 -4.18 -1.39
C ASP A 21 -6.14 -3.84 -2.24
N ILE A 22 -4.96 -3.79 -1.63
CA ILE A 22 -3.73 -3.57 -2.40
C ILE A 22 -3.53 -4.71 -3.40
N ASN A 23 -3.87 -5.92 -2.99
CA ASN A 23 -3.75 -7.07 -3.87
C ASN A 23 -4.75 -7.00 -5.02
N LYS A 24 -5.91 -6.42 -4.74
CA LYS A 24 -6.91 -6.16 -5.77
C LYS A 24 -6.36 -5.21 -6.82
N LEU A 25 -5.64 -4.21 -6.34
CA LEU A 25 -5.12 -3.14 -7.17
C LEU A 25 -4.12 -3.64 -8.19
N PRO A 26 -4.30 -3.20 -9.44
CA PRO A 26 -3.40 -3.54 -10.54
C PRO A 26 -2.14 -2.69 -10.58
N GLY A 27 -1.18 -3.05 -11.44
CA GLY A 27 0.12 -2.42 -11.46
C GLY A 27 0.09 -0.90 -11.50
N GLU A 28 -0.79 -0.34 -12.35
CA GLU A 28 -0.89 1.11 -12.52
C GLU A 28 -1.03 1.82 -11.18
N LYS A 29 -2.06 1.43 -10.45
CA LYS A 29 -2.40 2.04 -9.19
C LYS A 29 -1.38 1.66 -8.11
N LEU A 30 -0.74 0.52 -8.30
CA LEU A 30 0.29 0.07 -7.38
C LEU A 30 1.47 1.04 -7.41
N GLY A 31 1.61 1.76 -8.52
CA GLY A 31 2.62 2.80 -8.63
C GLY A 31 2.38 3.92 -7.63
N ARG A 32 1.12 4.22 -7.34
CA ARG A 32 0.78 5.22 -6.35
C ARG A 32 0.93 4.66 -4.95
N VAL A 33 0.53 3.40 -4.78
CA VAL A 33 0.63 2.73 -3.49
C VAL A 33 2.07 2.69 -3.00
N VAL A 34 2.96 2.18 -3.85
CA VAL A 34 4.38 2.09 -3.50
C VAL A 34 4.96 3.48 -3.24
N HIS A 35 4.43 4.47 -3.95
CA HIS A 35 4.87 5.84 -3.79
C HIS A 35 4.49 6.35 -2.40
N ILE A 36 3.28 6.05 -1.97
CA ILE A 36 2.80 6.48 -0.67
C ILE A 36 3.63 5.83 0.44
N ILE A 37 3.84 4.52 0.30
CA ILE A 37 4.60 3.77 1.29
C ILE A 37 6.02 4.33 1.43
N GLN A 38 6.81 4.20 0.37
CA GLN A 38 8.21 4.62 0.40
C GLN A 38 8.38 6.11 0.74
N SER A 39 7.45 6.94 0.32
CA SER A 39 7.56 8.38 0.58
C SER A 39 7.25 8.70 2.04
N ARG A 40 6.45 7.87 2.69
CA ARG A 40 6.19 8.03 4.12
C ARG A 40 7.21 7.24 4.92
N GLU A 41 7.73 6.18 4.33
CA GLU A 41 8.68 5.32 5.00
C GLU A 41 10.03 5.26 4.28
N PRO A 42 10.95 6.20 4.58
CA PRO A 42 12.32 6.14 4.03
C PRO A 42 13.10 4.94 4.56
N SER A 43 12.54 4.29 5.58
CA SER A 43 13.13 3.10 6.14
C SER A 43 12.72 1.86 5.37
N LEU A 44 11.99 2.07 4.27
CA LEU A 44 11.57 0.98 3.41
C LEU A 44 12.17 1.15 2.03
N LYS A 45 13.46 1.41 1.98
CA LYS A 45 14.14 1.59 0.70
C LYS A 45 14.69 0.26 0.21
N ASN A 46 14.53 -0.75 1.04
CA ASN A 46 14.88 -2.12 0.70
C ASN A 46 13.81 -2.73 -0.21
N SER A 47 12.66 -2.07 -0.27
CA SER A 47 11.59 -2.51 -1.16
C SER A 47 11.87 -2.11 -2.59
N ASN A 48 12.62 -2.98 -3.28
CA ASN A 48 12.92 -2.78 -4.68
C ASN A 48 11.66 -3.03 -5.49
N PRO A 49 11.32 -2.09 -6.38
CA PRO A 49 10.07 -2.10 -7.17
C PRO A 49 9.74 -3.43 -7.84
N ASP A 50 10.75 -4.24 -8.11
CA ASP A 50 10.53 -5.54 -8.76
C ASP A 50 10.08 -6.60 -7.76
N GLU A 51 10.41 -6.39 -6.48
CA GLU A 51 10.04 -7.33 -5.43
C GLU A 51 9.72 -6.57 -4.15
N ILE A 52 8.53 -6.00 -4.10
CA ILE A 52 8.12 -5.15 -2.98
C ILE A 52 7.42 -5.94 -1.88
N GLU A 53 7.88 -5.76 -0.64
CA GLU A 53 7.24 -6.34 0.52
C GLU A 53 6.45 -5.26 1.26
N ILE A 54 5.26 -5.59 1.72
CA ILE A 54 4.50 -4.67 2.54
C ILE A 54 4.38 -5.21 3.97
N ASP A 55 5.07 -4.58 4.90
CA ASP A 55 4.96 -4.93 6.29
C ASP A 55 4.30 -3.80 7.07
N PHE A 56 3.00 -3.97 7.31
CA PHE A 56 2.17 -2.94 7.91
C PHE A 56 2.56 -2.66 9.36
N GLU A 57 3.39 -3.53 9.92
CA GLU A 57 3.79 -3.40 11.31
C GLU A 57 4.78 -2.25 11.49
N THR A 58 5.52 -1.94 10.43
CA THR A 58 6.43 -0.81 10.48
C THR A 58 5.75 0.42 9.93
N LEU A 59 4.76 0.20 9.06
CA LEU A 59 3.99 1.29 8.48
C LEU A 59 3.30 2.10 9.55
N LYS A 60 3.42 3.41 9.44
CA LYS A 60 2.82 4.33 10.40
C LYS A 60 1.34 4.54 10.07
N PRO A 61 0.50 4.81 11.08
CA PRO A 61 -0.93 5.08 10.89
C PRO A 61 -1.19 6.03 9.71
N SER A 62 -0.37 7.06 9.59
CA SER A 62 -0.47 8.03 8.51
C SER A 62 -0.47 7.31 7.15
N THR A 63 0.55 6.49 6.93
CA THR A 63 0.68 5.71 5.70
C THR A 63 -0.48 4.77 5.52
N LEU A 64 -0.81 4.03 6.57
CA LEU A 64 -1.89 3.08 6.54
C LEU A 64 -3.21 3.76 6.18
N ARG A 65 -3.36 5.00 6.65
CA ARG A 65 -4.57 5.77 6.40
C ARG A 65 -4.61 6.25 4.95
N GLU A 66 -3.49 6.79 4.47
CA GLU A 66 -3.39 7.29 3.10
C GLU A 66 -3.55 6.15 2.10
N LEU A 67 -2.90 5.03 2.39
CA LEU A 67 -3.01 3.84 1.57
C LEU A 67 -4.45 3.40 1.46
N GLU A 68 -5.09 3.17 2.60
CA GLU A 68 -6.48 2.71 2.63
C GLU A 68 -7.39 3.68 1.87
N ARG A 69 -7.19 4.98 2.09
CA ARG A 69 -8.00 6.00 1.44
C ARG A 69 -7.91 5.91 -0.08
N TYR A 70 -6.73 5.59 -0.57
CA TYR A 70 -6.49 5.51 -2.01
C TYR A 70 -7.00 4.20 -2.59
N VAL A 71 -6.70 3.09 -1.96
CA VAL A 71 -7.08 1.78 -2.50
C VAL A 71 -8.59 1.67 -2.60
N THR A 72 -9.28 2.16 -1.57
CA THR A 72 -10.72 2.09 -1.52
C THR A 72 -11.35 2.93 -2.61
N SER A 73 -10.73 4.07 -2.91
CA SER A 73 -11.25 4.96 -3.94
C SER A 73 -11.13 4.33 -5.32
N CYS A 74 -10.21 3.37 -5.48
CA CYS A 74 -10.01 2.73 -6.77
C CYS A 74 -10.88 1.47 -6.88
N LEU A 75 -11.15 0.84 -5.74
CA LEU A 75 -11.79 -0.47 -5.73
C LEU A 75 -13.27 -0.40 -5.40
N ARG A 76 -13.65 0.48 -4.51
CA ARG A 76 -15.05 0.57 -4.11
C ARG A 76 -15.86 1.37 -5.13
N LYS A 77 -15.16 1.87 -6.13
CA LYS A 77 -15.79 2.48 -7.27
C LYS A 77 -15.72 1.52 -8.46
N LYS A 78 -14.76 0.59 -8.37
CA LYS A 78 -14.54 -0.39 -9.43
C LYS A 78 -13.75 -1.57 -8.87
N ARG A 79 -14.45 -2.66 -8.55
CA ARG A 79 -13.84 -3.84 -7.94
C ARG A 79 -12.78 -4.46 -8.86
N LYS A 80 -12.92 -4.24 -10.15
CA LYS A 80 -11.95 -4.69 -11.13
C LYS A 80 -11.52 -3.52 -12.00
N PRO A 81 -10.51 -2.75 -11.55
CA PRO A 81 -10.02 -1.57 -12.27
C PRO A 81 -9.44 -1.90 -13.64
N GLN A 82 -10.27 -1.81 -14.67
CA GLN A 82 -9.81 -2.01 -16.03
C GLN A 82 -9.18 -0.73 -16.57
N ALA A 83 -9.49 0.37 -15.90
CA ALA A 83 -8.91 1.65 -16.21
C ALA A 83 -8.63 2.40 -14.91
N ASN B 1 5.64 -14.63 18.34
CA ASN B 1 4.53 -15.48 17.86
C ASN B 1 3.56 -14.68 17.00
N LEU B 2 3.99 -13.51 16.55
CA LEU B 2 3.15 -12.66 15.72
C LEU B 2 3.38 -12.99 14.26
N GLN B 3 2.31 -13.30 13.55
CA GLN B 3 2.38 -13.62 12.15
C GLN B 3 1.38 -12.78 11.36
N SER B 4 1.83 -11.64 10.88
CA SER B 4 0.99 -10.72 10.14
C SER B 4 1.00 -11.07 8.66
N SER B 5 -0.08 -10.73 7.97
CA SER B 5 -0.19 -10.98 6.54
C SER B 5 0.70 -10.01 5.76
N ILE B 6 1.94 -10.43 5.50
CA ILE B 6 2.87 -9.63 4.74
C ILE B 6 2.57 -9.76 3.26
N VAL B 7 2.54 -8.63 2.58
CA VAL B 7 2.20 -8.60 1.17
C VAL B 7 3.46 -8.60 0.32
N LYS B 8 3.39 -9.21 -0.84
CA LYS B 8 4.51 -9.25 -1.76
C LYS B 8 4.01 -9.04 -3.18
N PHE B 9 4.37 -7.92 -3.79
CA PHE B 9 3.94 -7.66 -5.15
C PHE B 9 5.11 -7.20 -6.01
N LYS B 10 5.17 -7.73 -7.22
CA LYS B 10 6.23 -7.39 -8.16
C LYS B 10 5.72 -6.36 -9.15
N LYS B 11 5.87 -5.09 -8.81
CA LYS B 11 5.28 -4.02 -9.60
C LYS B 11 5.92 -3.92 -10.98
N PRO B 12 5.10 -3.83 -12.04
CA PRO B 12 5.60 -3.62 -13.41
C PRO B 12 6.35 -2.30 -13.52
N LEU B 13 7.48 -2.35 -14.20
CA LEU B 13 8.31 -1.17 -14.44
C LEU B 13 7.63 -0.23 -15.43
N PRO B 14 7.80 1.08 -15.26
CA PRO B 14 7.26 2.08 -16.19
C PRO B 14 8.00 2.08 -17.52
N LEU B 15 7.75 1.07 -18.33
CA LEU B 15 8.45 0.91 -19.60
C LEU B 15 7.81 1.77 -20.70
N THR B 16 6.63 2.30 -20.42
CA THR B 16 5.94 3.16 -21.35
C THR B 16 6.01 4.62 -20.88
N GLN B 17 7.10 5.29 -21.24
CA GLN B 17 7.27 6.69 -20.92
C GLN B 17 7.75 7.46 -22.15
N PRO B 18 6.84 8.16 -22.82
CA PRO B 18 7.15 8.92 -24.05
C PRO B 18 8.28 9.91 -23.84
N GLY B 19 9.38 9.69 -24.56
CA GLY B 19 10.51 10.57 -24.46
C GLY B 19 11.64 10.10 -25.35
N SER A 1 -13.73 15.36 9.53
CA SER A 1 -12.48 16.11 9.79
C SER A 1 -11.69 15.50 10.93
N GLU A 2 -12.33 15.33 12.08
CA GLU A 2 -11.68 14.81 13.28
C GLU A 2 -10.98 13.47 13.01
N GLU A 3 -11.71 12.52 12.46
CA GLU A 3 -11.17 11.16 12.30
C GLU A 3 -10.26 11.08 11.08
N GLU A 4 -10.46 12.00 10.14
CA GLU A 4 -9.63 12.07 8.95
C GLU A 4 -8.24 12.60 9.29
N ASP A 5 -8.20 13.56 10.20
CA ASP A 5 -6.95 14.17 10.60
C ASP A 5 -6.21 13.32 11.63
N LYS A 6 -6.94 12.85 12.63
CA LYS A 6 -6.36 12.04 13.69
C LYS A 6 -5.89 10.69 13.16
N CYS A 7 -6.80 9.97 12.50
CA CYS A 7 -6.50 8.65 11.94
C CYS A 7 -6.20 7.63 13.05
N LYS A 8 -7.19 6.83 13.40
CA LYS A 8 -7.00 5.74 14.35
C LYS A 8 -6.13 4.65 13.71
N PRO A 9 -5.29 4.01 14.53
CA PRO A 9 -4.40 2.94 14.07
C PRO A 9 -5.20 1.70 13.66
N MET A 10 -4.88 1.19 12.47
CA MET A 10 -5.61 0.07 11.90
C MET A 10 -5.42 -1.20 12.73
N SER A 11 -6.50 -1.91 12.98
CA SER A 11 -6.45 -3.19 13.69
C SER A 11 -6.12 -4.31 12.71
N TYR A 12 -5.99 -5.55 13.20
CA TYR A 12 -5.57 -6.66 12.36
C TYR A 12 -6.52 -6.85 11.18
N GLU A 13 -7.83 -6.90 11.47
CA GLU A 13 -8.85 -7.08 10.45
C GLU A 13 -8.71 -6.03 9.35
N GLU A 14 -8.46 -4.79 9.76
CA GLU A 14 -8.29 -3.69 8.84
C GLU A 14 -7.02 -3.84 8.01
N LYS A 15 -5.93 -4.18 8.68
CA LYS A 15 -4.65 -4.39 8.01
C LYS A 15 -4.75 -5.54 7.01
N ARG A 16 -5.51 -6.58 7.36
CA ARG A 16 -5.74 -7.69 6.44
C ARG A 16 -6.53 -7.21 5.23
N GLN A 17 -7.53 -6.38 5.46
CA GLN A 17 -8.29 -5.83 4.36
C GLN A 17 -7.38 -5.01 3.44
N LEU A 18 -6.50 -4.23 4.05
CA LEU A 18 -5.60 -3.36 3.31
C LEU A 18 -4.56 -4.17 2.53
N SER A 19 -4.17 -5.32 3.06
CA SER A 19 -3.30 -6.20 2.31
C SER A 19 -4.05 -6.81 1.12
N LEU A 20 -5.37 -6.92 1.26
CA LEU A 20 -6.20 -7.50 0.22
C LEU A 20 -6.54 -6.48 -0.85
N ASP A 21 -6.94 -5.27 -0.45
CA ASP A 21 -7.25 -4.21 -1.41
C ASP A 21 -6.03 -3.87 -2.25
N ILE A 22 -4.86 -3.80 -1.63
CA ILE A 22 -3.62 -3.52 -2.35
C ILE A 22 -3.35 -4.62 -3.38
N ASN A 23 -3.57 -5.86 -2.99
CA ASN A 23 -3.29 -6.98 -3.88
C ASN A 23 -4.29 -7.03 -5.04
N LYS A 24 -5.48 -6.47 -4.82
CA LYS A 24 -6.51 -6.41 -5.86
C LYS A 24 -6.22 -5.27 -6.83
N LEU A 25 -5.39 -4.33 -6.39
CA LEU A 25 -5.04 -3.18 -7.19
C LEU A 25 -4.04 -3.55 -8.29
N PRO A 26 -4.25 -3.01 -9.49
CA PRO A 26 -3.37 -3.25 -10.64
C PRO A 26 -2.09 -2.41 -10.61
N GLY A 27 -1.17 -2.69 -11.53
CA GLY A 27 0.11 -2.00 -11.55
C GLY A 27 -0.02 -0.49 -11.55
N GLU A 28 -0.94 0.03 -12.36
CA GLU A 28 -1.19 1.47 -12.47
C GLU A 28 -1.33 2.11 -11.09
N LYS A 29 -2.23 1.57 -10.29
CA LYS A 29 -2.54 2.13 -8.99
C LYS A 29 -1.49 1.72 -7.96
N LEU A 30 -0.93 0.53 -8.13
CA LEU A 30 0.13 0.07 -7.24
C LEU A 30 1.34 0.98 -7.34
N GLY A 31 1.50 1.64 -8.49
CA GLY A 31 2.53 2.64 -8.65
C GLY A 31 2.38 3.76 -7.65
N ARG A 32 1.14 4.11 -7.32
CA ARG A 32 0.87 5.13 -6.32
C ARG A 32 1.02 4.55 -4.91
N VAL A 33 0.47 3.36 -4.70
CA VAL A 33 0.54 2.71 -3.41
C VAL A 33 1.98 2.57 -2.93
N VAL A 34 2.82 2.02 -3.80
CA VAL A 34 4.23 1.80 -3.47
C VAL A 34 4.94 3.13 -3.23
N HIS A 35 4.49 4.16 -3.94
CA HIS A 35 5.04 5.49 -3.80
C HIS A 35 4.69 6.07 -2.45
N ILE A 36 3.45 5.85 -2.03
CA ILE A 36 2.98 6.34 -0.75
C ILE A 36 3.74 5.67 0.38
N ILE A 37 3.94 4.36 0.25
CA ILE A 37 4.68 3.61 1.25
C ILE A 37 6.12 4.11 1.32
N GLN A 38 6.84 4.04 0.20
CA GLN A 38 8.26 4.40 0.18
C GLN A 38 8.50 5.86 0.56
N SER A 39 7.56 6.74 0.24
CA SER A 39 7.73 8.16 0.51
C SER A 39 7.48 8.46 1.99
N ARG A 40 6.39 7.94 2.55
CA ARG A 40 6.10 8.13 3.96
C ARG A 40 7.10 7.38 4.80
N GLU A 41 7.62 6.29 4.27
CA GLU A 41 8.58 5.48 4.97
C GLU A 41 9.94 5.53 4.28
N PRO A 42 10.76 6.56 4.55
CA PRO A 42 12.10 6.67 3.96
C PRO A 42 13.01 5.55 4.46
N SER A 43 12.59 4.90 5.53
CA SER A 43 13.30 3.77 6.08
C SER A 43 13.13 2.53 5.19
N LEU A 44 12.17 2.60 4.27
CA LEU A 44 11.91 1.52 3.35
C LEU A 44 12.32 1.92 1.94
N LYS A 45 13.28 2.84 1.85
CA LYS A 45 13.71 3.38 0.55
C LYS A 45 14.29 2.28 -0.34
N ASN A 46 14.93 1.29 0.26
CA ASN A 46 15.52 0.20 -0.50
C ASN A 46 14.51 -0.93 -0.72
N SER A 47 13.29 -0.56 -1.06
CA SER A 47 12.28 -1.54 -1.42
C SER A 47 12.54 -2.06 -2.83
N ASN A 48 13.31 -3.15 -2.93
CA ASN A 48 13.61 -3.78 -4.19
C ASN A 48 12.31 -4.06 -4.94
N PRO A 49 12.14 -3.43 -6.13
CA PRO A 49 10.89 -3.50 -6.89
C PRO A 49 10.43 -4.91 -7.20
N ASP A 50 11.39 -5.82 -7.33
CA ASP A 50 11.09 -7.21 -7.64
C ASP A 50 10.56 -7.95 -6.43
N GLU A 51 10.91 -7.47 -5.24
CA GLU A 51 10.52 -8.11 -3.99
C GLU A 51 10.14 -7.06 -2.95
N ILE A 52 8.99 -6.44 -3.13
CA ILE A 52 8.56 -5.39 -2.22
C ILE A 52 7.80 -5.96 -1.02
N GLU A 53 8.26 -5.62 0.17
CA GLU A 53 7.66 -6.11 1.41
C GLU A 53 6.86 -5.00 2.08
N ILE A 54 5.55 -5.20 2.22
CA ILE A 54 4.72 -4.27 2.98
C ILE A 54 4.59 -4.75 4.42
N ASP A 55 5.24 -4.03 5.34
CA ASP A 55 5.11 -4.32 6.76
C ASP A 55 4.34 -3.20 7.46
N PHE A 56 3.07 -3.47 7.71
CA PHE A 56 2.14 -2.48 8.26
C PHE A 56 2.50 -2.11 9.70
N GLU A 57 3.46 -2.79 10.29
CA GLU A 57 3.84 -2.54 11.67
C GLU A 57 4.77 -1.35 11.77
N THR A 58 5.54 -1.09 10.72
CA THR A 58 6.41 0.06 10.71
C THR A 58 5.69 1.24 10.06
N LEU A 59 4.71 0.91 9.21
CA LEU A 59 3.88 1.91 8.58
C LEU A 59 3.13 2.73 9.60
N LYS A 60 3.31 4.04 9.56
CA LYS A 60 2.61 4.95 10.45
C LYS A 60 1.13 5.00 10.07
N PRO A 61 0.21 5.21 11.04
CA PRO A 61 -1.21 5.37 10.75
C PRO A 61 -1.49 6.29 9.56
N SER A 62 -0.66 7.31 9.38
CA SER A 62 -0.82 8.24 8.25
C SER A 62 -0.69 7.48 6.93
N THR A 63 0.34 6.64 6.82
CA THR A 63 0.55 5.83 5.63
C THR A 63 -0.58 4.84 5.47
N LEU A 64 -0.91 4.14 6.55
CA LEU A 64 -1.99 3.16 6.55
C LEU A 64 -3.31 3.82 6.13
N ARG A 65 -3.51 5.05 6.57
CA ARG A 65 -4.71 5.79 6.24
C ARG A 65 -4.67 6.22 4.77
N GLU A 66 -3.56 6.81 4.35
CA GLU A 66 -3.38 7.26 2.97
C GLU A 66 -3.59 6.10 2.02
N LEU A 67 -2.94 5.00 2.33
CA LEU A 67 -3.05 3.78 1.55
C LEU A 67 -4.50 3.34 1.47
N GLU A 68 -5.13 3.10 2.63
CA GLU A 68 -6.53 2.67 2.67
C GLU A 68 -7.43 3.65 1.92
N ARG A 69 -7.26 4.93 2.19
CA ARG A 69 -8.06 5.98 1.57
C ARG A 69 -7.94 5.92 0.05
N TYR A 70 -6.75 5.59 -0.42
CA TYR A 70 -6.48 5.54 -1.85
C TYR A 70 -6.98 4.23 -2.47
N VAL A 71 -6.70 3.11 -1.83
CA VAL A 71 -7.06 1.81 -2.39
C VAL A 71 -8.57 1.66 -2.50
N THR A 72 -9.28 2.15 -1.50
CA THR A 72 -10.72 2.06 -1.47
C THR A 72 -11.33 3.00 -2.50
N SER A 73 -10.69 4.15 -2.71
CA SER A 73 -11.18 5.11 -3.69
C SER A 73 -11.03 4.53 -5.10
N CYS A 74 -10.18 3.51 -5.25
CA CYS A 74 -9.99 2.88 -6.53
C CYS A 74 -10.96 1.70 -6.69
N LEU A 75 -10.94 0.78 -5.74
CA LEU A 75 -11.71 -0.46 -5.86
C LEU A 75 -13.20 -0.25 -5.58
N ARG A 76 -13.52 0.71 -4.72
CA ARG A 76 -14.92 1.02 -4.44
C ARG A 76 -15.48 1.93 -5.52
N LYS A 77 -14.61 2.35 -6.43
CA LYS A 77 -15.00 3.13 -7.58
C LYS A 77 -15.10 2.22 -8.80
N LYS A 78 -14.13 1.34 -8.93
CA LYS A 78 -14.13 0.34 -9.98
C LYS A 78 -13.60 -0.98 -9.46
N ARG A 79 -14.49 -1.88 -9.11
CA ARG A 79 -14.10 -3.22 -8.72
C ARG A 79 -13.65 -3.99 -9.96
N LYS A 80 -12.42 -4.49 -9.93
CA LYS A 80 -11.80 -5.16 -11.08
C LYS A 80 -11.49 -4.15 -12.18
N PRO A 81 -10.18 -3.90 -12.43
CA PRO A 81 -9.74 -2.95 -13.47
C PRO A 81 -10.35 -3.27 -14.84
N GLN A 82 -10.80 -2.23 -15.54
CA GLN A 82 -11.37 -2.40 -16.86
C GLN A 82 -10.30 -2.33 -17.93
N ALA A 83 -10.02 -3.47 -18.55
CA ALA A 83 -9.03 -3.54 -19.61
C ALA A 83 -9.69 -3.37 -20.97
N ASN B 1 7.75 -11.73 14.64
CA ASN B 1 8.11 -10.66 15.62
C ASN B 1 7.04 -9.58 15.64
N LEU B 2 5.88 -9.91 16.21
CA LEU B 2 4.76 -8.96 16.32
C LEU B 2 4.38 -8.39 14.95
N GLN B 3 4.43 -9.23 13.94
CA GLN B 3 4.10 -8.80 12.59
C GLN B 3 2.67 -9.18 12.25
N SER B 4 1.86 -8.19 11.93
CA SER B 4 0.47 -8.42 11.55
C SER B 4 0.41 -9.21 10.24
N SER B 5 0.75 -8.56 9.15
CA SER B 5 0.81 -9.22 7.86
C SER B 5 1.92 -8.64 7.00
N ILE B 6 2.47 -9.44 6.11
CA ILE B 6 3.53 -9.02 5.21
C ILE B 6 3.13 -9.28 3.76
N VAL B 7 2.91 -8.20 3.02
CA VAL B 7 2.49 -8.30 1.63
C VAL B 7 3.68 -8.21 0.71
N LYS B 8 3.93 -9.27 -0.04
CA LYS B 8 5.04 -9.30 -0.97
C LYS B 8 4.51 -9.19 -2.39
N PHE B 9 4.36 -7.96 -2.89
CA PHE B 9 3.93 -7.79 -4.27
C PHE B 9 5.13 -7.47 -5.14
N LYS B 10 5.18 -8.07 -6.31
CA LYS B 10 6.31 -7.88 -7.20
C LYS B 10 5.96 -6.85 -8.25
N LYS B 11 6.69 -5.75 -8.25
CA LYS B 11 6.38 -4.62 -9.12
C LYS B 11 7.18 -4.72 -10.43
N PRO B 12 6.49 -4.88 -11.55
CA PRO B 12 7.13 -4.92 -12.86
C PRO B 12 7.28 -3.51 -13.46
N LEU B 13 8.51 -3.04 -13.53
CA LEU B 13 8.80 -1.72 -14.07
C LEU B 13 10.20 -1.69 -14.66
N PRO B 14 10.49 -0.74 -15.57
CA PRO B 14 11.83 -0.58 -16.14
C PRO B 14 12.89 -0.41 -15.06
N LEU B 15 12.85 0.71 -14.34
CA LEU B 15 13.77 0.98 -13.26
C LEU B 15 13.42 2.31 -12.59
N THR B 16 13.70 3.41 -13.28
CA THR B 16 13.45 4.73 -12.75
C THR B 16 12.56 5.54 -13.69
N GLN B 17 11.89 4.81 -14.59
CA GLN B 17 10.97 5.39 -15.57
C GLN B 17 11.74 6.21 -16.61
N PRO B 18 11.95 5.64 -17.81
CA PRO B 18 12.70 6.29 -18.88
C PRO B 18 11.87 7.36 -19.59
N GLY B 19 11.41 8.32 -18.82
CA GLY B 19 10.62 9.41 -19.37
C GLY B 19 11.36 10.72 -19.27
N SER A 1 0.05 17.40 11.64
CA SER A 1 0.10 16.70 12.94
C SER A 1 -1.26 16.12 13.32
N GLU A 2 -2.30 16.95 13.23
CA GLU A 2 -3.63 16.59 13.68
C GLU A 2 -4.19 15.38 12.93
N GLU A 3 -3.92 15.31 11.62
CA GLU A 3 -4.38 14.18 10.82
C GLU A 3 -3.72 12.89 11.29
N GLU A 4 -2.47 13.00 11.69
CA GLU A 4 -1.69 11.86 12.17
C GLU A 4 -2.27 11.32 13.47
N ASP A 5 -2.70 12.21 14.36
CA ASP A 5 -3.30 11.80 15.63
C ASP A 5 -4.73 11.33 15.41
N LYS A 6 -5.42 11.95 14.46
CA LYS A 6 -6.80 11.58 14.14
C LYS A 6 -6.88 10.14 13.66
N CYS A 7 -5.88 9.73 12.90
CA CYS A 7 -5.84 8.39 12.36
C CYS A 7 -5.34 7.39 13.40
N LYS A 8 -6.27 6.67 14.01
CA LYS A 8 -5.92 5.60 14.93
C LYS A 8 -5.31 4.44 14.17
N PRO A 9 -4.36 3.73 14.81
CA PRO A 9 -3.65 2.62 14.18
C PRO A 9 -4.59 1.50 13.76
N MET A 10 -4.51 1.13 12.48
CA MET A 10 -5.34 0.08 11.91
C MET A 10 -5.18 -1.23 12.69
N SER A 11 -6.29 -1.88 12.99
CA SER A 11 -6.24 -3.17 13.65
C SER A 11 -6.16 -4.27 12.59
N TYR A 12 -6.00 -5.53 13.00
CA TYR A 12 -5.59 -6.59 12.08
C TYR A 12 -6.53 -6.73 10.88
N GLU A 13 -7.83 -6.92 11.14
CA GLU A 13 -8.81 -7.07 10.08
C GLU A 13 -8.71 -5.94 9.05
N GLU A 14 -8.49 -4.73 9.53
CA GLU A 14 -8.37 -3.56 8.67
C GLU A 14 -7.12 -3.68 7.81
N LYS A 15 -6.01 -4.03 8.45
CA LYS A 15 -4.76 -4.25 7.74
C LYS A 15 -4.90 -5.33 6.69
N ARG A 16 -5.60 -6.41 7.04
CA ARG A 16 -5.85 -7.48 6.10
C ARG A 16 -6.68 -6.99 4.93
N GLN A 17 -7.75 -6.25 5.24
CA GLN A 17 -8.60 -5.69 4.20
C GLN A 17 -7.76 -4.82 3.28
N LEU A 18 -6.94 -3.99 3.88
CA LEU A 18 -6.04 -3.10 3.15
C LEU A 18 -5.08 -3.91 2.29
N SER A 19 -4.41 -4.89 2.89
CA SER A 19 -3.47 -5.75 2.18
C SER A 19 -4.16 -6.46 1.02
N LEU A 20 -5.42 -6.87 1.24
CA LEU A 20 -6.19 -7.53 0.21
C LEU A 20 -6.57 -6.57 -0.90
N ASP A 21 -6.92 -5.34 -0.52
CA ASP A 21 -7.27 -4.32 -1.50
C ASP A 21 -6.07 -3.91 -2.33
N ILE A 22 -4.90 -3.85 -1.71
CA ILE A 22 -3.67 -3.54 -2.43
C ILE A 22 -3.39 -4.61 -3.48
N ASN A 23 -3.62 -5.86 -3.12
CA ASN A 23 -3.37 -6.98 -4.03
C ASN A 23 -4.39 -7.00 -5.15
N LYS A 24 -5.60 -6.51 -4.85
CA LYS A 24 -6.63 -6.30 -5.86
C LYS A 24 -6.17 -5.28 -6.90
N LEU A 25 -5.48 -4.25 -6.42
CA LEU A 25 -5.05 -3.15 -7.26
C LEU A 25 -4.06 -3.59 -8.33
N PRO A 26 -4.19 -3.02 -9.52
CA PRO A 26 -3.31 -3.30 -10.65
C PRO A 26 -2.01 -2.50 -10.61
N GLY A 27 -1.08 -2.81 -11.51
CA GLY A 27 0.21 -2.14 -11.50
C GLY A 27 0.09 -0.63 -11.56
N GLU A 28 -0.86 -0.16 -12.36
CA GLU A 28 -1.13 1.27 -12.51
C GLU A 28 -1.23 1.97 -11.16
N LYS A 29 -2.18 1.50 -10.37
CA LYS A 29 -2.47 2.10 -9.07
C LYS A 29 -1.43 1.68 -8.04
N LEU A 30 -0.86 0.49 -8.21
CA LEU A 30 0.20 0.01 -7.33
C LEU A 30 1.40 0.95 -7.35
N GLY A 31 1.60 1.62 -8.48
CA GLY A 31 2.65 2.61 -8.58
C GLY A 31 2.47 3.72 -7.56
N ARG A 32 1.22 4.06 -7.28
CA ARG A 32 0.92 5.08 -6.30
C ARG A 32 0.99 4.51 -4.88
N VAL A 33 0.51 3.27 -4.73
CA VAL A 33 0.55 2.60 -3.43
C VAL A 33 1.97 2.54 -2.89
N VAL A 34 2.87 2.02 -3.72
CA VAL A 34 4.27 1.90 -3.32
C VAL A 34 4.89 3.28 -3.09
N HIS A 35 4.40 4.27 -3.82
CA HIS A 35 4.87 5.64 -3.67
C HIS A 35 4.46 6.18 -2.31
N ILE A 36 3.24 5.88 -1.90
CA ILE A 36 2.75 6.29 -0.60
C ILE A 36 3.59 5.66 0.50
N ILE A 37 3.90 4.37 0.34
CA ILE A 37 4.71 3.66 1.32
C ILE A 37 6.12 4.25 1.37
N GLN A 38 6.84 4.17 0.27
CA GLN A 38 8.25 4.56 0.25
C GLN A 38 8.46 6.04 0.62
N SER A 39 7.53 6.90 0.22
CA SER A 39 7.67 8.32 0.46
C SER A 39 7.43 8.66 1.93
N ARG A 40 6.49 7.99 2.56
CA ARG A 40 6.24 8.20 3.99
C ARG A 40 7.29 7.48 4.81
N GLU A 41 7.77 6.37 4.29
CA GLU A 41 8.72 5.54 5.01
C GLU A 41 10.06 5.44 4.26
N PRO A 42 10.99 6.40 4.47
CA PRO A 42 12.31 6.37 3.83
C PRO A 42 13.17 5.20 4.33
N SER A 43 12.70 4.53 5.37
CA SER A 43 13.38 3.38 5.91
C SER A 43 13.00 2.12 5.14
N LEU A 44 12.08 2.27 4.19
CA LEU A 44 11.67 1.19 3.31
C LEU A 44 12.09 1.52 1.88
N LYS A 45 13.16 2.27 1.77
CA LYS A 45 13.60 2.81 0.49
C LYS A 45 14.40 1.77 -0.30
N ASN A 46 14.74 0.67 0.37
CA ASN A 46 15.52 -0.39 -0.25
C ASN A 46 14.60 -1.54 -0.67
N SER A 47 13.34 -1.23 -0.89
CA SER A 47 12.39 -2.23 -1.34
C SER A 47 12.56 -2.48 -2.84
N ASN A 48 13.19 -3.61 -3.17
CA ASN A 48 13.42 -3.99 -4.56
C ASN A 48 12.10 -4.07 -5.30
N PRO A 49 11.93 -3.26 -6.36
CA PRO A 49 10.68 -3.17 -7.13
C PRO A 49 10.15 -4.52 -7.60
N ASP A 50 11.04 -5.49 -7.75
CA ASP A 50 10.67 -6.82 -8.22
C ASP A 50 10.01 -7.64 -7.11
N GLU A 51 10.37 -7.36 -5.88
CA GLU A 51 9.84 -8.08 -4.73
C GLU A 51 9.64 -7.12 -3.57
N ILE A 52 8.59 -6.33 -3.63
CA ILE A 52 8.32 -5.33 -2.62
C ILE A 52 7.50 -5.91 -1.47
N GLU A 53 7.96 -5.69 -0.24
CA GLU A 53 7.26 -6.18 0.93
C GLU A 53 6.63 -5.01 1.69
N ILE A 54 5.32 -5.08 1.89
CA ILE A 54 4.64 -4.07 2.67
C ILE A 54 4.51 -4.53 4.12
N ASP A 55 5.27 -3.92 5.02
CA ASP A 55 5.21 -4.26 6.43
C ASP A 55 4.44 -3.21 7.21
N PHE A 56 3.17 -3.52 7.46
CA PHE A 56 2.25 -2.60 8.12
C PHE A 56 2.56 -2.45 9.61
N GLU A 57 3.58 -3.14 10.07
CA GLU A 57 3.96 -3.10 11.47
C GLU A 57 4.88 -1.91 11.74
N THR A 58 5.53 -1.42 10.70
CA THR A 58 6.39 -0.26 10.83
C THR A 58 5.68 0.97 10.26
N LEU A 59 4.74 0.72 9.35
CA LEU A 59 4.00 1.79 8.71
C LEU A 59 3.28 2.67 9.72
N LYS A 60 3.43 3.98 9.53
CA LYS A 60 2.81 4.96 10.40
C LYS A 60 1.32 5.07 10.08
N PRO A 61 0.47 5.42 11.07
CA PRO A 61 -0.97 5.58 10.85
C PRO A 61 -1.31 6.40 9.60
N SER A 62 -0.56 7.47 9.38
CA SER A 62 -0.78 8.33 8.22
C SER A 62 -0.66 7.54 6.92
N THR A 63 0.40 6.74 6.81
CA THR A 63 0.63 5.92 5.64
C THR A 63 -0.50 4.90 5.51
N LEU A 64 -0.81 4.23 6.61
CA LEU A 64 -1.87 3.24 6.63
C LEU A 64 -3.19 3.85 6.19
N ARG A 65 -3.46 5.06 6.64
CA ARG A 65 -4.68 5.77 6.30
C ARG A 65 -4.70 6.14 4.82
N GLU A 66 -3.60 6.70 4.33
CA GLU A 66 -3.55 7.11 2.93
C GLU A 66 -3.57 5.92 2.00
N LEU A 67 -2.86 4.85 2.39
CA LEU A 67 -2.91 3.61 1.65
C LEU A 67 -4.34 3.12 1.56
N GLU A 68 -4.99 2.99 2.71
CA GLU A 68 -6.38 2.57 2.76
C GLU A 68 -7.26 3.52 1.93
N ARG A 69 -7.07 4.82 2.14
CA ARG A 69 -7.89 5.83 1.46
C ARG A 69 -7.67 5.79 -0.05
N TYR A 70 -6.50 5.36 -0.47
CA TYR A 70 -6.21 5.22 -1.89
C TYR A 70 -6.83 3.95 -2.46
N VAL A 71 -6.56 2.82 -1.81
CA VAL A 71 -6.97 1.54 -2.34
C VAL A 71 -8.50 1.41 -2.34
N THR A 72 -9.14 1.96 -1.32
CA THR A 72 -10.59 1.92 -1.23
C THR A 72 -11.21 2.86 -2.25
N SER A 73 -10.58 4.02 -2.45
CA SER A 73 -11.10 4.99 -3.41
C SER A 73 -11.09 4.39 -4.81
N CYS A 74 -10.23 3.41 -5.04
CA CYS A 74 -10.12 2.78 -6.35
C CYS A 74 -11.05 1.57 -6.43
N LEU A 75 -11.00 0.69 -5.44
CA LEU A 75 -11.72 -0.58 -5.50
C LEU A 75 -13.18 -0.45 -5.08
N ARG A 76 -13.49 0.59 -4.33
CA ARG A 76 -14.89 0.84 -3.96
C ARG A 76 -15.58 1.64 -5.06
N LYS A 77 -14.81 1.94 -6.10
CA LYS A 77 -15.36 2.49 -7.32
C LYS A 77 -15.37 1.40 -8.39
N LYS A 78 -14.32 0.59 -8.39
CA LYS A 78 -14.22 -0.54 -9.28
C LYS A 78 -13.34 -1.63 -8.66
N ARG A 79 -13.96 -2.61 -8.01
CA ARG A 79 -13.22 -3.70 -7.40
C ARG A 79 -12.64 -4.60 -8.49
N LYS A 80 -11.32 -4.78 -8.43
CA LYS A 80 -10.58 -5.51 -9.45
C LYS A 80 -10.76 -4.83 -10.81
N PRO A 81 -9.97 -3.76 -11.08
CA PRO A 81 -10.08 -2.98 -12.31
C PRO A 81 -9.80 -3.80 -13.57
N GLN A 82 -10.81 -4.53 -14.02
CA GLN A 82 -10.73 -5.29 -15.25
C GLN A 82 -11.79 -4.77 -16.22
N ALA A 83 -11.54 -4.94 -17.51
CA ALA A 83 -12.46 -4.46 -18.54
C ALA A 83 -12.35 -5.32 -19.79
N ASN B 1 0.14 -14.97 17.81
CA ASN B 1 -0.87 -15.10 16.73
C ASN B 1 -1.10 -13.78 16.01
N LEU B 2 -0.13 -12.88 16.11
CA LEU B 2 -0.24 -11.57 15.47
C LEU B 2 0.75 -11.43 14.31
N GLN B 3 1.11 -12.55 13.69
CA GLN B 3 1.92 -12.52 12.49
C GLN B 3 1.15 -11.82 11.38
N SER B 4 1.60 -10.63 11.02
CA SER B 4 0.88 -9.77 10.09
C SER B 4 0.98 -10.27 8.65
N SER B 5 -0.02 -9.93 7.85
CA SER B 5 -0.06 -10.35 6.46
C SER B 5 0.80 -9.41 5.61
N ILE B 6 2.08 -9.72 5.53
CA ILE B 6 3.02 -8.95 4.73
C ILE B 6 2.72 -9.15 3.25
N VAL B 7 2.58 -8.06 2.52
CA VAL B 7 2.29 -8.12 1.10
C VAL B 7 3.57 -8.11 0.29
N LYS B 8 3.89 -9.23 -0.31
CA LYS B 8 5.04 -9.34 -1.19
C LYS B 8 4.57 -9.23 -2.64
N PHE B 9 4.39 -8.01 -3.13
CA PHE B 9 3.88 -7.84 -4.48
C PHE B 9 5.02 -7.55 -5.45
N LYS B 10 4.76 -7.79 -6.72
CA LYS B 10 5.76 -7.61 -7.75
C LYS B 10 5.40 -6.43 -8.63
N LYS B 11 6.22 -5.39 -8.59
CA LYS B 11 5.99 -4.21 -9.41
C LYS B 11 6.74 -4.36 -10.74
N PRO B 12 6.05 -4.15 -11.86
CA PRO B 12 6.66 -4.26 -13.20
C PRO B 12 7.80 -3.27 -13.39
N LEU B 13 9.00 -3.80 -13.56
CA LEU B 13 10.18 -2.97 -13.76
C LEU B 13 10.23 -2.49 -15.21
N PRO B 14 10.49 -1.19 -15.43
CA PRO B 14 10.59 -0.63 -16.78
C PRO B 14 11.88 -1.04 -17.49
N LEU B 15 12.10 -2.35 -17.58
CA LEU B 15 13.24 -2.89 -18.27
C LEU B 15 12.80 -3.45 -19.63
N THR B 16 11.48 -3.55 -19.79
CA THR B 16 10.90 -4.02 -21.02
C THR B 16 9.49 -3.45 -21.17
N GLN B 17 9.07 -3.22 -22.40
CA GLN B 17 7.75 -2.69 -22.66
C GLN B 17 7.04 -3.49 -23.75
N PRO B 18 6.32 -4.55 -23.35
CA PRO B 18 5.52 -5.35 -24.27
C PRO B 18 4.28 -4.60 -24.74
N GLY B 19 3.77 -4.96 -25.91
CA GLY B 19 2.59 -4.31 -26.44
C GLY B 19 2.68 -4.15 -27.93
#